data_8U5L
#
_entry.id   8U5L
#
_cell.length_a   224.224
_cell.length_b   224.224
_cell.length_c   143.937
_cell.angle_alpha   90.00
_cell.angle_beta   90.00
_cell.angle_gamma   90.00
#
_symmetry.space_group_name_H-M   'P 42 21 2'
#
loop_
_entity.id
_entity.type
_entity.pdbx_description
1 polymer 'Capsid protein VP1'
2 polymer 'scFv fragment of the monoclonal antibody MAU868'
3 water water
#
loop_
_entity_poly.entity_id
_entity_poly.type
_entity_poly.pdbx_seq_one_letter_code
_entity_poly.pdbx_strand_id
1 'polypeptide(L)'
;GKGGVEVLEVKTGVDAITEVECFLNPEMGDPDENLRGFSLKLSAENDFSSDSPERKMLPCYSTARIPLPNLNEDLTCGNL
LMWEAVTVQTEVIGITSMLNLHAGSQKVHEHGGGKPIQGSNFHFFAVGGDPLEMQGVLMNYRTKYPEGTITPKNPTAQSQ
VMNTDHKAYLDKNNAYPVECWIPDPSRNENTRYFGTFTGGENVPPVLHVTNTATTVLLDEQGVGPLCKADSLYVSAADIC
GLFTNSSGTQQWRGLARYFKIRLRKRSVK
;
A,B,C,D,E
2 'polypeptide(L)'
;QVQLVESGGTLVQPGGSLRLSCAASGFTFNNYWMTWVRQAPGKGLEWVANIKKDGSEKYYVDSVRGRFTISRDNAKNSLF
LQMNSLRPEDTAVYFCATVRSGRYFALDDWGQGTLVTVSSGGGGSGGGGSGGGGSGGGGSQSVLTQPPSVSVAPGKTARI
TCGGDNIGSRPVHWYQQKPGQAPILVVYDDSNRPSGIPERFSGSNSGNTATLTISRVEAGDEADYYCQVWSSSTDHPFGG
GTKVTVLHHHHHH
;
F,H,J,K,N
#
# COMPACT_ATOMS: atom_id res chain seq x y z
N VAL A 5 -38.13 -2.57 26.77
CA VAL A 5 -39.29 -3.32 26.29
C VAL A 5 -38.96 -4.82 26.26
N GLU A 6 -39.93 -5.64 26.68
CA GLU A 6 -39.75 -7.09 26.68
C GLU A 6 -40.07 -7.66 25.31
N VAL A 7 -39.13 -8.42 24.75
CA VAL A 7 -39.25 -8.96 23.41
C VAL A 7 -39.87 -10.35 23.49
N LEU A 8 -40.93 -10.56 22.72
CA LEU A 8 -41.68 -11.81 22.69
C LEU A 8 -41.43 -12.53 21.36
N GLU A 9 -42.41 -13.29 20.89
CA GLU A 9 -42.20 -14.19 19.77
C GLU A 9 -42.26 -13.46 18.43
N VAL A 10 -41.68 -14.07 17.42
CA VAL A 10 -41.74 -13.57 16.06
C VAL A 10 -43.04 -14.02 15.42
N LYS A 11 -43.76 -13.09 14.80
CA LYS A 11 -44.96 -13.43 14.06
C LYS A 11 -44.58 -14.09 12.74
N THR A 12 -45.33 -15.11 12.34
CA THR A 12 -44.88 -16.04 11.31
C THR A 12 -45.74 -16.06 10.05
N GLY A 13 -46.73 -15.17 9.93
CA GLY A 13 -47.69 -15.36 8.86
C GLY A 13 -47.90 -14.23 7.87
N VAL A 14 -47.63 -14.52 6.59
CA VAL A 14 -48.05 -13.70 5.46
C VAL A 14 -47.42 -12.31 5.50
N ASP A 15 -48.19 -11.32 5.95
CA ASP A 15 -47.74 -9.93 5.99
C ASP A 15 -46.71 -9.66 7.07
N ALA A 16 -46.18 -10.68 7.74
CA ALA A 16 -45.25 -10.45 8.84
C ALA A 16 -43.93 -9.84 8.39
N ILE A 17 -43.57 -10.01 7.13
CA ILE A 17 -42.31 -9.50 6.59
C ILE A 17 -42.62 -8.28 5.71
N THR A 18 -41.74 -7.29 5.76
CA THR A 18 -41.82 -6.18 4.82
C THR A 18 -40.40 -5.74 4.45
N GLU A 19 -40.30 -5.00 3.35
CA GLU A 19 -39.02 -4.62 2.77
C GLU A 19 -39.11 -3.18 2.30
N VAL A 20 -38.17 -2.34 2.76
CA VAL A 20 -38.13 -0.94 2.42
C VAL A 20 -36.74 -0.58 1.90
N GLU A 21 -36.70 0.47 1.08
CA GLU A 21 -35.47 0.89 0.42
C GLU A 21 -35.45 2.41 0.31
N CYS A 22 -34.25 2.97 0.14
CA CYS A 22 -34.10 4.40 -0.12
C CYS A 22 -32.68 4.71 -0.56
N PHE A 23 -32.56 5.76 -1.37
CA PHE A 23 -31.27 6.36 -1.72
C PHE A 23 -31.05 7.58 -0.82
N LEU A 24 -29.89 7.63 -0.15
CA LEU A 24 -29.60 8.69 0.81
C LEU A 24 -28.53 9.62 0.22
N ASN A 25 -28.92 10.87 -0.03
CA ASN A 25 -28.02 11.82 -0.68
C ASN A 25 -26.87 12.18 0.26
N PRO A 26 -25.66 12.40 -0.29
CA PRO A 26 -24.57 12.91 0.55
C PRO A 26 -24.73 14.40 0.76
N GLU A 27 -24.18 14.87 1.88
CA GLU A 27 -24.21 16.28 2.25
C GLU A 27 -22.77 16.75 2.44
N MET A 28 -22.12 17.10 1.33
CA MET A 28 -20.71 17.49 1.35
C MET A 28 -20.51 18.99 1.51
N GLY A 29 -21.56 19.79 1.41
CA GLY A 29 -21.41 21.23 1.53
C GLY A 29 -22.16 21.98 0.44
N ASP A 30 -22.05 21.50 -0.80
CA ASP A 30 -22.74 22.05 -1.96
C ASP A 30 -22.43 23.53 -2.13
N PRO A 31 -21.23 23.89 -2.58
CA PRO A 31 -20.84 25.31 -2.56
C PRO A 31 -21.68 26.21 -3.46
N ASP A 32 -22.16 25.71 -4.60
CA ASP A 32 -23.09 26.49 -5.42
C ASP A 32 -24.11 25.53 -6.02
N GLU A 33 -24.95 26.08 -6.90
CA GLU A 33 -26.07 25.32 -7.45
C GLU A 33 -25.59 24.18 -8.34
N ASN A 34 -24.40 24.30 -8.94
CA ASN A 34 -23.92 23.31 -9.89
C ASN A 34 -23.08 22.21 -9.27
N LEU A 35 -22.53 22.44 -8.07
CA LEU A 35 -21.56 21.54 -7.46
C LEU A 35 -22.16 20.71 -6.34
N ARG A 36 -23.37 20.20 -6.56
CA ARG A 36 -23.96 19.23 -5.65
C ARG A 36 -23.07 17.99 -5.54
N GLY A 37 -22.81 17.56 -4.31
CA GLY A 37 -21.93 16.44 -4.06
C GLY A 37 -20.49 16.83 -3.76
N PHE A 38 -20.14 18.11 -3.91
CA PHE A 38 -18.82 18.62 -3.58
C PHE A 38 -18.90 19.52 -2.36
N SER A 39 -17.73 19.82 -1.80
CA SER A 39 -17.60 20.82 -0.76
C SER A 39 -17.01 22.09 -1.33
N LEU A 40 -17.04 23.15 -0.54
CA LEU A 40 -16.24 24.33 -0.86
C LEU A 40 -14.77 23.95 -0.84
N LYS A 41 -13.96 24.71 -1.58
CA LYS A 41 -12.53 24.44 -1.58
C LYS A 41 -11.97 24.61 -0.17
N LEU A 42 -10.98 23.77 0.16
CA LEU A 42 -10.46 23.73 1.52
C LEU A 42 -9.43 24.84 1.73
N SER A 43 -9.58 25.57 2.85
CA SER A 43 -8.51 26.42 3.33
C SER A 43 -7.49 25.58 4.07
N ALA A 44 -6.36 26.19 4.41
CA ALA A 44 -5.28 25.47 5.06
C ALA A 44 -4.47 26.42 5.92
N GLU A 45 -3.80 25.84 6.91
CA GLU A 45 -2.81 26.51 7.74
C GLU A 45 -3.40 27.60 8.63
N ASN A 46 -4.71 27.57 8.85
CA ASN A 46 -5.30 28.45 9.86
C ASN A 46 -4.89 27.97 11.24
N ASP A 47 -4.29 28.86 12.03
CA ASP A 47 -3.85 28.49 13.37
C ASP A 47 -5.04 28.04 14.21
N PHE A 48 -4.76 27.13 15.16
CA PHE A 48 -5.82 26.62 16.03
C PHE A 48 -6.56 27.74 16.74
N SER A 49 -5.90 28.87 17.00
CA SER A 49 -6.52 29.97 17.72
C SER A 49 -7.48 30.78 16.88
N SER A 50 -7.51 30.56 15.56
CA SER A 50 -8.35 31.36 14.66
C SER A 50 -8.95 30.47 13.58
N ASP A 51 -9.34 29.24 13.94
CA ASP A 51 -9.92 28.30 12.98
C ASP A 51 -11.43 28.55 12.92
N SER A 52 -11.90 29.04 11.78
CA SER A 52 -13.32 29.34 11.57
C SER A 52 -13.75 28.88 10.20
N PRO A 53 -14.00 27.58 10.04
CA PRO A 53 -14.38 27.05 8.72
C PRO A 53 -15.77 27.50 8.30
N GLU A 54 -15.96 27.62 6.99
CA GLU A 54 -17.26 27.97 6.45
C GLU A 54 -18.12 26.70 6.36
N ARG A 55 -19.43 26.89 6.41
CA ARG A 55 -20.37 25.76 6.39
CA ARG A 55 -20.33 25.74 6.40
C ARG A 55 -20.18 24.91 5.13
N LYS A 56 -20.14 25.56 3.97
CA LYS A 56 -20.06 24.82 2.72
C LYS A 56 -18.77 24.02 2.59
N MET A 57 -17.80 24.25 3.47
CA MET A 57 -16.57 23.48 3.46
C MET A 57 -16.68 22.20 4.28
N LEU A 58 -17.74 22.06 5.08
CA LEU A 58 -17.81 21.00 6.07
C LEU A 58 -18.80 19.93 5.64
N PRO A 59 -18.35 18.73 5.29
CA PRO A 59 -19.29 17.62 5.06
C PRO A 59 -20.03 17.27 6.34
N CYS A 60 -21.28 16.86 6.19
CA CYS A 60 -22.13 16.52 7.32
C CYS A 60 -22.69 15.11 7.16
N TYR A 61 -23.11 14.53 8.28
CA TYR A 61 -23.77 13.23 8.25
C TYR A 61 -25.12 13.35 7.55
N SER A 62 -25.52 12.27 6.89
CA SER A 62 -26.83 12.17 6.27
C SER A 62 -27.72 11.28 7.12
N THR A 63 -29.02 11.60 7.13
CA THR A 63 -29.96 10.77 7.88
C THR A 63 -31.34 10.92 7.27
N ALA A 64 -32.16 9.88 7.43
CA ALA A 64 -33.52 9.88 6.92
C ALA A 64 -34.36 8.96 7.79
N ARG A 65 -35.60 9.35 8.03
CA ARG A 65 -36.56 8.57 8.80
C ARG A 65 -37.53 7.91 7.83
N ILE A 66 -37.52 6.59 7.77
CA ILE A 66 -38.38 5.83 6.86
C ILE A 66 -39.61 5.38 7.64
N PRO A 67 -40.80 5.85 7.28
CA PRO A 67 -42.02 5.35 7.94
C PRO A 67 -42.32 3.92 7.51
N LEU A 68 -42.86 3.15 8.44
CA LEU A 68 -43.21 1.76 8.25
C LEU A 68 -44.71 1.56 8.39
N PRO A 69 -45.26 0.47 7.86
CA PRO A 69 -46.70 0.23 8.00
C PRO A 69 -47.14 0.17 9.45
N ASN A 70 -48.28 0.79 9.73
CA ASN A 70 -48.82 0.82 11.09
C ASN A 70 -49.29 -0.57 11.51
N LEU A 71 -48.91 -0.97 12.72
CA LEU A 71 -49.17 -2.32 13.22
C LEU A 71 -50.31 -2.38 14.23
N ASN A 72 -50.40 -1.41 15.14
CA ASN A 72 -51.40 -1.44 16.19
C ASN A 72 -52.55 -0.49 15.87
N ASN A 79 -52.01 -7.14 22.94
CA ASN A 79 -50.70 -7.51 22.42
C ASN A 79 -50.17 -6.43 21.49
N LEU A 80 -48.90 -6.08 21.67
CA LEU A 80 -48.26 -4.99 20.95
C LEU A 80 -47.21 -5.54 19.99
N LEU A 81 -47.07 -4.87 18.84
CA LEU A 81 -46.15 -5.27 17.79
C LEU A 81 -45.19 -4.14 17.44
N MET A 82 -44.00 -4.52 17.00
CA MET A 82 -43.01 -3.58 16.47
C MET A 82 -42.33 -4.22 15.27
N TRP A 83 -41.88 -3.37 14.34
CA TRP A 83 -41.09 -3.83 13.22
C TRP A 83 -39.65 -4.04 13.65
N GLU A 84 -39.10 -5.20 13.30
CA GLU A 84 -37.76 -5.60 13.68
C GLU A 84 -36.87 -5.67 12.45
N ALA A 85 -35.83 -4.85 12.43
CA ALA A 85 -34.89 -4.84 11.32
C ALA A 85 -33.99 -6.06 11.40
N VAL A 86 -34.01 -6.89 10.36
CA VAL A 86 -33.31 -8.17 10.37
C VAL A 86 -32.04 -8.12 9.53
N THR A 87 -32.13 -7.60 8.31
CA THR A 87 -30.97 -7.52 7.43
C THR A 87 -30.98 -6.18 6.70
N VAL A 88 -29.81 -5.78 6.23
CA VAL A 88 -29.65 -4.60 5.39
C VAL A 88 -28.70 -4.92 4.24
N GLN A 89 -29.08 -4.51 3.04
CA GLN A 89 -28.17 -4.43 1.90
C GLN A 89 -27.90 -2.97 1.62
N THR A 90 -26.62 -2.61 1.51
CA THR A 90 -26.25 -1.21 1.32
C THR A 90 -25.07 -1.12 0.36
N GLU A 91 -24.91 0.06 -0.22
CA GLU A 91 -24.03 0.24 -1.37
C GLU A 91 -23.83 1.72 -1.63
N VAL A 92 -22.61 2.10 -2.04
CA VAL A 92 -22.30 3.47 -2.43
C VAL A 92 -22.61 3.62 -3.91
N ILE A 93 -23.27 4.73 -4.27
CA ILE A 93 -23.86 4.90 -5.58
C ILE A 93 -23.01 5.86 -6.40
N GLY A 94 -22.57 5.43 -7.58
CA GLY A 94 -21.87 6.27 -8.51
C GLY A 94 -20.36 6.18 -8.48
N ILE A 95 -19.79 5.04 -8.08
CA ILE A 95 -18.34 4.95 -7.88
C ILE A 95 -17.58 5.15 -9.20
N THR A 96 -18.17 4.73 -10.33
CA THR A 96 -17.46 4.82 -11.60
C THR A 96 -17.39 6.25 -12.12
N SER A 97 -18.15 7.18 -11.55
CA SER A 97 -18.05 8.58 -11.94
C SER A 97 -16.66 9.15 -11.74
N MET A 98 -15.86 8.55 -10.83
CA MET A 98 -14.49 8.98 -10.62
C MET A 98 -13.57 8.58 -11.76
N LEU A 99 -14.08 7.89 -12.78
CA LEU A 99 -13.31 7.62 -13.99
C LEU A 99 -13.34 8.77 -14.98
N ASN A 100 -14.05 9.86 -14.65
CA ASN A 100 -14.00 11.10 -15.41
C ASN A 100 -12.73 11.83 -15.00
N LEU A 101 -11.70 11.79 -15.84
CA LEU A 101 -10.45 12.50 -15.59
C LEU A 101 -10.21 13.62 -16.58
N HIS A 102 -11.19 13.95 -17.41
CA HIS A 102 -11.07 15.00 -18.40
C HIS A 102 -11.66 16.33 -17.97
N ALA A 103 -12.35 16.37 -16.82
CA ALA A 103 -13.10 17.54 -16.39
C ALA A 103 -12.56 18.06 -15.07
N GLY A 104 -12.02 19.28 -15.10
CA GLY A 104 -11.80 20.06 -13.89
C GLY A 104 -10.58 19.70 -13.07
N SER A 105 -10.03 18.50 -13.23
CA SER A 105 -8.95 18.07 -12.37
C SER A 105 -7.58 18.44 -12.94
N GLN A 106 -6.64 18.70 -12.03
CA GLN A 106 -5.28 19.05 -12.40
C GLN A 106 -4.60 17.88 -13.09
N LYS A 107 -3.85 18.17 -14.15
CA LYS A 107 -3.13 17.12 -14.86
C LYS A 107 -2.05 16.54 -13.96
N VAL A 108 -1.84 15.22 -14.06
CA VAL A 108 -0.87 14.55 -13.20
C VAL A 108 0.55 14.92 -13.60
N HIS A 109 0.75 15.26 -14.87
CA HIS A 109 2.02 15.77 -15.39
C HIS A 109 1.73 16.34 -16.76
N GLU A 110 2.72 17.01 -17.34
CA GLU A 110 2.53 17.62 -18.65
C GLU A 110 2.13 16.57 -19.68
N HIS A 111 1.01 16.81 -20.35
CA HIS A 111 0.38 16.00 -21.41
C HIS A 111 -0.39 14.82 -20.85
N GLY A 112 -0.50 14.68 -19.52
CA GLY A 112 -1.20 13.56 -18.93
C GLY A 112 -2.66 13.88 -18.64
N GLY A 113 -3.35 12.85 -18.14
CA GLY A 113 -4.74 12.98 -17.75
C GLY A 113 -4.89 13.65 -16.41
N GLY A 114 -6.16 13.90 -16.06
CA GLY A 114 -6.44 14.59 -14.81
C GLY A 114 -6.14 13.74 -13.59
N LYS A 115 -5.92 14.42 -12.48
CA LYS A 115 -5.61 13.74 -11.22
C LYS A 115 -6.87 13.11 -10.64
N PRO A 116 -6.87 11.81 -10.36
CA PRO A 116 -8.07 11.18 -9.81
C PRO A 116 -8.36 11.67 -8.40
N ILE A 117 -9.62 11.48 -8.00
CA ILE A 117 -9.99 11.73 -6.61
C ILE A 117 -9.27 10.75 -5.70
N GLN A 118 -8.60 11.26 -4.68
CA GLN A 118 -7.90 10.44 -3.72
C GLN A 118 -7.73 11.24 -2.44
N GLY A 119 -7.20 10.57 -1.43
CA GLY A 119 -6.95 11.18 -0.14
C GLY A 119 -7.79 10.54 0.94
N SER A 120 -7.87 11.25 2.07
CA SER A 120 -8.62 10.77 3.22
C SER A 120 -10.07 10.52 2.85
N ASN A 121 -10.64 9.44 3.40
CA ASN A 121 -12.03 9.11 3.13
C ASN A 121 -12.64 8.45 4.36
N PHE A 122 -13.97 8.54 4.45
CA PHE A 122 -14.73 7.98 5.55
C PHE A 122 -16.03 7.40 4.99
N HIS A 123 -16.29 6.14 5.32
CA HIS A 123 -17.46 5.44 4.81
C HIS A 123 -18.18 4.79 5.97
N PHE A 124 -19.43 5.18 6.20
CA PHE A 124 -20.16 4.86 7.41
C PHE A 124 -21.64 4.72 7.09
N PHE A 125 -22.31 3.81 7.81
CA PHE A 125 -23.76 3.73 7.76
C PHE A 125 -24.28 3.11 9.04
N ALA A 126 -25.57 3.29 9.29
CA ALA A 126 -26.21 2.78 10.49
C ALA A 126 -27.68 2.56 10.23
N VAL A 127 -28.24 1.54 10.86
CA VAL A 127 -29.67 1.24 10.81
C VAL A 127 -30.14 1.00 12.24
N GLY A 128 -31.25 1.65 12.61
CA GLY A 128 -31.76 1.50 13.95
C GLY A 128 -33.20 1.93 14.08
N GLY A 129 -33.78 1.61 15.24
CA GLY A 129 -35.12 2.00 15.56
C GLY A 129 -35.25 3.34 16.25
N ASP A 130 -34.12 3.97 16.56
CA ASP A 130 -34.04 5.29 17.15
C ASP A 130 -33.01 6.09 16.36
N PRO A 131 -33.04 7.42 16.46
CA PRO A 131 -31.99 8.22 15.83
C PRO A 131 -30.62 7.80 16.33
N LEU A 132 -29.63 7.86 15.44
CA LEU A 132 -28.27 7.52 15.83
C LEU A 132 -27.80 8.44 16.94
N GLU A 133 -27.21 7.84 17.97
CA GLU A 133 -26.68 8.59 19.11
C GLU A 133 -25.18 8.77 18.92
N MET A 134 -24.71 10.01 19.09
CA MET A 134 -23.36 10.39 18.71
C MET A 134 -22.62 11.06 19.86
N GLN A 135 -21.30 11.04 19.75
CA GLN A 135 -20.39 11.65 20.72
C GLN A 135 -19.48 12.63 19.99
N GLY A 136 -19.22 13.78 20.61
CA GLY A 136 -18.44 14.83 19.99
C GLY A 136 -16.97 14.75 20.36
N VAL A 137 -16.11 14.76 19.34
CA VAL A 137 -14.65 14.82 19.52
C VAL A 137 -14.10 15.77 18.46
N LEU A 138 -13.17 16.63 18.87
CA LEU A 138 -12.71 17.72 18.02
C LEU A 138 -11.20 17.65 17.83
N MET A 139 -10.76 17.94 16.61
CA MET A 139 -9.33 18.14 16.37
C MET A 139 -8.81 19.33 17.16
N ASN A 140 -9.55 20.44 17.13
CA ASN A 140 -9.16 21.69 17.77
C ASN A 140 -10.38 22.24 18.49
N TYR A 141 -10.33 22.28 19.82
CA TYR A 141 -11.51 22.69 20.59
C TYR A 141 -11.83 24.16 20.37
N ARG A 142 -10.83 24.99 20.03
CA ARG A 142 -11.07 26.42 19.86
C ARG A 142 -11.75 26.74 18.53
N THR A 143 -12.01 25.75 17.69
CA THR A 143 -12.59 26.02 16.37
C THR A 143 -13.96 26.67 16.52
N LYS A 144 -14.17 27.74 15.76
CA LYS A 144 -15.46 28.43 15.70
C LYS A 144 -16.24 27.83 14.54
N TYR A 145 -17.21 26.98 14.86
CA TYR A 145 -17.97 26.37 13.79
C TYR A 145 -19.10 27.30 13.34
N PRO A 146 -19.48 27.23 12.07
CA PRO A 146 -20.33 28.29 11.50
C PRO A 146 -21.79 28.12 11.85
N GLU A 147 -22.53 29.21 11.65
CA GLU A 147 -23.99 29.17 11.74
C GLU A 147 -24.54 28.11 10.79
N GLY A 148 -25.55 27.37 11.25
CA GLY A 148 -26.15 26.32 10.47
C GLY A 148 -25.62 24.93 10.74
N THR A 149 -24.53 24.82 11.50
CA THR A 149 -24.01 23.54 11.93
C THR A 149 -24.29 23.33 13.41
N ILE A 150 -24.39 22.07 13.81
CA ILE A 150 -24.55 21.70 15.22
C ILE A 150 -23.27 20.98 15.64
N THR A 151 -22.53 21.60 16.56
CA THR A 151 -21.24 21.11 17.03
C THR A 151 -21.23 21.13 18.54
N PRO A 152 -20.24 20.50 19.17
CA PRO A 152 -20.20 20.45 20.65
C PRO A 152 -20.38 21.80 21.32
N LYS A 153 -21.27 21.83 22.31
CA LYS A 153 -21.54 23.03 23.11
C LYS A 153 -20.55 23.14 24.25
N ASN A 154 -20.06 24.36 24.48
CA ASN A 154 -19.09 24.68 25.53
C ASN A 154 -17.84 23.81 25.41
N PRO A 155 -17.11 23.88 24.31
CA PRO A 155 -15.95 23.01 24.15
C PRO A 155 -14.80 23.42 25.07
N THR A 156 -14.00 22.42 25.46
CA THR A 156 -12.78 22.63 26.22
C THR A 156 -11.69 21.75 25.60
N ALA A 157 -10.46 21.86 26.13
CA ALA A 157 -9.40 20.99 25.67
C ALA A 157 -9.77 19.53 25.82
N GLN A 158 -10.59 19.21 26.83
CA GLN A 158 -11.08 17.85 27.03
C GLN A 158 -11.79 17.32 25.78
N SER A 159 -12.48 18.22 25.05
CA SER A 159 -13.21 17.80 23.86
C SER A 159 -12.28 17.24 22.79
N GLN A 160 -10.97 17.48 22.90
CA GLN A 160 -10.03 16.92 21.95
C GLN A 160 -9.67 15.47 22.26
N VAL A 161 -10.10 14.94 23.40
CA VAL A 161 -9.91 13.53 23.73
C VAL A 161 -11.26 12.87 24.00
N MET A 162 -11.85 13.13 25.17
CA MET A 162 -13.17 12.62 25.50
C MET A 162 -13.84 13.58 26.46
N ASN A 163 -14.93 14.21 26.01
CA ASN A 163 -15.75 15.08 26.83
C ASN A 163 -17.16 14.48 26.85
N THR A 164 -17.52 13.85 27.98
CA THR A 164 -18.78 13.12 28.04
C THR A 164 -20.01 14.01 27.92
N ASP A 165 -19.86 15.34 27.96
CA ASP A 165 -21.00 16.22 27.79
C ASP A 165 -21.42 16.37 26.32
N HIS A 166 -20.56 15.99 25.38
CA HIS A 166 -20.85 16.14 23.95
C HIS A 166 -21.65 14.93 23.45
N LYS A 167 -22.91 14.88 23.88
CA LYS A 167 -23.85 13.87 23.42
C LYS A 167 -24.89 14.53 22.52
N ALA A 168 -25.32 13.81 21.48
CA ALA A 168 -26.26 14.37 20.53
C ALA A 168 -26.95 13.25 19.76
N TYR A 169 -28.15 13.56 19.28
CA TYR A 169 -28.88 12.70 18.36
C TYR A 169 -28.69 13.23 16.94
N LEU A 170 -28.45 12.32 16.00
CA LEU A 170 -28.42 12.67 14.58
C LEU A 170 -29.87 12.91 14.17
N ASP A 171 -30.38 14.08 14.58
CA ASP A 171 -31.79 14.42 14.43
C ASP A 171 -32.02 15.51 13.39
N LYS A 172 -31.02 15.79 12.56
CA LYS A 172 -31.15 16.82 11.53
C LYS A 172 -30.16 16.54 10.42
N ASN A 173 -30.62 16.66 9.18
CA ASN A 173 -29.79 16.37 8.02
C ASN A 173 -29.01 17.61 7.60
N ASN A 174 -27.79 17.40 7.12
CA ASN A 174 -26.91 18.47 6.65
C ASN A 174 -26.67 19.49 7.76
N ALA A 175 -26.34 18.99 8.95
CA ALA A 175 -26.14 19.86 10.11
C ALA A 175 -25.02 19.40 11.05
N TYR A 176 -24.77 18.10 11.21
CA TYR A 176 -23.72 17.63 12.10
C TYR A 176 -22.46 17.36 11.29
N PRO A 177 -21.42 18.18 11.41
CA PRO A 177 -20.20 17.96 10.62
C PRO A 177 -19.57 16.62 10.96
N VAL A 178 -19.06 15.94 9.94
CA VAL A 178 -18.46 14.63 10.14
C VAL A 178 -17.23 14.74 11.03
N GLU A 179 -16.46 15.81 10.88
CA GLU A 179 -15.22 15.99 11.63
C GLU A 179 -15.46 16.25 13.12
N CYS A 180 -16.72 16.41 13.55
CA CYS A 180 -17.01 16.72 14.94
C CYS A 180 -17.68 15.58 15.69
N TRP A 181 -18.28 14.63 14.99
CA TRP A 181 -19.14 13.63 15.62
C TRP A 181 -18.78 12.23 15.18
N ILE A 182 -18.95 11.29 16.10
CA ILE A 182 -18.78 9.86 15.81
C ILE A 182 -19.92 9.10 16.47
N PRO A 183 -20.24 7.92 15.97
CA PRO A 183 -21.26 7.10 16.64
C PRO A 183 -20.82 6.75 18.05
N ASP A 184 -21.74 6.89 19.00
CA ASP A 184 -21.43 6.74 20.41
C ASP A 184 -21.44 5.26 20.80
N PRO A 185 -20.29 4.64 21.06
CA PRO A 185 -20.31 3.21 21.41
C PRO A 185 -20.89 2.94 22.79
N SER A 186 -20.98 3.94 23.67
CA SER A 186 -21.57 3.75 24.99
C SER A 186 -23.09 3.75 24.95
N ARG A 187 -23.69 4.05 23.79
CA ARG A 187 -25.14 4.02 23.66
C ARG A 187 -25.52 3.23 22.41
N ASN A 188 -26.56 3.66 21.70
CA ASN A 188 -27.00 2.99 20.48
C ASN A 188 -27.39 1.53 20.74
N GLU A 189 -28.15 1.31 21.81
CA GLU A 189 -28.65 -0.04 22.10
C GLU A 189 -29.62 -0.54 21.05
N ASN A 190 -30.25 0.36 20.30
CA ASN A 190 -31.26 0.01 19.31
C ASN A 190 -30.80 0.36 17.90
N THR A 191 -29.50 0.39 17.67
CA THR A 191 -28.92 0.75 16.39
C THR A 191 -27.66 -0.07 16.14
N ARG A 192 -27.45 -0.46 14.90
CA ARG A 192 -26.18 -1.05 14.45
C ARG A 192 -25.50 -0.05 13.53
N TYR A 193 -24.20 0.16 13.73
CA TYR A 193 -23.47 1.11 12.90
C TYR A 193 -22.13 0.51 12.50
N PHE A 194 -21.63 0.97 11.35
CA PHE A 194 -20.42 0.44 10.73
C PHE A 194 -19.71 1.58 10.01
N GLY A 195 -18.44 1.79 10.33
CA GLY A 195 -17.69 2.88 9.73
C GLY A 195 -16.21 2.60 9.68
N THR A 196 -15.56 3.12 8.65
CA THR A 196 -14.11 2.95 8.45
C THR A 196 -13.52 4.27 7.98
N PHE A 197 -12.42 4.68 8.62
CA PHE A 197 -11.70 5.89 8.25
C PHE A 197 -10.33 5.54 7.71
N THR A 198 -9.94 6.17 6.60
CA THR A 198 -8.63 6.01 6.01
C THR A 198 -8.11 7.40 5.67
N GLY A 199 -6.95 7.77 6.25
CA GLY A 199 -6.42 9.12 6.12
C GLY A 199 -5.07 9.14 5.45
N GLY A 200 -4.81 10.21 4.71
CA GLY A 200 -3.54 10.39 4.02
C GLY A 200 -3.76 11.01 2.65
N GLU A 201 -2.77 11.78 2.19
CA GLU A 201 -2.93 12.51 0.94
C GLU A 201 -3.19 11.59 -0.25
N ASN A 202 -2.50 10.44 -0.29
CA ASN A 202 -2.53 9.56 -1.45
C ASN A 202 -3.31 8.28 -1.19
N VAL A 203 -4.22 8.29 -0.23
CA VAL A 203 -5.04 7.09 0.01
C VAL A 203 -5.92 6.83 -1.21
N PRO A 204 -5.89 5.63 -1.79
CA PRO A 204 -6.77 5.34 -2.92
C PRO A 204 -8.16 4.93 -2.44
N PRO A 205 -9.20 5.43 -3.09
CA PRO A 205 -10.56 4.93 -2.80
C PRO A 205 -10.73 3.50 -3.28
N VAL A 206 -11.32 2.67 -2.44
CA VAL A 206 -11.56 1.26 -2.74
C VAL A 206 -13.00 0.96 -2.41
N LEU A 207 -13.82 0.74 -3.44
CA LEU A 207 -15.27 0.63 -3.27
C LEU A 207 -15.79 -0.60 -4.00
N HIS A 208 -16.52 -1.43 -3.29
N HIS A 208 -16.57 -1.41 -3.30
CA HIS A 208 -17.12 -2.64 -3.82
CA HIS A 208 -17.09 -2.66 -3.85
C HIS A 208 -18.62 -2.46 -3.97
C HIS A 208 -18.61 -2.62 -3.90
N VAL A 209 -19.17 -3.01 -5.04
CA VAL A 209 -20.61 -3.06 -5.24
C VAL A 209 -21.01 -4.49 -5.58
N THR A 210 -22.14 -4.93 -5.03
CA THR A 210 -22.74 -6.23 -5.35
C THR A 210 -24.12 -6.32 -4.70
N ASN A 211 -25.10 -6.87 -5.43
CA ASN A 211 -26.43 -7.10 -4.88
C ASN A 211 -26.58 -8.48 -4.27
N THR A 212 -25.47 -9.13 -3.92
CA THR A 212 -25.49 -10.45 -3.31
C THR A 212 -24.96 -10.44 -1.89
N ALA A 213 -24.67 -9.26 -1.34
CA ALA A 213 -24.10 -9.14 0.00
C ALA A 213 -25.16 -8.59 0.95
N THR A 214 -25.19 -9.13 2.17
CA THR A 214 -26.17 -8.76 3.17
C THR A 214 -25.49 -8.70 4.54
N THR A 215 -25.89 -7.70 5.33
CA THR A 215 -25.45 -7.58 6.71
C THR A 215 -26.62 -7.93 7.64
N VAL A 216 -26.37 -8.88 8.55
CA VAL A 216 -27.39 -9.29 9.50
C VAL A 216 -27.39 -8.32 10.67
N LEU A 217 -28.58 -7.91 11.11
CA LEU A 217 -28.71 -6.88 12.13
C LEU A 217 -29.11 -7.43 13.50
N LEU A 218 -29.25 -8.74 13.65
CA LEU A 218 -29.61 -9.31 14.93
C LEU A 218 -28.44 -9.18 15.92
N ASP A 219 -28.77 -9.15 17.21
CA ASP A 219 -27.76 -9.06 18.24
C ASP A 219 -27.40 -10.47 18.72
N GLU A 220 -26.78 -10.58 19.90
CA GLU A 220 -26.39 -11.89 20.41
C GLU A 220 -27.61 -12.74 20.77
N GLN A 221 -28.71 -12.11 21.17
CA GLN A 221 -29.93 -12.81 21.51
C GLN A 221 -30.85 -13.04 20.31
N GLY A 222 -30.44 -12.63 19.11
CA GLY A 222 -31.25 -12.82 17.93
C GLY A 222 -32.31 -11.76 17.72
N VAL A 223 -32.11 -10.56 18.25
CA VAL A 223 -33.08 -9.48 18.16
C VAL A 223 -32.45 -8.33 17.38
N GLY A 224 -33.16 -7.84 16.37
CA GLY A 224 -32.70 -6.72 15.59
C GLY A 224 -33.19 -5.40 16.17
N PRO A 225 -32.83 -4.30 15.52
CA PRO A 225 -33.36 -2.99 15.97
C PRO A 225 -34.88 -2.96 15.90
N LEU A 226 -35.51 -2.53 16.99
CA LEU A 226 -36.96 -2.44 17.09
C LEU A 226 -37.37 -0.99 16.85
N CYS A 227 -38.35 -0.81 15.95
CA CYS A 227 -38.69 0.52 15.43
C CYS A 227 -39.81 1.12 16.27
N LYS A 228 -39.49 2.20 16.98
CA LYS A 228 -40.29 2.67 18.10
C LYS A 228 -41.68 3.14 17.66
N ALA A 229 -41.72 4.21 16.87
CA ALA A 229 -42.98 4.77 16.38
C ALA A 229 -43.21 4.37 14.93
N ASP A 230 -42.94 3.10 14.60
CA ASP A 230 -42.99 2.60 13.23
C ASP A 230 -42.14 3.48 12.31
N SER A 231 -40.96 3.84 12.80
CA SER A 231 -40.01 4.68 12.07
C SER A 231 -38.65 3.99 12.06
N LEU A 232 -38.07 3.86 10.86
CA LEU A 232 -36.77 3.25 10.68
C LEU A 232 -35.76 4.33 10.33
N TYR A 233 -34.61 4.31 10.98
CA TYR A 233 -33.62 5.37 10.85
C TYR A 233 -32.40 4.84 10.12
N VAL A 234 -32.06 5.51 9.02
CA VAL A 234 -30.86 5.19 8.24
C VAL A 234 -29.95 6.41 8.29
N SER A 235 -28.64 6.17 8.41
CA SER A 235 -27.66 7.22 8.50
C SER A 235 -26.46 6.85 7.66
N ALA A 236 -25.76 7.87 7.15
CA ALA A 236 -24.65 7.59 6.25
C ALA A 236 -23.70 8.78 6.24
N ALA A 237 -22.45 8.48 5.89
CA ALA A 237 -21.43 9.49 5.56
C ALA A 237 -20.44 8.80 4.66
N ASP A 238 -20.31 9.30 3.42
CA ASP A 238 -19.45 8.64 2.42
C ASP A 238 -18.63 9.71 1.70
N ILE A 239 -17.63 10.21 2.41
CA ILE A 239 -16.62 11.09 1.84
C ILE A 239 -15.61 10.22 1.09
N CYS A 240 -15.50 10.42 -0.22
CA CYS A 240 -14.70 9.54 -1.06
C CYS A 240 -13.26 9.99 -1.20
N GLY A 241 -12.96 11.24 -0.91
CA GLY A 241 -11.63 11.79 -1.01
C GLY A 241 -11.69 13.20 -1.53
N LEU A 242 -10.54 13.67 -2.01
CA LEU A 242 -10.38 15.05 -2.45
C LEU A 242 -10.30 15.13 -3.97
N PHE A 243 -10.98 16.13 -4.52
CA PHE A 243 -10.90 16.48 -5.93
C PHE A 243 -9.97 17.67 -6.06
N THR A 244 -8.94 17.54 -6.90
CA THR A 244 -7.92 18.57 -7.04
C THR A 244 -8.14 19.33 -8.35
N ASN A 245 -8.43 20.63 -8.24
CA ASN A 245 -8.69 21.46 -9.41
C ASN A 245 -7.38 21.81 -10.12
N SER A 246 -7.51 22.33 -11.34
CA SER A 246 -6.35 22.67 -12.14
C SER A 246 -5.45 23.67 -11.42
N SER A 247 -6.06 24.57 -10.65
CA SER A 247 -5.28 25.56 -9.91
C SER A 247 -4.60 25.00 -8.68
N GLY A 248 -4.97 23.80 -8.25
CA GLY A 248 -4.42 23.18 -7.06
C GLY A 248 -5.36 23.13 -5.88
N THR A 249 -6.47 23.86 -5.93
CA THR A 249 -7.44 23.82 -4.85
C THR A 249 -8.08 22.44 -4.76
N GLN A 250 -8.56 22.10 -3.56
CA GLN A 250 -9.07 20.77 -3.28
C GLN A 250 -10.46 20.86 -2.66
N GLN A 251 -11.36 19.98 -3.13
CA GLN A 251 -12.72 19.91 -2.64
C GLN A 251 -13.04 18.47 -2.27
N TRP A 252 -13.84 18.31 -1.22
CA TRP A 252 -14.36 16.98 -0.89
C TRP A 252 -15.34 16.53 -1.96
N ARG A 253 -15.39 15.22 -2.19
CA ARG A 253 -16.37 14.63 -3.09
C ARG A 253 -17.05 13.47 -2.37
N GLY A 254 -18.37 13.51 -2.30
CA GLY A 254 -19.12 12.44 -1.67
C GLY A 254 -20.12 11.80 -2.61
N LEU A 255 -20.60 10.60 -2.26
CA LEU A 255 -21.58 9.90 -3.07
C LEU A 255 -22.74 9.45 -2.20
N ALA A 256 -23.86 9.18 -2.85
CA ALA A 256 -25.05 8.72 -2.13
C ALA A 256 -24.92 7.25 -1.75
N ARG A 257 -25.72 6.84 -0.78
CA ARG A 257 -25.74 5.46 -0.29
C ARG A 257 -27.14 4.89 -0.42
N TYR A 258 -27.22 3.65 -0.87
CA TYR A 258 -28.48 2.94 -1.02
C TYR A 258 -28.70 2.01 0.16
N PHE A 259 -29.95 1.87 0.56
CA PHE A 259 -30.34 0.95 1.64
C PHE A 259 -31.49 0.07 1.16
N LYS A 260 -31.45 -1.20 1.54
CA LYS A 260 -32.61 -2.09 1.43
C LYS A 260 -32.68 -2.92 2.70
N ILE A 261 -33.70 -2.68 3.51
CA ILE A 261 -33.82 -3.30 4.83
C ILE A 261 -35.02 -4.23 4.83
N ARG A 262 -34.81 -5.44 5.35
CA ARG A 262 -35.88 -6.41 5.53
C ARG A 262 -36.30 -6.43 6.99
N LEU A 263 -37.61 -6.36 7.25
CA LEU A 263 -38.14 -6.29 8.60
C LEU A 263 -39.21 -7.34 8.80
N ARG A 264 -39.40 -7.74 10.06
CA ARG A 264 -40.42 -8.70 10.43
C ARG A 264 -41.13 -8.21 11.70
N LYS A 265 -42.34 -8.72 11.91
CA LYS A 265 -43.15 -8.29 13.04
C LYS A 265 -42.75 -9.05 14.31
N ARG A 266 -42.67 -8.31 15.41
CA ARG A 266 -42.24 -8.85 16.69
C ARG A 266 -43.22 -8.45 17.78
N SER A 267 -43.67 -9.43 18.57
CA SER A 267 -44.50 -9.15 19.73
C SER A 267 -43.64 -8.60 20.85
N VAL A 268 -44.16 -7.59 21.55
CA VAL A 268 -43.45 -6.96 22.65
C VAL A 268 -44.44 -6.72 23.80
N LYS A 269 -43.88 -6.60 24.99
CA LYS A 269 -44.70 -6.38 26.19
C LYS A 269 -44.20 -5.17 26.97
N VAL B 5 -42.30 -14.68 -11.93
CA VAL B 5 -42.91 -15.99 -12.12
C VAL B 5 -42.79 -16.82 -10.85
N GLU B 6 -43.67 -17.80 -10.71
CA GLU B 6 -43.67 -18.69 -9.55
C GLU B 6 -42.76 -19.88 -9.82
N VAL B 7 -41.74 -20.05 -8.97
CA VAL B 7 -40.69 -21.02 -9.20
C VAL B 7 -41.06 -22.34 -8.54
N LEU B 8 -40.97 -23.43 -9.30
CA LEU B 8 -41.31 -24.78 -8.86
C LEU B 8 -40.05 -25.62 -8.70
N GLU B 9 -40.14 -26.90 -8.98
CA GLU B 9 -39.04 -27.82 -8.69
C GLU B 9 -37.99 -27.82 -9.78
N VAL B 10 -36.77 -28.21 -9.40
CA VAL B 10 -35.71 -28.37 -10.36
C VAL B 10 -35.92 -29.68 -11.11
N LYS B 11 -35.79 -29.64 -12.44
CA LYS B 11 -35.85 -30.85 -13.25
C LYS B 11 -34.52 -31.59 -13.15
N THR B 12 -34.59 -32.92 -13.24
CA THR B 12 -33.42 -33.78 -13.18
C THR B 12 -33.38 -34.70 -14.40
N GLY B 13 -32.19 -35.22 -14.69
CA GLY B 13 -32.05 -36.25 -15.70
C GLY B 13 -31.13 -35.94 -16.86
N VAL B 14 -29.84 -35.75 -16.57
CA VAL B 14 -28.80 -35.59 -17.59
C VAL B 14 -29.06 -34.36 -18.45
N ASP B 15 -30.07 -34.44 -19.32
CA ASP B 15 -30.39 -33.35 -20.25
C ASP B 15 -30.85 -32.09 -19.52
N ALA B 16 -30.94 -32.15 -18.19
CA ALA B 16 -31.44 -31.05 -17.39
C ALA B 16 -30.38 -30.00 -17.07
N ILE B 17 -29.10 -30.28 -17.33
CA ILE B 17 -28.02 -29.34 -17.06
C ILE B 17 -27.35 -28.95 -18.37
N THR B 18 -26.78 -27.75 -18.40
CA THR B 18 -26.01 -27.30 -19.55
C THR B 18 -24.96 -26.30 -19.08
N GLU B 19 -23.97 -26.08 -19.94
CA GLU B 19 -22.80 -25.28 -19.60
C GLU B 19 -22.38 -24.49 -20.82
N VAL B 20 -22.38 -23.16 -20.70
CA VAL B 20 -22.03 -22.27 -21.80
C VAL B 20 -20.88 -21.37 -21.37
N GLU B 21 -20.17 -20.85 -22.38
CA GLU B 21 -18.97 -20.05 -22.16
C GLU B 21 -18.87 -19.01 -23.26
N CYS B 22 -18.12 -17.93 -22.98
CA CYS B 22 -17.82 -16.93 -24.00
C CYS B 22 -16.72 -16.01 -23.51
N PHE B 23 -15.98 -15.45 -24.46
CA PHE B 23 -14.98 -14.41 -24.20
C PHE B 23 -15.58 -13.06 -24.61
N LEU B 24 -15.55 -12.09 -23.68
CA LEU B 24 -16.18 -10.79 -23.89
C LEU B 24 -15.09 -9.72 -24.04
N ASN B 25 -15.02 -9.12 -25.23
CA ASN B 25 -13.99 -8.14 -25.51
C ASN B 25 -14.23 -6.84 -24.74
N PRO B 26 -13.17 -6.16 -24.33
CA PRO B 26 -13.34 -4.84 -23.72
C PRO B 26 -13.60 -3.79 -24.77
N GLU B 27 -14.30 -2.73 -24.35
CA GLU B 27 -14.62 -1.60 -25.22
C GLU B 27 -14.01 -0.35 -24.60
N MET B 28 -12.71 -0.16 -24.81
CA MET B 28 -11.97 0.94 -24.21
C MET B 28 -12.02 2.21 -25.04
N GLY B 29 -12.46 2.16 -26.29
CA GLY B 29 -12.51 3.33 -27.14
C GLY B 29 -11.93 3.07 -28.51
N ASP B 30 -10.86 2.26 -28.57
CA ASP B 30 -10.23 1.84 -29.81
C ASP B 30 -9.91 3.03 -30.70
N PRO B 31 -8.87 3.80 -30.39
CA PRO B 31 -8.63 5.06 -31.14
C PRO B 31 -8.31 4.85 -32.60
N ASP B 32 -7.58 3.80 -32.96
CA ASP B 32 -7.37 3.47 -34.37
C ASP B 32 -7.35 1.96 -34.51
N GLU B 33 -7.06 1.49 -35.74
CA GLU B 33 -7.20 0.07 -36.04
C GLU B 33 -6.15 -0.78 -35.35
N ASN B 34 -4.99 -0.20 -35.04
CA ASN B 34 -3.93 -0.96 -34.38
C ASN B 34 -4.05 -0.98 -32.86
N LEU B 35 -4.77 -0.03 -32.27
CA LEU B 35 -4.82 0.14 -30.82
C LEU B 35 -6.10 -0.43 -30.22
N ARG B 36 -6.57 -1.58 -30.70
CA ARG B 36 -7.67 -2.28 -30.06
C ARG B 36 -7.29 -2.63 -28.62
N GLY B 37 -8.19 -2.35 -27.69
CA GLY B 37 -7.94 -2.55 -26.28
C GLY B 37 -7.50 -1.31 -25.54
N PHE B 38 -7.16 -0.25 -26.25
CA PHE B 38 -6.78 1.03 -25.65
C PHE B 38 -7.86 2.07 -25.90
N SER B 39 -7.73 3.20 -25.21
CA SER B 39 -8.55 4.36 -25.45
C SER B 39 -7.73 5.43 -26.17
N LEU B 40 -8.43 6.44 -26.69
CA LEU B 40 -7.76 7.65 -27.12
C LEU B 40 -7.06 8.29 -25.92
N LYS B 41 -6.00 9.06 -26.20
CA LYS B 41 -5.28 9.70 -25.12
C LYS B 41 -6.19 10.66 -24.36
N LEU B 42 -5.91 10.83 -23.07
CA LEU B 42 -6.79 11.55 -22.16
C LEU B 42 -6.48 13.04 -22.20
N SER B 43 -7.52 13.85 -22.31
CA SER B 43 -7.43 15.29 -22.12
C SER B 43 -7.59 15.62 -20.63
N ALA B 44 -7.19 16.83 -20.26
CA ALA B 44 -7.20 17.21 -18.87
C ALA B 44 -7.52 18.69 -18.71
N GLU B 45 -8.03 19.04 -17.54
CA GLU B 45 -8.23 20.39 -17.03
C GLU B 45 -9.33 21.16 -17.76
N ASN B 46 -10.19 20.48 -18.52
CA ASN B 46 -11.35 21.15 -19.11
C ASN B 46 -12.32 21.53 -18.00
N ASP B 47 -12.73 22.81 -17.98
CA ASP B 47 -13.68 23.26 -16.97
C ASP B 47 -14.99 22.49 -17.09
N PHE B 48 -15.66 22.32 -15.94
CA PHE B 48 -16.94 21.63 -15.93
C PHE B 48 -17.94 22.23 -16.91
N SER B 49 -17.86 23.54 -17.14
CA SER B 49 -18.80 24.19 -18.04
C SER B 49 -18.52 23.92 -19.51
N SER B 50 -17.41 23.27 -19.84
CA SER B 50 -17.06 22.99 -21.23
C SER B 50 -16.42 21.61 -21.34
N ASP B 51 -16.85 20.66 -20.51
CA ASP B 51 -16.38 19.29 -20.60
C ASP B 51 -17.08 18.61 -21.76
N SER B 52 -16.29 18.19 -22.76
CA SER B 52 -16.83 17.65 -24.01
C SER B 52 -15.92 16.54 -24.53
N PRO B 53 -15.96 15.38 -23.90
CA PRO B 53 -15.02 14.30 -24.26
C PRO B 53 -15.36 13.66 -25.61
N GLU B 54 -14.31 13.25 -26.32
CA GLU B 54 -14.48 12.50 -27.56
C GLU B 54 -14.87 11.06 -27.25
N ARG B 55 -15.52 10.42 -28.23
CA ARG B 55 -16.06 9.08 -27.99
C ARG B 55 -14.95 8.06 -27.76
N LYS B 56 -13.91 8.10 -28.60
CA LYS B 56 -12.82 7.13 -28.47
C LYS B 56 -12.04 7.27 -27.17
N MET B 57 -12.32 8.29 -26.36
CA MET B 57 -11.68 8.47 -25.06
C MET B 57 -12.45 7.83 -23.92
N LEU B 58 -13.68 7.36 -24.16
CA LEU B 58 -14.56 6.92 -23.09
C LEU B 58 -14.70 5.40 -23.11
N PRO B 59 -14.16 4.69 -22.12
CA PRO B 59 -14.44 3.26 -22.01
C PRO B 59 -15.92 3.01 -21.74
N CYS B 60 -16.43 1.88 -22.24
CA CYS B 60 -17.84 1.53 -22.14
C CYS B 60 -17.99 0.11 -21.60
N TYR B 61 -19.18 -0.15 -21.07
CA TYR B 61 -19.52 -1.49 -20.59
C TYR B 61 -19.60 -2.46 -21.76
N SER B 62 -19.15 -3.68 -21.53
CA SER B 62 -19.31 -4.77 -22.48
C SER B 62 -20.53 -5.60 -22.09
N THR B 63 -21.19 -6.18 -23.09
CA THR B 63 -22.32 -7.05 -22.81
C THR B 63 -22.58 -7.93 -24.02
N ALA B 64 -23.14 -9.11 -23.76
CA ALA B 64 -23.51 -10.04 -24.81
C ALA B 64 -24.66 -10.89 -24.32
N ARG B 65 -25.40 -11.47 -25.27
CA ARG B 65 -26.53 -12.34 -25.00
C ARG B 65 -26.21 -13.72 -25.55
N ILE B 66 -26.15 -14.72 -24.67
CA ILE B 66 -25.78 -16.08 -25.04
C ILE B 66 -27.05 -16.89 -25.24
N PRO B 67 -27.33 -17.39 -26.44
CA PRO B 67 -28.51 -18.23 -26.63
C PRO B 67 -28.36 -19.57 -25.92
N LEU B 68 -29.47 -20.06 -25.39
CA LEU B 68 -29.54 -21.32 -24.68
C LEU B 68 -30.45 -22.29 -25.42
N PRO B 69 -30.30 -23.59 -25.17
CA PRO B 69 -31.17 -24.56 -25.85
C PRO B 69 -32.64 -24.28 -25.59
N ASN B 70 -33.44 -24.30 -26.65
CA ASN B 70 -34.86 -24.03 -26.52
C ASN B 70 -35.52 -25.09 -25.65
N LEU B 71 -36.44 -24.66 -24.79
CA LEU B 71 -37.04 -25.52 -23.79
C LEU B 71 -38.51 -25.85 -24.08
N ASN B 72 -39.31 -24.85 -24.39
CA ASN B 72 -40.73 -25.04 -24.62
C ASN B 72 -41.05 -25.08 -26.11
N GLU B 73 -42.19 -25.68 -26.43
CA GLU B 73 -42.64 -25.79 -27.81
C GLU B 73 -44.09 -25.33 -27.95
N ASN B 79 -46.70 -26.98 -18.41
CA ASN B 79 -45.40 -27.35 -17.86
C ASN B 79 -44.29 -26.49 -18.44
N LEU B 80 -44.17 -25.27 -17.92
CA LEU B 80 -43.19 -24.32 -18.43
C LEU B 80 -41.84 -24.53 -17.74
N LEU B 81 -40.77 -24.39 -18.53
CA LEU B 81 -39.40 -24.54 -18.04
C LEU B 81 -38.60 -23.28 -18.32
N MET B 82 -37.64 -23.01 -17.46
CA MET B 82 -36.67 -21.94 -17.66
C MET B 82 -35.28 -22.43 -17.28
N TRP B 83 -34.28 -21.92 -17.98
CA TRP B 83 -32.90 -22.18 -17.60
C TRP B 83 -32.54 -21.32 -16.40
N GLU B 84 -31.91 -21.92 -15.41
CA GLU B 84 -31.55 -21.25 -14.17
C GLU B 84 -30.04 -21.28 -14.02
N ALA B 85 -29.42 -20.10 -14.06
CA ALA B 85 -27.98 -20.02 -13.85
C ALA B 85 -27.64 -20.32 -12.40
N VAL B 86 -26.70 -21.23 -12.18
CA VAL B 86 -26.38 -21.72 -10.85
C VAL B 86 -24.99 -21.26 -10.41
N THR B 87 -23.99 -21.37 -11.28
CA THR B 87 -22.64 -20.96 -10.95
C THR B 87 -22.00 -20.26 -12.14
N VAL B 88 -20.92 -19.54 -11.87
CA VAL B 88 -20.14 -18.87 -12.90
C VAL B 88 -18.67 -18.89 -12.50
N GLN B 89 -17.81 -19.24 -13.44
CA GLN B 89 -16.37 -19.05 -13.33
C GLN B 89 -15.98 -17.96 -14.31
N THR B 90 -15.21 -16.98 -13.82
CA THR B 90 -14.90 -15.81 -14.62
C THR B 90 -13.47 -15.35 -14.34
N GLU B 91 -12.87 -14.70 -15.32
CA GLU B 91 -11.44 -14.43 -15.28
C GLU B 91 -11.10 -13.34 -16.30
N VAL B 92 -10.16 -12.47 -15.93
CA VAL B 92 -9.66 -11.45 -16.84
C VAL B 92 -8.54 -12.06 -17.67
N ILE B 93 -8.57 -11.82 -18.98
CA ILE B 93 -7.71 -12.50 -19.93
C ILE B 93 -6.55 -11.60 -20.33
N GLY B 94 -5.33 -12.13 -20.21
CA GLY B 94 -4.15 -11.44 -20.69
C GLY B 94 -3.45 -10.55 -19.69
N ILE B 95 -3.47 -10.91 -18.40
CA ILE B 95 -2.92 -10.01 -17.39
C ILE B 95 -1.39 -9.90 -17.53
N THR B 96 -0.74 -10.93 -18.05
CA THR B 96 0.72 -10.91 -18.13
C THR B 96 1.23 -10.04 -19.27
N SER B 97 0.36 -9.55 -20.15
CA SER B 97 0.82 -8.69 -21.23
C SER B 97 1.30 -7.34 -20.72
N MET B 98 0.98 -6.98 -19.47
CA MET B 98 1.53 -5.77 -18.87
C MET B 98 2.98 -5.93 -18.45
N LEU B 99 3.55 -7.12 -18.60
CA LEU B 99 4.99 -7.33 -18.41
C LEU B 99 5.80 -6.91 -19.63
N ASN B 100 5.16 -6.37 -20.66
CA ASN B 100 5.85 -5.76 -21.79
C ASN B 100 6.11 -4.31 -21.41
N LEU B 101 7.34 -4.01 -21.00
CA LEU B 101 7.74 -2.65 -20.66
C LEU B 101 8.71 -2.05 -21.68
N HIS B 102 8.94 -2.74 -22.80
CA HIS B 102 9.88 -2.27 -23.81
C HIS B 102 9.21 -1.54 -24.95
N ALA B 103 7.88 -1.47 -24.98
CA ALA B 103 7.15 -0.94 -26.13
C ALA B 103 6.29 0.24 -25.70
N GLY B 104 6.56 1.41 -26.29
CA GLY B 104 5.65 2.53 -26.23
C GLY B 104 5.62 3.29 -24.93
N SER B 105 5.98 2.68 -23.81
CA SER B 105 5.81 3.32 -22.51
C SER B 105 7.03 4.15 -22.14
N GLN B 106 6.78 5.24 -21.42
CA GLN B 106 7.83 6.15 -20.98
C GLN B 106 8.77 5.45 -20.01
N LYS B 107 10.06 5.75 -20.12
CA LYS B 107 11.05 5.17 -19.22
C LYS B 107 10.83 5.70 -17.80
N VAL B 108 11.01 4.82 -16.82
CA VAL B 108 10.83 5.24 -15.43
C VAL B 108 11.91 6.23 -15.03
N HIS B 109 13.08 6.14 -15.65
CA HIS B 109 14.17 7.10 -15.46
C HIS B 109 15.18 6.87 -16.57
N GLU B 110 16.22 7.70 -16.59
CA GLU B 110 17.28 7.56 -17.56
C GLU B 110 17.91 6.17 -17.47
N HIS B 111 17.91 5.46 -18.60
CA HIS B 111 18.46 4.12 -18.81
C HIS B 111 17.57 3.02 -18.25
N GLY B 112 16.45 3.35 -17.63
CA GLY B 112 15.57 2.34 -17.07
C GLY B 112 14.60 1.79 -18.10
N GLY B 113 13.76 0.87 -17.62
CA GLY B 113 12.73 0.28 -18.44
C GLY B 113 11.47 1.13 -18.49
N GLY B 114 10.49 0.65 -19.24
CA GLY B 114 9.26 1.40 -19.41
C GLY B 114 8.40 1.40 -18.16
N LYS B 115 7.51 2.39 -18.10
CA LYS B 115 6.65 2.54 -16.93
C LYS B 115 5.48 1.57 -17.00
N PRO B 116 5.23 0.79 -15.95
CA PRO B 116 4.11 -0.15 -16.00
C PRO B 116 2.76 0.54 -16.04
N ILE B 117 1.76 -0.18 -16.58
CA ILE B 117 0.39 0.28 -16.51
C ILE B 117 -0.05 0.34 -15.05
N GLN B 118 -0.62 1.47 -14.65
CA GLN B 118 -1.08 1.65 -13.28
C GLN B 118 -2.12 2.76 -13.26
N GLY B 119 -2.67 3.00 -12.07
CA GLY B 119 -3.67 4.03 -11.89
C GLY B 119 -5.04 3.44 -11.59
N SER B 120 -6.05 4.30 -11.71
CA SER B 120 -7.42 3.90 -11.41
C SER B 120 -7.82 2.72 -12.28
N ASN B 121 -8.57 1.79 -11.69
CA ASN B 121 -9.04 0.62 -12.41
C ASN B 121 -10.43 0.26 -11.90
N PHE B 122 -11.17 -0.45 -12.75
CA PHE B 122 -12.53 -0.88 -12.43
C PHE B 122 -12.73 -2.27 -13.01
N HIS B 123 -13.13 -3.22 -12.16
CA HIS B 123 -13.34 -4.60 -12.59
C HIS B 123 -14.73 -5.03 -12.13
N PHE B 124 -15.54 -5.48 -13.09
CA PHE B 124 -16.97 -5.67 -12.88
C PHE B 124 -17.46 -6.75 -13.82
N PHE B 125 -18.35 -7.61 -13.33
CA PHE B 125 -19.04 -8.55 -14.19
C PHE B 125 -20.42 -8.81 -13.63
N ALA B 126 -21.29 -9.34 -14.50
CA ALA B 126 -22.67 -9.62 -14.12
C ALA B 126 -23.19 -10.78 -14.96
N VAL B 127 -24.11 -11.54 -14.36
CA VAL B 127 -24.79 -12.65 -15.03
C VAL B 127 -26.26 -12.57 -14.67
N GLY B 128 -27.14 -12.58 -15.67
CA GLY B 128 -28.55 -12.46 -15.41
C GLY B 128 -29.39 -13.05 -16.53
N GLY B 129 -30.68 -13.23 -16.21
CA GLY B 129 -31.68 -13.65 -17.17
C GLY B 129 -32.39 -12.52 -17.87
N ASP B 130 -32.05 -11.29 -17.51
CA ASP B 130 -32.53 -10.07 -18.16
C ASP B 130 -31.34 -9.16 -18.37
N PRO B 131 -31.44 -8.18 -19.27
CA PRO B 131 -30.36 -7.20 -19.41
C PRO B 131 -30.06 -6.52 -18.07
N LEU B 132 -28.77 -6.30 -17.82
CA LEU B 132 -28.36 -5.59 -16.62
C LEU B 132 -29.03 -4.23 -16.56
N GLU B 133 -29.55 -3.88 -15.39
CA GLU B 133 -30.24 -2.61 -15.18
C GLU B 133 -29.32 -1.63 -14.48
N MET B 134 -29.25 -0.41 -15.01
CA MET B 134 -28.24 0.55 -14.63
C MET B 134 -28.85 1.88 -14.21
N GLN B 135 -28.08 2.60 -13.38
CA GLN B 135 -28.45 3.89 -12.84
C GLN B 135 -27.36 4.88 -13.19
N GLY B 136 -27.75 6.06 -13.69
CA GLY B 136 -26.78 7.05 -14.12
C GLY B 136 -26.36 7.97 -13.00
N VAL B 137 -25.05 8.15 -12.85
CA VAL B 137 -24.46 9.12 -11.93
C VAL B 137 -23.28 9.76 -12.65
N LEU B 138 -23.15 11.08 -12.51
CA LEU B 138 -22.19 11.86 -13.28
C LEU B 138 -21.23 12.61 -12.36
N MET B 139 -19.96 12.69 -12.78
CA MET B 139 -19.01 13.58 -12.14
C MET B 139 -19.43 15.03 -12.31
N ASN B 140 -19.79 15.41 -13.53
CA ASN B 140 -20.16 16.77 -13.90
C ASN B 140 -21.37 16.71 -14.81
N TYR B 141 -22.52 17.19 -14.32
CA TYR B 141 -23.77 17.05 -15.05
C TYR B 141 -23.78 17.84 -16.37
N ARG B 142 -22.97 18.89 -16.47
CA ARG B 142 -22.94 19.70 -17.69
C ARG B 142 -22.09 19.09 -18.79
N THR B 143 -21.53 17.90 -18.59
CA THR B 143 -20.72 17.27 -19.61
C THR B 143 -21.53 17.04 -20.88
N LYS B 144 -20.95 17.39 -22.01
CA LYS B 144 -21.56 17.12 -23.31
C LYS B 144 -20.97 15.82 -23.83
N TYR B 145 -21.71 14.73 -23.69
CA TYR B 145 -21.20 13.45 -24.15
C TYR B 145 -21.42 13.31 -25.66
N PRO B 146 -20.52 12.63 -26.35
CA PRO B 146 -20.48 12.72 -27.80
C PRO B 146 -21.50 11.80 -28.48
N GLU B 147 -21.63 12.01 -29.79
CA GLU B 147 -22.42 11.11 -30.63
C GLU B 147 -21.90 9.69 -30.52
N GLY B 148 -22.83 8.74 -30.41
CA GLY B 148 -22.51 7.34 -30.32
C GLY B 148 -22.59 6.76 -28.92
N THR B 149 -22.61 7.59 -27.89
CA THR B 149 -22.74 7.13 -26.52
C THR B 149 -24.17 7.33 -26.03
N ILE B 150 -24.53 6.56 -25.01
CA ILE B 150 -25.83 6.68 -24.35
C ILE B 150 -25.55 7.08 -22.89
N THR B 151 -25.93 8.29 -22.54
CA THR B 151 -25.65 8.89 -21.24
C THR B 151 -26.94 9.48 -20.69
N PRO B 152 -26.97 9.84 -19.40
CA PRO B 152 -28.22 10.32 -18.78
C PRO B 152 -28.92 11.42 -19.57
N LYS B 153 -30.22 11.22 -19.79
CA LYS B 153 -31.04 12.20 -20.49
C LYS B 153 -31.50 13.28 -19.53
N ASN B 154 -31.41 14.54 -19.98
CA ASN B 154 -31.79 15.71 -19.20
C ASN B 154 -31.06 15.76 -17.87
N PRO B 155 -29.73 15.84 -17.87
CA PRO B 155 -29.01 15.88 -16.60
C PRO B 155 -29.24 17.20 -15.88
N THR B 156 -29.28 17.11 -14.56
CA THR B 156 -29.35 18.26 -13.67
C THR B 156 -28.27 18.13 -12.61
N ALA B 157 -28.20 19.12 -11.71
CA ALA B 157 -27.18 19.07 -10.67
C ALA B 157 -27.34 17.84 -9.79
N GLN B 158 -28.58 17.36 -9.59
CA GLN B 158 -28.77 16.17 -8.79
C GLN B 158 -28.34 14.90 -9.51
N SER B 159 -28.03 14.98 -10.81
CA SER B 159 -27.41 13.84 -11.48
C SER B 159 -26.05 13.52 -10.90
N GLN B 160 -25.45 14.46 -10.18
CA GLN B 160 -24.14 14.24 -9.56
C GLN B 160 -24.21 13.47 -8.26
N VAL B 161 -25.41 13.24 -7.71
CA VAL B 161 -25.54 12.41 -6.52
C VAL B 161 -26.52 11.27 -6.76
N MET B 162 -27.77 11.59 -7.07
CA MET B 162 -28.78 10.55 -7.33
C MET B 162 -29.96 11.20 -8.03
N ASN B 163 -30.12 10.92 -9.33
CA ASN B 163 -31.27 11.36 -10.13
C ASN B 163 -31.98 10.10 -10.60
N THR B 164 -33.14 9.82 -9.99
CA THR B 164 -33.82 8.55 -10.25
C THR B 164 -34.35 8.42 -11.66
N ASP B 165 -34.37 9.50 -12.45
CA ASP B 165 -34.78 9.38 -13.84
C ASP B 165 -33.74 8.68 -14.70
N HIS B 166 -32.49 8.60 -14.25
CA HIS B 166 -31.39 8.07 -15.06
C HIS B 166 -31.34 6.55 -14.92
N LYS B 167 -32.36 5.91 -15.48
CA LYS B 167 -32.48 4.46 -15.53
C LYS B 167 -32.27 3.98 -16.95
N ALA B 168 -31.50 2.90 -17.10
CA ALA B 168 -31.22 2.36 -18.43
C ALA B 168 -30.97 0.87 -18.33
N TYR B 169 -31.20 0.19 -19.45
CA TYR B 169 -30.78 -1.19 -19.63
C TYR B 169 -29.49 -1.21 -20.43
N LEU B 170 -28.54 -2.04 -20.00
CA LEU B 170 -27.33 -2.29 -20.79
C LEU B 170 -27.72 -3.13 -21.99
N ASP B 171 -28.34 -2.47 -22.97
CA ASP B 171 -28.92 -3.14 -24.13
C ASP B 171 -28.14 -2.88 -25.42
N LYS B 172 -26.95 -2.30 -25.33
CA LYS B 172 -26.12 -2.04 -26.50
C LYS B 172 -24.66 -2.06 -26.10
N ASN B 173 -23.84 -2.69 -26.91
CA ASN B 173 -22.42 -2.84 -26.63
C ASN B 173 -21.64 -1.64 -27.13
N ASN B 174 -20.58 -1.29 -26.39
CA ASN B 174 -19.71 -0.16 -26.72
C ASN B 174 -20.50 1.14 -26.89
N ALA B 175 -21.42 1.38 -25.93
CA ALA B 175 -22.27 2.58 -25.99
C ALA B 175 -22.54 3.23 -24.64
N TYR B 176 -22.55 2.49 -23.53
CA TYR B 176 -22.80 3.07 -22.22
C TYR B 176 -21.46 3.31 -21.53
N PRO B 177 -21.02 4.56 -21.40
CA PRO B 177 -19.71 4.81 -20.81
C PRO B 177 -19.66 4.38 -19.34
N VAL B 178 -18.53 3.81 -18.96
CA VAL B 178 -18.38 3.34 -17.57
C VAL B 178 -18.51 4.50 -16.60
N GLU B 179 -17.97 5.66 -16.96
CA GLU B 179 -17.98 6.81 -16.06
C GLU B 179 -19.38 7.38 -15.85
N CYS B 180 -20.38 6.92 -16.60
CA CYS B 180 -21.73 7.46 -16.50
C CYS B 180 -22.71 6.55 -15.77
N TRP B 181 -22.46 5.24 -15.73
CA TRP B 181 -23.45 4.29 -15.26
C TRP B 181 -22.85 3.32 -14.25
N ILE B 182 -23.69 2.88 -13.33
CA ILE B 182 -23.34 1.84 -12.34
C ILE B 182 -24.51 0.86 -12.25
N PRO B 183 -24.24 -0.36 -11.78
CA PRO B 183 -25.34 -1.30 -11.56
C PRO B 183 -26.33 -0.78 -10.53
N ASP B 184 -27.61 -0.90 -10.86
CA ASP B 184 -28.67 -0.33 -10.03
C ASP B 184 -29.02 -1.27 -8.89
N PRO B 185 -28.70 -0.94 -7.65
CA PRO B 185 -29.01 -1.86 -6.54
C PRO B 185 -30.49 -1.96 -6.24
N SER B 186 -31.30 -0.97 -6.61
CA SER B 186 -32.73 -1.03 -6.36
C SER B 186 -33.48 -1.90 -7.38
N ARG B 187 -32.78 -2.46 -8.36
CA ARG B 187 -33.41 -3.33 -9.33
C ARG B 187 -32.57 -4.60 -9.48
N ASN B 188 -32.50 -5.16 -10.69
CA ASN B 188 -31.68 -6.36 -10.97
C ASN B 188 -32.08 -7.53 -10.08
N GLU B 189 -33.39 -7.78 -9.96
CA GLU B 189 -33.87 -8.94 -9.21
C GLU B 189 -33.48 -10.25 -9.86
N ASN B 190 -33.18 -10.24 -11.17
CA ASN B 190 -32.86 -11.44 -11.92
C ASN B 190 -31.41 -11.43 -12.40
N THR B 191 -30.54 -10.67 -11.72
CA THR B 191 -29.14 -10.54 -12.09
C THR B 191 -28.30 -10.50 -10.83
N ARG B 192 -27.11 -11.08 -10.89
CA ARG B 192 -26.09 -10.91 -9.86
C ARG B 192 -24.92 -10.15 -10.47
N TYR B 193 -24.49 -9.09 -9.79
CA TYR B 193 -23.38 -8.28 -10.28
C TYR B 193 -22.34 -8.09 -9.19
N PHE B 194 -21.09 -7.89 -9.61
CA PHE B 194 -19.96 -7.72 -8.70
C PHE B 194 -18.98 -6.75 -9.35
N GLY B 195 -18.56 -5.74 -8.59
CA GLY B 195 -17.62 -4.76 -9.11
C GLY B 195 -16.81 -4.12 -8.01
N THR B 196 -15.58 -3.73 -8.36
CA THR B 196 -14.67 -3.07 -7.42
C THR B 196 -13.94 -1.95 -8.15
N PHE B 197 -14.03 -0.73 -7.61
CA PHE B 197 -13.32 0.42 -8.15
C PHE B 197 -12.17 0.77 -7.22
N THR B 198 -10.99 0.98 -7.80
CA THR B 198 -9.82 1.48 -7.09
C THR B 198 -9.28 2.66 -7.87
N GLY B 199 -9.16 3.81 -7.20
CA GLY B 199 -8.75 5.03 -7.87
C GLY B 199 -7.47 5.61 -7.29
N GLY B 200 -6.72 6.30 -8.13
CA GLY B 200 -5.48 6.93 -7.72
C GLY B 200 -4.46 6.89 -8.84
N GLU B 201 -3.48 7.80 -8.76
CA GLU B 201 -2.45 7.88 -9.78
C GLU B 201 -1.61 6.62 -9.83
N ASN B 202 -1.17 6.15 -8.67
CA ASN B 202 -0.14 5.12 -8.57
C ASN B 202 -0.69 3.77 -8.16
N VAL B 203 -2.01 3.57 -8.26
CA VAL B 203 -2.65 2.31 -7.87
C VAL B 203 -2.07 1.17 -8.67
N PRO B 204 -1.50 0.16 -8.03
CA PRO B 204 -1.00 -1.01 -8.76
C PRO B 204 -2.13 -1.94 -9.18
N PRO B 205 -2.10 -2.45 -10.40
CA PRO B 205 -3.05 -3.50 -10.77
C PRO B 205 -2.74 -4.80 -10.05
N VAL B 206 -3.78 -5.44 -9.53
CA VAL B 206 -3.67 -6.70 -8.82
C VAL B 206 -4.73 -7.63 -9.37
N LEU B 207 -4.31 -8.67 -10.09
CA LEU B 207 -5.22 -9.55 -10.79
C LEU B 207 -4.86 -11.01 -10.55
N HIS B 208 -5.85 -11.79 -10.11
N HIS B 208 -5.85 -11.80 -10.16
CA HIS B 208 -5.68 -13.21 -9.80
CA HIS B 208 -5.65 -13.21 -9.80
C HIS B 208 -6.32 -14.05 -10.90
C HIS B 208 -6.37 -14.11 -10.79
N VAL B 209 -5.69 -15.18 -11.21
CA VAL B 209 -6.24 -16.16 -12.14
C VAL B 209 -6.15 -17.54 -11.51
N THR B 210 -7.22 -18.31 -11.65
CA THR B 210 -7.25 -19.72 -11.26
C THR B 210 -8.55 -20.32 -11.80
N ASN B 211 -8.47 -21.59 -12.22
CA ASN B 211 -9.65 -22.32 -12.68
C ASN B 211 -10.26 -23.17 -11.57
N THR B 212 -10.01 -22.82 -10.31
CA THR B 212 -10.51 -23.56 -9.17
C THR B 212 -11.56 -22.80 -8.36
N ALA B 213 -11.89 -21.58 -8.76
CA ALA B 213 -12.83 -20.74 -8.02
C ALA B 213 -14.13 -20.59 -8.78
N THR B 214 -15.25 -20.64 -8.05
CA THR B 214 -16.57 -20.55 -8.63
C THR B 214 -17.46 -19.67 -7.76
N THR B 215 -18.29 -18.87 -8.42
CA THR B 215 -19.26 -18.02 -7.74
C THR B 215 -20.66 -18.61 -7.89
N VAL B 216 -21.31 -18.87 -6.77
CA VAL B 216 -22.68 -19.38 -6.78
C VAL B 216 -23.62 -18.22 -7.05
N LEU B 217 -24.56 -18.43 -7.97
CA LEU B 217 -25.51 -17.40 -8.38
C LEU B 217 -26.87 -17.51 -7.72
N LEU B 218 -27.06 -18.50 -6.83
CA LEU B 218 -28.35 -18.68 -6.18
C LEU B 218 -28.58 -17.60 -5.12
N ASP B 219 -29.84 -17.23 -4.94
CA ASP B 219 -30.21 -16.20 -3.97
C ASP B 219 -30.47 -16.87 -2.60
N GLU B 220 -31.13 -16.16 -1.69
CA GLU B 220 -31.39 -16.72 -0.36
C GLU B 220 -32.34 -17.91 -0.41
N GLN B 221 -33.26 -17.94 -1.38
CA GLN B 221 -34.21 -19.04 -1.52
C GLN B 221 -33.66 -20.18 -2.36
N GLY B 222 -32.39 -20.10 -2.78
CA GLY B 222 -31.81 -21.13 -3.61
C GLY B 222 -32.22 -21.07 -5.06
N VAL B 223 -32.57 -19.88 -5.56
CA VAL B 223 -32.97 -19.69 -6.95
C VAL B 223 -31.93 -18.81 -7.62
N GLY B 224 -31.43 -19.25 -8.78
CA GLY B 224 -30.52 -18.46 -9.56
C GLY B 224 -31.26 -17.63 -10.57
N PRO B 225 -30.52 -16.86 -11.39
CA PRO B 225 -31.17 -16.09 -12.46
C PRO B 225 -31.95 -17.00 -13.40
N LEU B 226 -33.21 -16.66 -13.64
CA LEU B 226 -34.08 -17.39 -14.56
C LEU B 226 -34.06 -16.69 -15.92
N CYS B 227 -33.73 -17.46 -16.96
CA CYS B 227 -33.36 -16.90 -18.26
C CYS B 227 -34.61 -16.71 -19.11
N LYS B 228 -35.08 -15.46 -19.20
CA LYS B 228 -36.22 -15.13 -20.04
C LYS B 228 -35.89 -15.34 -21.50
N ALA B 229 -36.83 -15.96 -22.22
CA ALA B 229 -36.73 -16.16 -23.67
C ALA B 229 -35.46 -16.92 -24.06
N ASP B 230 -35.07 -17.87 -23.20
CA ASP B 230 -33.88 -18.70 -23.41
C ASP B 230 -32.67 -17.84 -23.76
N SER B 231 -32.51 -16.73 -23.02
CA SER B 231 -31.45 -15.76 -23.27
C SER B 231 -30.73 -15.47 -21.97
N LEU B 232 -29.42 -15.70 -21.96
CA LEU B 232 -28.56 -15.45 -20.81
C LEU B 232 -27.69 -14.24 -21.11
N TYR B 233 -27.59 -13.33 -20.14
CA TYR B 233 -26.90 -12.06 -20.34
C TYR B 233 -25.62 -12.02 -19.50
N VAL B 234 -24.52 -11.67 -20.14
CA VAL B 234 -23.26 -11.42 -19.46
C VAL B 234 -22.85 -9.98 -19.71
N SER B 235 -22.24 -9.36 -18.72
CA SER B 235 -21.84 -7.96 -18.80
C SER B 235 -20.51 -7.80 -18.08
N ALA B 236 -19.70 -6.85 -18.53
CA ALA B 236 -18.38 -6.70 -17.92
C ALA B 236 -17.83 -5.31 -18.19
N ALA B 237 -16.88 -4.92 -17.34
CA ALA B 237 -16.06 -3.73 -17.52
C ALA B 237 -14.75 -3.98 -16.81
N ASP B 238 -13.64 -3.97 -17.54
CA ASP B 238 -12.33 -4.30 -16.96
C ASP B 238 -11.30 -3.29 -17.45
N ILE B 239 -11.38 -2.09 -16.87
CA ILE B 239 -10.36 -1.06 -17.04
C ILE B 239 -9.21 -1.39 -16.10
N CYS B 240 -8.02 -1.59 -16.65
CA CYS B 240 -6.90 -2.06 -15.85
C CYS B 240 -6.03 -0.94 -15.31
N GLY B 241 -6.02 0.20 -15.97
CA GLY B 241 -5.21 1.32 -15.53
C GLY B 241 -4.85 2.18 -16.72
N LEU B 242 -3.83 3.01 -16.52
CA LEU B 242 -3.38 3.95 -17.53
C LEU B 242 -2.03 3.54 -18.08
N PHE B 243 -1.90 3.63 -19.40
CA PHE B 243 -0.64 3.43 -20.11
C PHE B 243 -0.05 4.80 -20.40
N THR B 244 1.19 5.02 -19.97
CA THR B 244 1.86 6.30 -20.16
C THR B 244 2.83 6.18 -21.33
N ASN B 245 2.59 6.95 -22.37
CA ASN B 245 3.48 6.95 -23.53
C ASN B 245 4.74 7.75 -23.22
N SER B 246 5.74 7.60 -24.09
CA SER B 246 7.03 8.26 -23.90
C SER B 246 6.87 9.76 -23.74
N SER B 247 5.86 10.35 -24.40
CA SER B 247 5.63 11.78 -24.38
C SER B 247 4.92 12.27 -23.12
N GLY B 248 4.32 11.36 -22.34
CA GLY B 248 3.56 11.72 -21.17
C GLY B 248 2.07 11.56 -21.33
N THR B 249 1.58 11.40 -22.56
CA THR B 249 0.17 11.16 -22.78
C THR B 249 -0.23 9.82 -22.17
N GLN B 250 -1.52 9.69 -21.84
CA GLN B 250 -2.03 8.54 -21.15
C GLN B 250 -3.25 7.98 -21.86
N GLN B 251 -3.38 6.65 -21.83
CA GLN B 251 -4.50 5.95 -22.45
C GLN B 251 -4.96 4.83 -21.51
N TRP B 252 -6.27 4.60 -21.48
CA TRP B 252 -6.80 3.45 -20.75
C TRP B 252 -6.39 2.16 -21.44
N ARG B 253 -6.11 1.12 -20.65
CA ARG B 253 -5.89 -0.22 -21.16
C ARG B 253 -6.88 -1.17 -20.50
N GLY B 254 -7.62 -1.91 -21.33
CA GLY B 254 -8.58 -2.88 -20.86
C GLY B 254 -8.26 -4.27 -21.37
N LEU B 255 -8.94 -5.26 -20.79
CA LEU B 255 -8.73 -6.65 -21.15
C LEU B 255 -10.07 -7.35 -21.24
N ALA B 256 -10.08 -8.47 -21.97
CA ALA B 256 -11.27 -9.26 -22.14
C ALA B 256 -11.55 -10.10 -20.90
N ARG B 257 -12.79 -10.57 -20.79
CA ARG B 257 -13.23 -11.36 -19.66
C ARG B 257 -13.89 -12.65 -20.14
N TYR B 258 -13.59 -13.75 -19.46
CA TYR B 258 -14.12 -15.06 -19.77
C TYR B 258 -15.26 -15.41 -18.81
N PHE B 259 -16.22 -16.19 -19.30
CA PHE B 259 -17.34 -16.67 -18.52
C PHE B 259 -17.53 -18.15 -18.80
N LYS B 260 -17.79 -18.94 -17.75
CA LYS B 260 -18.32 -20.28 -17.90
C LYS B 260 -19.45 -20.44 -16.89
N ILE B 261 -20.67 -20.59 -17.40
CA ILE B 261 -21.89 -20.58 -16.60
C ILE B 261 -22.53 -21.95 -16.68
N ARG B 262 -22.87 -22.52 -15.52
CA ARG B 262 -23.59 -23.77 -15.42
C ARG B 262 -25.06 -23.48 -15.12
N LEU B 263 -25.95 -24.14 -15.86
CA LEU B 263 -27.38 -23.91 -15.73
C LEU B 263 -28.12 -25.24 -15.60
N ARG B 264 -29.35 -25.16 -15.09
CA ARG B 264 -30.23 -26.30 -14.92
C ARG B 264 -31.65 -25.91 -15.29
N LYS B 265 -32.47 -26.91 -15.57
CA LYS B 265 -33.86 -26.68 -15.98
C LYS B 265 -34.74 -26.52 -14.76
N ARG B 266 -35.56 -25.48 -14.76
CA ARG B 266 -36.44 -25.16 -13.64
C ARG B 266 -37.88 -25.10 -14.11
N SER B 267 -38.78 -25.71 -13.34
CA SER B 267 -40.21 -25.58 -13.60
C SER B 267 -40.74 -24.26 -13.04
N VAL B 268 -41.58 -23.60 -13.83
CA VAL B 268 -42.20 -22.34 -13.42
C VAL B 268 -43.67 -22.38 -13.82
N LYS B 269 -44.47 -21.54 -13.17
CA LYS B 269 -45.91 -21.51 -13.39
C LYS B 269 -46.40 -20.11 -13.74
N GLY C 3 -15.30 -34.22 -21.59
CA GLY C 3 -15.53 -35.43 -20.84
C GLY C 3 -14.26 -36.12 -20.40
N GLY C 4 -13.60 -36.77 -21.34
CA GLY C 4 -12.36 -37.49 -21.06
C GLY C 4 -12.62 -38.94 -20.67
N VAL C 5 -12.19 -39.33 -19.47
CA VAL C 5 -12.28 -40.70 -19.01
C VAL C 5 -13.33 -40.78 -17.91
N GLU C 6 -13.92 -41.97 -17.77
CA GLU C 6 -14.91 -42.24 -16.74
C GLU C 6 -14.21 -42.75 -15.49
N VAL C 7 -14.39 -42.04 -14.39
CA VAL C 7 -13.61 -42.25 -13.17
C VAL C 7 -14.37 -43.19 -12.24
N LEU C 8 -13.68 -44.24 -11.78
CA LEU C 8 -14.24 -45.26 -10.90
C LEU C 8 -13.65 -45.10 -9.50
N GLU C 9 -13.44 -46.21 -8.80
CA GLU C 9 -13.10 -46.18 -7.39
C GLU C 9 -11.62 -45.86 -7.17
N VAL C 10 -11.30 -45.38 -5.97
CA VAL C 10 -9.92 -45.11 -5.58
C VAL C 10 -9.31 -46.39 -5.04
N LYS C 11 -8.09 -46.68 -5.47
CA LYS C 11 -7.36 -47.84 -4.96
C LYS C 11 -6.89 -47.59 -3.53
N THR C 12 -6.94 -48.63 -2.71
CA THR C 12 -6.46 -48.57 -1.34
C THR C 12 -5.32 -49.57 -1.14
N GLY C 13 -4.47 -49.28 -0.18
CA GLY C 13 -3.30 -50.10 0.09
C GLY C 13 -2.11 -49.19 0.31
N VAL C 14 -1.10 -49.71 1.02
CA VAL C 14 0.08 -48.91 1.31
C VAL C 14 0.80 -48.50 0.03
N ASP C 15 0.70 -49.32 -1.02
CA ASP C 15 1.34 -49.05 -2.29
C ASP C 15 0.50 -48.18 -3.21
N ALA C 16 -0.67 -47.73 -2.76
CA ALA C 16 -1.58 -46.96 -3.60
C ALA C 16 -1.27 -45.48 -3.61
N ILE C 17 -0.28 -45.03 -2.83
CA ILE C 17 0.08 -43.61 -2.75
C ILE C 17 1.53 -43.46 -3.20
N THR C 18 1.80 -42.38 -3.93
CA THR C 18 3.16 -41.99 -4.25
C THR C 18 3.31 -40.49 -4.10
N GLU C 19 4.56 -40.07 -3.96
CA GLU C 19 4.90 -38.67 -3.72
C GLU C 19 6.09 -38.31 -4.59
N VAL C 20 5.98 -37.22 -5.34
CA VAL C 20 7.07 -36.73 -6.17
C VAL C 20 7.35 -35.28 -5.81
N GLU C 21 8.60 -34.88 -5.98
CA GLU C 21 9.03 -33.52 -5.68
C GLU C 21 10.07 -33.09 -6.72
N CYS C 22 10.18 -31.78 -6.91
CA CYS C 22 11.15 -31.23 -7.85
C CYS C 22 11.29 -29.73 -7.63
N PHE C 23 12.47 -29.22 -7.98
CA PHE C 23 12.73 -27.79 -8.06
C PHE C 23 12.70 -27.38 -9.52
N LEU C 24 11.97 -26.32 -9.83
CA LEU C 24 11.80 -25.83 -11.20
C LEU C 24 12.55 -24.51 -11.34
N ASN C 25 13.61 -24.52 -12.14
CA ASN C 25 14.43 -23.33 -12.34
C ASN C 25 13.63 -22.23 -13.02
N PRO C 26 13.90 -20.97 -12.69
CA PRO C 26 13.29 -19.86 -13.44
C PRO C 26 14.05 -19.60 -14.73
N GLU C 27 13.34 -19.03 -15.70
CA GLU C 27 13.88 -18.73 -17.03
C GLU C 27 13.63 -17.25 -17.32
N MET C 28 14.52 -16.40 -16.83
CA MET C 28 14.38 -14.95 -16.99
C MET C 28 15.08 -14.42 -18.22
N GLY C 29 15.93 -15.21 -18.87
CA GLY C 29 16.66 -14.75 -20.05
C GLY C 29 18.13 -15.12 -20.03
N ASP C 30 18.74 -15.04 -18.85
CA ASP C 30 20.14 -15.41 -18.63
C ASP C 30 21.05 -14.73 -19.64
N PRO C 31 21.32 -13.43 -19.46
CA PRO C 31 22.06 -12.69 -20.50
C PRO C 31 23.47 -13.19 -20.72
N ASP C 32 24.16 -13.62 -19.67
CA ASP C 32 25.47 -14.27 -19.82
C ASP C 32 25.60 -15.37 -18.80
N GLU C 33 26.72 -16.09 -18.89
CA GLU C 33 26.91 -17.30 -18.08
C GLU C 33 26.97 -17.00 -16.59
N ASN C 34 27.24 -15.75 -16.20
CA ASN C 34 27.32 -15.40 -14.79
C ASN C 34 26.00 -14.93 -14.20
N LEU C 35 25.08 -14.44 -15.03
CA LEU C 35 23.84 -13.83 -14.57
C LEU C 35 22.64 -14.76 -14.72
N ARG C 36 22.82 -16.04 -14.42
CA ARG C 36 21.70 -16.96 -14.33
C ARG C 36 20.67 -16.43 -13.33
N GLY C 37 19.40 -16.44 -13.73
CA GLY C 37 18.33 -15.93 -12.90
C GLY C 37 17.95 -14.49 -13.17
N PHE C 38 18.71 -13.78 -13.99
CA PHE C 38 18.39 -12.42 -14.38
C PHE C 38 18.03 -12.38 -15.86
N SER C 39 17.47 -11.24 -16.28
CA SER C 39 17.21 -10.98 -17.69
C SER C 39 18.25 -10.02 -18.23
N LEU C 40 18.27 -9.86 -19.54
CA LEU C 40 18.99 -8.75 -20.14
C LEU C 40 18.38 -7.45 -19.64
N LYS C 41 19.19 -6.39 -19.64
CA LYS C 41 18.66 -5.09 -19.23
C LYS C 41 17.52 -4.67 -20.13
N LEU C 42 16.56 -3.94 -19.56
CA LEU C 42 15.33 -3.60 -20.27
C LEU C 42 15.52 -2.36 -21.13
N SER C 43 15.10 -2.45 -22.38
CA SER C 43 14.97 -1.29 -23.23
C SER C 43 13.63 -0.60 -22.97
N ALA C 44 13.48 0.61 -23.49
CA ALA C 44 12.25 1.37 -23.23
C ALA C 44 11.98 2.32 -24.38
N GLU C 45 10.71 2.66 -24.53
CA GLU C 45 10.21 3.70 -25.43
C GLU C 45 10.29 3.31 -26.90
N ASN C 46 10.46 2.02 -27.20
CA ASN C 46 10.33 1.56 -28.58
C ASN C 46 8.89 1.71 -29.03
N ASP C 47 8.69 2.40 -30.16
CA ASP C 47 7.35 2.58 -30.70
C ASP C 47 6.74 1.23 -31.05
N PHE C 48 5.42 1.15 -30.92
CA PHE C 48 4.72 -0.10 -31.21
C PHE C 48 5.02 -0.61 -32.62
N SER C 49 5.34 0.29 -33.55
CA SER C 49 5.62 -0.09 -34.92
C SER C 49 7.02 -0.65 -35.12
N SER C 50 7.88 -0.60 -34.12
CA SER C 50 9.26 -1.09 -34.24
C SER C 50 9.70 -1.77 -32.95
N ASP C 51 8.80 -2.51 -32.32
CA ASP C 51 9.11 -3.26 -31.12
C ASP C 51 9.69 -4.62 -31.49
N SER C 52 10.93 -4.88 -31.06
CA SER C 52 11.61 -6.13 -31.40
C SER C 52 12.56 -6.51 -30.27
N PRO C 53 12.02 -7.07 -29.18
CA PRO C 53 12.86 -7.38 -28.02
C PRO C 53 13.82 -8.54 -28.29
N GLU C 54 14.98 -8.47 -27.64
CA GLU C 54 15.94 -9.57 -27.71
C GLU C 54 15.45 -10.74 -26.86
N ARG C 55 15.89 -11.95 -27.23
N ARG C 55 15.91 -11.94 -27.23
CA ARG C 55 15.41 -13.14 -26.54
CA ARG C 55 15.46 -13.16 -26.58
C ARG C 55 15.82 -13.13 -25.07
C ARG C 55 15.88 -13.22 -25.11
N LYS C 56 17.03 -12.68 -24.77
CA LYS C 56 17.53 -12.67 -23.41
C LYS C 56 16.85 -11.63 -22.52
N MET C 57 15.94 -10.81 -23.08
CA MET C 57 15.21 -9.83 -22.29
C MET C 57 13.85 -10.33 -21.84
N LEU C 58 13.39 -11.47 -22.36
CA LEU C 58 12.01 -11.91 -22.18
C LEU C 58 11.95 -13.10 -21.22
N PRO C 59 11.40 -12.92 -20.01
CA PRO C 59 11.17 -14.08 -19.14
C PRO C 59 10.17 -15.04 -19.76
N CYS C 60 10.38 -16.33 -19.52
CA CYS C 60 9.54 -17.37 -20.09
C CYS C 60 8.96 -18.26 -18.99
N TYR C 61 7.92 -19.00 -19.34
CA TYR C 61 7.34 -19.95 -18.42
C TYR C 61 8.28 -21.14 -18.23
N SER C 62 8.32 -21.66 -17.01
CA SER C 62 9.07 -22.86 -16.69
C SER C 62 8.10 -24.05 -16.66
N THR C 63 8.59 -25.22 -17.05
CA THR C 63 7.75 -26.41 -17.08
C THR C 63 8.64 -27.64 -17.07
N ALA C 64 8.08 -28.75 -16.58
CA ALA C 64 8.77 -30.03 -16.59
C ALA C 64 7.72 -31.13 -16.57
N ARG C 65 8.03 -32.22 -17.27
CA ARG C 65 7.20 -33.42 -17.25
C ARG C 65 7.89 -34.47 -16.38
N ILE C 66 7.18 -34.93 -15.35
CA ILE C 66 7.73 -35.89 -14.39
C ILE C 66 7.14 -37.26 -14.72
N PRO C 67 7.97 -38.25 -15.07
CA PRO C 67 7.45 -39.61 -15.28
C PRO C 67 7.13 -40.29 -13.96
N LEU C 68 5.97 -40.94 -13.91
CA LEU C 68 5.46 -41.61 -12.73
C LEU C 68 5.61 -43.13 -12.86
N PRO C 69 5.54 -43.87 -11.76
CA PRO C 69 5.66 -45.34 -11.86
C PRO C 69 4.54 -45.94 -12.70
N ASN C 70 4.92 -46.90 -13.55
CA ASN C 70 3.96 -47.61 -14.38
C ASN C 70 3.13 -48.54 -13.49
N LEU C 71 1.86 -48.18 -13.27
CA LEU C 71 1.01 -48.90 -12.33
C LEU C 71 0.10 -49.93 -12.99
N ASN C 72 0.05 -49.98 -14.32
CA ASN C 72 -0.73 -51.02 -14.99
C ASN C 72 0.06 -52.30 -15.21
N GLU C 73 1.40 -52.21 -15.19
CA GLU C 73 2.33 -53.35 -15.17
C GLU C 73 1.84 -54.63 -15.86
N ASN C 79 -8.73 -53.82 -15.20
CA ASN C 79 -9.19 -52.45 -15.29
C ASN C 79 -8.01 -51.49 -15.18
N LEU C 80 -8.03 -50.43 -15.99
CA LEU C 80 -6.90 -49.52 -16.09
C LEU C 80 -6.88 -48.53 -14.92
N LEU C 81 -5.66 -48.18 -14.49
CA LEU C 81 -5.44 -47.24 -13.41
C LEU C 81 -4.69 -46.02 -13.93
N MET C 82 -4.88 -44.90 -13.26
CA MET C 82 -4.15 -43.67 -13.53
C MET C 82 -3.74 -43.03 -12.20
N TRP C 83 -2.60 -42.34 -12.21
CA TRP C 83 -2.21 -41.56 -11.05
C TRP C 83 -3.06 -40.30 -10.97
N GLU C 84 -3.62 -40.05 -9.79
CA GLU C 84 -4.49 -38.91 -9.55
C GLU C 84 -3.80 -37.96 -8.58
N ALA C 85 -3.50 -36.75 -9.06
CA ALA C 85 -2.86 -35.75 -8.20
C ALA C 85 -3.86 -35.19 -7.20
N VAL C 86 -3.51 -35.24 -5.92
CA VAL C 86 -4.44 -34.96 -4.83
C VAL C 86 -4.08 -33.66 -4.12
N THR C 87 -2.81 -33.49 -3.75
CA THR C 87 -2.36 -32.30 -3.04
C THR C 87 -1.02 -31.84 -3.61
N VAL C 88 -0.73 -30.56 -3.42
CA VAL C 88 0.55 -29.98 -3.81
C VAL C 88 1.00 -29.01 -2.72
N GLN C 89 2.26 -29.12 -2.31
CA GLN C 89 2.93 -28.13 -1.50
C GLN C 89 3.94 -27.41 -2.39
N THR C 90 3.91 -26.08 -2.39
CA THR C 90 4.77 -25.32 -3.30
C THR C 90 5.24 -24.05 -2.61
N GLU C 91 6.36 -23.52 -3.11
CA GLU C 91 7.13 -22.52 -2.38
C GLU C 91 8.18 -21.91 -3.31
N VAL C 92 8.45 -20.63 -3.14
CA VAL C 92 9.48 -19.94 -3.92
C VAL C 92 10.80 -20.04 -3.15
N ILE C 93 11.87 -20.39 -3.86
CA ILE C 93 13.15 -20.74 -3.24
C ILE C 93 14.10 -19.55 -3.36
N GLY C 94 14.63 -19.12 -2.22
CA GLY C 94 15.66 -18.09 -2.20
C GLY C 94 15.17 -16.68 -2.01
N ILE C 95 14.07 -16.48 -1.29
CA ILE C 95 13.50 -15.14 -1.15
C ILE C 95 14.42 -14.23 -0.35
N THR C 96 15.20 -14.78 0.58
CA THR C 96 16.07 -13.94 1.41
C THR C 96 17.29 -13.43 0.65
N SER C 97 17.56 -13.95 -0.54
CA SER C 97 18.69 -13.47 -1.33
C SER C 97 18.52 -12.00 -1.73
N MET C 98 17.29 -11.49 -1.71
CA MET C 98 17.04 -10.08 -1.99
C MET C 98 17.43 -9.16 -0.85
N LEU C 99 17.92 -9.70 0.26
CA LEU C 99 18.49 -8.90 1.34
C LEU C 99 19.95 -8.55 1.09
N ASN C 100 20.51 -8.97 -0.04
CA ASN C 100 21.83 -8.51 -0.49
C ASN C 100 21.64 -7.16 -1.17
N LEU C 101 21.94 -6.08 -0.46
CA LEU C 101 21.86 -4.73 -1.01
C LEU C 101 23.23 -4.10 -1.20
N HIS C 102 24.30 -4.86 -1.00
CA HIS C 102 25.67 -4.37 -1.17
C HIS C 102 26.25 -4.70 -2.54
N ALA C 103 25.54 -5.45 -3.37
CA ALA C 103 26.06 -5.89 -4.66
C ALA C 103 25.25 -5.31 -5.81
N GLY C 104 25.93 -4.64 -6.73
CA GLY C 104 25.39 -4.33 -8.03
C GLY C 104 24.26 -3.31 -8.13
N SER C 105 23.50 -3.13 -7.07
CA SER C 105 22.31 -2.29 -7.14
C SER C 105 22.62 -0.83 -6.85
N GLN C 106 21.85 0.05 -7.48
CA GLN C 106 22.02 1.49 -7.32
C GLN C 106 21.70 1.93 -5.90
N LYS C 107 22.47 2.88 -5.39
CA LYS C 107 22.25 3.36 -4.03
C LYS C 107 20.96 4.16 -3.94
N VAL C 108 20.22 3.97 -2.85
CA VAL C 108 18.92 4.63 -2.70
C VAL C 108 19.10 6.14 -2.57
N HIS C 109 20.26 6.58 -2.08
CA HIS C 109 20.61 7.98 -1.96
C HIS C 109 22.08 8.05 -1.58
N GLU C 110 22.60 9.26 -1.51
CA GLU C 110 24.00 9.47 -1.15
C GLU C 110 24.27 8.88 0.23
N HIS C 111 25.20 7.92 0.29
CA HIS C 111 25.70 7.20 1.46
C HIS C 111 24.77 6.06 1.89
N GLY C 112 23.64 5.85 1.22
CA GLY C 112 22.73 4.79 1.60
C GLY C 112 23.07 3.46 0.97
N GLY C 113 22.28 2.44 1.32
CA GLY C 113 22.43 1.12 0.77
C GLY C 113 21.84 1.01 -0.64
N GLY C 114 21.95 -0.19 -1.20
CA GLY C 114 21.46 -0.42 -2.53
C GLY C 114 19.93 -0.45 -2.59
N LYS C 115 19.41 -0.27 -3.81
CA LYS C 115 17.97 -0.23 -4.01
C LYS C 115 17.44 -1.65 -4.06
N PRO C 116 16.46 -2.01 -3.21
CA PRO C 116 15.93 -3.37 -3.23
C PRO C 116 15.22 -3.68 -4.53
N ILE C 117 15.22 -4.97 -4.88
CA ILE C 117 14.42 -5.44 -6.00
C ILE C 117 12.96 -5.14 -5.74
N GLN C 118 12.32 -4.47 -6.71
CA GLN C 118 10.91 -4.11 -6.58
C GLN C 118 10.37 -3.88 -7.99
N GLY C 119 9.06 -3.70 -8.04
CA GLY C 119 8.37 -3.43 -9.30
C GLY C 119 7.34 -4.50 -9.60
N SER C 120 6.90 -4.52 -10.86
CA SER C 120 5.93 -5.49 -11.32
C SER C 120 6.45 -6.91 -11.12
N ASN C 121 5.55 -7.81 -10.75
CA ASN C 121 5.92 -9.20 -10.51
C ASN C 121 4.74 -10.10 -10.87
N PHE C 122 5.06 -11.39 -11.04
CA PHE C 122 4.09 -12.39 -11.42
C PHE C 122 4.50 -13.71 -10.78
N HIS C 123 3.57 -14.33 -10.07
CA HIS C 123 3.84 -15.59 -9.38
C HIS C 123 2.73 -16.58 -9.72
N PHE C 124 3.12 -17.74 -10.23
CA PHE C 124 2.20 -18.62 -10.90
C PHE C 124 2.73 -20.05 -10.87
N PHE C 125 1.85 -21.01 -10.63
CA PHE C 125 2.21 -22.41 -10.74
C PHE C 125 0.98 -23.20 -11.19
N ALA C 126 1.23 -24.38 -11.74
CA ALA C 126 0.18 -25.25 -12.21
C ALA C 126 0.61 -26.70 -12.06
N VAL C 127 -0.37 -27.57 -11.79
CA VAL C 127 -0.16 -29.00 -11.72
C VAL C 127 -1.24 -29.67 -12.55
N GLY C 128 -0.85 -30.64 -13.37
CA GLY C 128 -1.84 -31.30 -14.20
C GLY C 128 -1.33 -32.61 -14.77
N GLY C 129 -2.27 -33.39 -15.28
CA GLY C 129 -1.99 -34.60 -16.03
C GLY C 129 -1.81 -34.39 -17.51
N ASP C 130 -1.98 -33.16 -17.97
CA ASP C 130 -1.73 -32.72 -19.33
C ASP C 130 -0.78 -31.53 -19.28
N PRO C 131 -0.17 -31.16 -20.41
CA PRO C 131 0.55 -29.89 -20.44
C PRO C 131 -0.40 -28.73 -20.20
N LEU C 132 0.11 -27.68 -19.57
CA LEU C 132 -0.71 -26.49 -19.37
C LEU C 132 -1.14 -25.91 -20.71
N GLU C 133 -2.42 -25.63 -20.84
CA GLU C 133 -2.99 -25.05 -22.04
C GLU C 133 -3.04 -23.54 -21.90
N MET C 134 -2.58 -22.83 -22.94
CA MET C 134 -2.36 -21.40 -22.84
C MET C 134 -3.02 -20.65 -23.98
N GLN C 135 -3.37 -19.40 -23.69
CA GLN C 135 -4.04 -18.50 -24.61
C GLN C 135 -3.19 -17.25 -24.78
N GLY C 136 -2.96 -16.85 -26.04
CA GLY C 136 -2.08 -15.74 -26.34
C GLY C 136 -2.79 -14.41 -26.32
N VAL C 137 -2.23 -13.47 -25.55
CA VAL C 137 -2.66 -12.08 -25.55
C VAL C 137 -1.40 -11.21 -25.57
N LEU C 138 -1.43 -10.16 -26.39
CA LEU C 138 -0.26 -9.33 -26.63
C LEU C 138 -0.54 -7.88 -26.25
N MET C 139 0.46 -7.24 -25.63
CA MET C 139 0.40 -5.80 -25.43
C MET C 139 0.34 -5.07 -26.77
N ASN C 140 1.16 -5.50 -27.71
CA ASN C 140 1.29 -4.87 -29.02
C ASN C 140 1.44 -5.97 -30.06
N TYR C 141 0.42 -6.14 -30.91
CA TYR C 141 0.44 -7.24 -31.87
C TYR C 141 1.54 -7.08 -32.91
N ARG C 142 2.03 -5.86 -33.14
CA ARG C 142 3.08 -5.62 -34.12
C ARG C 142 4.47 -5.97 -33.62
N THR C 143 4.60 -6.49 -32.40
CA THR C 143 5.91 -6.84 -31.87
C THR C 143 6.53 -7.97 -32.68
N LYS C 144 7.80 -7.80 -33.05
CA LYS C 144 8.59 -8.85 -33.67
C LYS C 144 9.29 -9.61 -32.55
N TYR C 145 8.77 -10.78 -32.22
CA TYR C 145 9.43 -11.57 -31.18
C TYR C 145 10.58 -12.37 -31.79
N PRO C 146 11.63 -12.61 -31.03
CA PRO C 146 12.89 -13.08 -31.60
C PRO C 146 12.92 -14.58 -31.83
N GLU C 147 13.96 -15.01 -32.56
CA GLU C 147 14.23 -16.42 -32.75
C GLU C 147 14.44 -17.10 -31.40
N GLY C 148 13.92 -18.31 -31.27
CA GLY C 148 14.05 -19.06 -30.03
C GLY C 148 12.86 -18.96 -29.10
N THR C 149 11.93 -18.04 -29.35
CA THR C 149 10.71 -17.94 -28.57
C THR C 149 9.53 -18.47 -29.39
N ILE C 150 8.46 -18.79 -28.68
CA ILE C 150 7.21 -19.23 -29.30
C ILE C 150 6.13 -18.25 -28.87
N THR C 151 5.64 -17.45 -29.81
CA THR C 151 4.67 -16.40 -29.58
C THR C 151 3.55 -16.54 -30.62
N PRO C 152 2.42 -15.86 -30.41
CA PRO C 152 1.25 -16.08 -31.28
C PRO C 152 1.56 -15.96 -32.77
N LYS C 153 1.05 -16.94 -33.53
CA LYS C 153 1.22 -16.97 -34.97
C LYS C 153 0.14 -16.12 -35.64
N ASN C 154 0.53 -15.41 -36.69
CA ASN C 154 -0.37 -14.53 -37.43
C ASN C 154 -1.10 -13.54 -36.52
N PRO C 155 -0.38 -12.69 -35.78
CA PRO C 155 -1.04 -11.78 -34.85
C PRO C 155 -1.74 -10.65 -35.59
N THR C 156 -2.93 -10.30 -35.11
CA THR C 156 -3.69 -9.15 -35.60
C THR C 156 -4.05 -8.27 -34.41
N ALA C 157 -4.76 -7.16 -34.69
CA ALA C 157 -5.10 -6.23 -33.63
C ALA C 157 -5.98 -6.86 -32.55
N GLN C 158 -6.74 -7.91 -32.88
CA GLN C 158 -7.54 -8.58 -31.88
C GLN C 158 -6.71 -9.49 -30.98
N SER C 159 -5.45 -9.75 -31.34
N SER C 159 -5.45 -9.75 -31.34
CA SER C 159 -4.54 -10.44 -30.42
CA SER C 159 -4.54 -10.44 -30.42
C SER C 159 -4.26 -9.61 -29.18
C SER C 159 -4.26 -9.61 -29.18
N GLN C 160 -4.57 -8.31 -29.23
CA GLN C 160 -4.42 -7.45 -28.06
C GLN C 160 -5.61 -7.53 -27.12
N VAL C 161 -6.69 -8.21 -27.50
CA VAL C 161 -7.83 -8.43 -26.62
C VAL C 161 -8.11 -9.93 -26.48
N MET C 162 -8.64 -10.55 -27.53
CA MET C 162 -8.88 -12.00 -27.51
C MET C 162 -8.89 -12.51 -28.95
N ASN C 163 -7.89 -13.32 -29.30
CA ASN C 163 -7.80 -13.96 -30.62
C ASN C 163 -7.78 -15.47 -30.36
N THR C 164 -8.91 -16.13 -30.64
CA THR C 164 -9.06 -17.53 -30.28
C THR C 164 -8.15 -18.47 -31.07
N ASP C 165 -7.41 -17.97 -32.06
CA ASP C 165 -6.44 -18.81 -32.75
C ASP C 165 -5.14 -18.98 -31.98
N HIS C 166 -4.94 -18.21 -30.91
CA HIS C 166 -3.70 -18.25 -30.14
C HIS C 166 -3.82 -19.26 -29.00
N LYS C 167 -3.80 -20.54 -29.39
CA LYS C 167 -3.81 -21.65 -28.46
C LYS C 167 -2.49 -22.39 -28.52
N ALA C 168 -2.01 -22.85 -27.37
CA ALA C 168 -0.75 -23.57 -27.32
C ALA C 168 -0.68 -24.40 -26.05
N TYR C 169 0.16 -25.43 -26.11
CA TYR C 169 0.55 -26.21 -24.94
C TYR C 169 1.88 -25.70 -24.43
N LEU C 170 1.98 -25.49 -23.12
CA LEU C 170 3.28 -25.22 -22.49
C LEU C 170 4.06 -26.52 -22.59
N ASP C 171 4.65 -26.74 -23.77
CA ASP C 171 5.30 -28.00 -24.11
C ASP C 171 6.80 -27.84 -24.33
N LYS C 172 7.36 -26.70 -23.97
CA LYS C 172 8.79 -26.47 -24.12
C LYS C 172 9.23 -25.46 -23.06
N ASN C 173 10.38 -25.72 -22.46
CA ASN C 173 10.90 -24.87 -21.39
C ASN C 173 11.75 -23.75 -21.96
N ASN C 174 11.69 -22.59 -21.32
CA ASN C 174 12.46 -21.41 -21.73
C ASN C 174 12.15 -21.03 -23.18
N ALA C 175 10.86 -21.03 -23.53
CA ALA C 175 10.47 -20.80 -24.92
C ALA C 175 9.24 -19.89 -25.02
N TYR C 176 8.28 -20.05 -24.12
CA TYR C 176 7.04 -19.28 -24.18
C TYR C 176 7.16 -18.04 -23.32
N PRO C 177 7.25 -16.84 -23.90
CA PRO C 177 7.40 -15.63 -23.09
C PRO C 177 6.18 -15.40 -22.20
N VAL C 178 6.45 -14.98 -20.96
CA VAL C 178 5.37 -14.75 -20.02
C VAL C 178 4.47 -13.63 -20.49
N GLU C 179 5.04 -12.61 -21.13
CA GLU C 179 4.25 -11.46 -21.56
C GLU C 179 3.31 -11.78 -22.73
N CYS C 180 3.42 -12.96 -23.34
CA CYS C 180 2.59 -13.32 -24.47
C CYS C 180 1.50 -14.34 -24.15
N TRP C 181 1.60 -15.06 -23.03
CA TRP C 181 0.72 -16.19 -22.78
C TRP C 181 0.20 -16.16 -21.36
N ILE C 182 -1.05 -16.61 -21.21
CA ILE C 182 -1.68 -16.82 -19.89
C ILE C 182 -2.41 -18.16 -19.92
N PRO C 183 -2.67 -18.74 -18.76
CA PRO C 183 -3.44 -19.98 -18.72
C PRO C 183 -4.84 -19.78 -19.27
N ASP C 184 -5.30 -20.77 -20.03
CA ASP C 184 -6.56 -20.66 -20.75
C ASP C 184 -7.70 -21.17 -19.87
N PRO C 185 -8.59 -20.29 -19.38
CA PRO C 185 -9.68 -20.76 -18.52
C PRO C 185 -10.74 -21.56 -19.27
N SER C 186 -10.83 -21.43 -20.59
CA SER C 186 -11.79 -22.20 -21.36
C SER C 186 -11.36 -23.64 -21.58
N ARG C 187 -10.16 -24.01 -21.16
CA ARG C 187 -9.69 -25.37 -21.27
C ARG C 187 -9.10 -25.81 -19.93
N ASN C 188 -8.01 -26.57 -19.95
CA ASN C 188 -7.33 -27.01 -18.72
C ASN C 188 -8.27 -27.82 -17.82
N GLU C 189 -9.00 -28.76 -18.44
CA GLU C 189 -9.88 -29.64 -17.67
C GLU C 189 -9.09 -30.58 -16.76
N ASN C 190 -7.82 -30.84 -17.07
CA ASN C 190 -7.00 -31.78 -16.33
C ASN C 190 -5.83 -31.09 -15.65
N THR C 191 -6.00 -29.82 -15.29
CA THR C 191 -4.94 -29.02 -14.67
C THR C 191 -5.58 -28.01 -13.74
N ARG C 192 -4.96 -27.81 -12.57
CA ARG C 192 -5.29 -26.70 -11.69
C ARG C 192 -4.15 -25.69 -11.75
N TYR C 193 -4.48 -24.42 -11.93
CA TYR C 193 -3.46 -23.38 -12.03
C TYR C 193 -3.83 -22.21 -11.15
N PHE C 194 -2.81 -21.48 -10.72
CA PHE C 194 -2.96 -20.36 -9.77
C PHE C 194 -1.92 -19.31 -10.11
N GLY C 195 -2.35 -18.06 -10.25
CA GLY C 195 -1.43 -16.98 -10.57
C GLY C 195 -1.93 -15.65 -10.06
N THR C 196 -0.99 -14.73 -9.80
CA THR C 196 -1.32 -13.39 -9.36
C THR C 196 -0.32 -12.41 -9.98
N PHE C 197 -0.84 -11.35 -10.59
CA PHE C 197 -0.01 -10.29 -11.15
C PHE C 197 -0.18 -9.00 -10.35
N THR C 198 0.95 -8.34 -10.07
CA THR C 198 0.96 -7.04 -9.41
C THR C 198 1.94 -6.15 -10.15
N GLY C 199 1.42 -5.10 -10.79
CA GLY C 199 2.22 -4.22 -11.62
C GLY C 199 2.37 -2.85 -10.99
N GLY C 200 3.47 -2.18 -11.31
CA GLY C 200 3.76 -0.86 -10.77
C GLY C 200 5.24 -0.76 -10.45
N GLU C 201 5.79 0.46 -10.61
CA GLU C 201 7.23 0.64 -10.47
C GLU C 201 7.71 0.30 -9.07
N ASN C 202 6.90 0.62 -8.05
CA ASN C 202 7.30 0.51 -6.66
C ASN C 202 6.56 -0.59 -5.91
N VAL C 203 6.04 -1.58 -6.64
CA VAL C 203 5.37 -2.69 -5.96
C VAL C 203 6.38 -3.45 -5.12
N PRO C 204 6.11 -3.70 -3.84
CA PRO C 204 7.04 -4.46 -3.01
C PRO C 204 6.82 -5.95 -3.15
N PRO C 205 7.89 -6.74 -3.28
CA PRO C 205 7.73 -8.20 -3.24
C PRO C 205 7.23 -8.66 -1.88
N VAL C 206 6.27 -9.57 -1.90
CA VAL C 206 5.70 -10.17 -0.69
C VAL C 206 5.65 -11.67 -0.91
N LEU C 207 6.44 -12.41 -0.14
CA LEU C 207 6.60 -13.85 -0.35
C LEU C 207 6.57 -14.56 0.99
N HIS C 208 5.78 -15.63 1.06
N HIS C 208 5.83 -15.67 1.06
CA HIS C 208 5.64 -16.44 2.26
CA HIS C 208 5.63 -16.41 2.29
C HIS C 208 6.26 -17.80 2.03
C HIS C 208 6.10 -17.85 2.11
N VAL C 209 6.85 -18.36 3.08
CA VAL C 209 7.38 -19.72 3.05
C VAL C 209 6.89 -20.45 4.30
N THR C 210 6.40 -21.68 4.12
CA THR C 210 6.06 -22.57 5.21
C THR C 210 5.87 -23.97 4.65
N ASN C 211 6.31 -24.97 5.42
CA ASN C 211 6.12 -26.36 5.04
C ASN C 211 4.86 -26.96 5.63
N THR C 212 3.92 -26.12 6.06
CA THR C 212 2.67 -26.58 6.68
C THR C 212 1.44 -26.28 5.82
N ALA C 213 1.62 -25.70 4.64
CA ALA C 213 0.49 -25.31 3.79
C ALA C 213 0.39 -26.26 2.61
N THR C 214 -0.85 -26.65 2.28
CA THR C 214 -1.11 -27.59 1.20
C THR C 214 -2.32 -27.11 0.41
N THR C 215 -2.21 -27.14 -0.91
CA THR C 215 -3.32 -26.86 -1.80
C THR C 215 -3.90 -28.16 -2.31
N VAL C 216 -5.22 -28.32 -2.17
CA VAL C 216 -5.92 -29.52 -2.59
C VAL C 216 -6.27 -29.40 -4.07
N LEU C 217 -6.02 -30.47 -4.82
CA LEU C 217 -6.18 -30.46 -6.27
C LEU C 217 -7.49 -31.09 -6.74
N LEU C 218 -8.31 -31.62 -5.83
CA LEU C 218 -9.56 -32.25 -6.23
C LEU C 218 -10.58 -31.20 -6.67
N ASP C 219 -11.44 -31.58 -7.60
CA ASP C 219 -12.49 -30.69 -8.07
C ASP C 219 -13.74 -30.89 -7.21
N GLU C 220 -14.90 -30.42 -7.69
CA GLU C 220 -16.12 -30.52 -6.89
C GLU C 220 -16.58 -31.96 -6.70
N GLN C 221 -16.26 -32.84 -7.65
CA GLN C 221 -16.58 -34.25 -7.54
C GLN C 221 -15.53 -35.05 -6.79
N GLY C 222 -14.50 -34.39 -6.27
CA GLY C 222 -13.43 -35.09 -5.58
C GLY C 222 -12.45 -35.78 -6.49
N VAL C 223 -12.28 -35.28 -7.70
CA VAL C 223 -11.35 -35.84 -8.67
C VAL C 223 -10.21 -34.85 -8.88
N GLY C 224 -8.98 -35.36 -8.86
CA GLY C 224 -7.83 -34.55 -9.15
C GLY C 224 -7.39 -34.72 -10.60
N PRO C 225 -6.36 -33.97 -11.00
CA PRO C 225 -5.79 -34.20 -12.34
C PRO C 225 -5.37 -35.64 -12.51
N LEU C 226 -5.77 -36.22 -13.65
CA LEU C 226 -5.44 -37.60 -13.99
C LEU C 226 -4.28 -37.61 -14.97
N CYS C 227 -3.22 -38.33 -14.62
CA CYS C 227 -1.97 -38.28 -15.36
C CYS C 227 -2.05 -39.21 -16.57
N LYS C 228 -2.36 -38.64 -17.73
CA LYS C 228 -2.31 -39.38 -18.98
C LYS C 228 -0.87 -39.77 -19.30
N ALA C 229 -0.71 -41.00 -19.80
CA ALA C 229 0.61 -41.54 -20.16
C ALA C 229 1.58 -41.50 -18.98
N ASP C 230 1.04 -41.60 -17.76
CA ASP C 230 1.84 -41.71 -16.54
C ASP C 230 2.82 -40.55 -16.40
N SER C 231 2.42 -39.36 -16.87
CA SER C 231 3.25 -38.17 -16.78
C SER C 231 2.53 -37.09 -15.97
N LEU C 232 3.31 -36.40 -15.14
CA LEU C 232 2.81 -35.29 -14.32
C LEU C 232 3.50 -34.01 -14.77
N TYR C 233 2.71 -32.96 -14.95
CA TYR C 233 3.20 -31.70 -15.50
C TYR C 233 3.18 -30.62 -14.43
N VAL C 234 4.33 -30.01 -14.19
CA VAL C 234 4.45 -28.86 -13.32
C VAL C 234 4.88 -27.66 -14.17
N SER C 235 4.32 -26.49 -13.84
CA SER C 235 4.60 -25.28 -14.57
C SER C 235 4.70 -24.12 -13.58
N ALA C 236 5.54 -23.14 -13.91
CA ALA C 236 5.76 -22.04 -12.98
C ALA C 236 6.25 -20.81 -13.72
N ALA C 237 6.03 -19.66 -13.09
CA ALA C 237 6.63 -18.39 -13.49
C ALA C 237 6.67 -17.52 -12.24
N ASP C 238 7.87 -17.08 -11.84
CA ASP C 238 8.04 -16.34 -10.60
C ASP C 238 9.00 -15.18 -10.87
N ILE C 239 8.50 -14.18 -11.57
CA ILE C 239 9.21 -12.91 -11.72
C ILE C 239 9.03 -12.12 -10.42
N CYS C 240 10.13 -11.79 -9.78
CA CYS C 240 10.07 -11.17 -8.45
C CYS C 240 10.08 -9.65 -8.50
N GLY C 241 10.46 -9.06 -9.62
CA GLY C 241 10.55 -7.62 -9.76
C GLY C 241 11.79 -7.25 -10.53
N LEU C 242 12.16 -5.97 -10.46
CA LEU C 242 13.27 -5.42 -11.23
C LEU C 242 14.46 -5.14 -10.32
N PHE C 243 15.65 -5.42 -10.85
CA PHE C 243 16.92 -5.08 -10.22
C PHE C 243 17.48 -3.85 -10.92
N THR C 244 17.75 -2.80 -10.15
CA THR C 244 18.24 -1.54 -10.70
C THR C 244 19.74 -1.44 -10.47
N ASN C 245 20.50 -1.46 -11.56
CA ASN C 245 21.95 -1.36 -11.47
C ASN C 245 22.37 0.08 -11.18
N SER C 246 23.65 0.24 -10.82
CA SER C 246 24.15 1.55 -10.40
C SER C 246 23.98 2.60 -11.49
N SER C 247 24.00 2.19 -12.76
CA SER C 247 23.84 3.13 -13.86
C SER C 247 22.38 3.52 -14.09
N GLY C 248 21.44 2.78 -13.51
CA GLY C 248 20.03 3.00 -13.76
C GLY C 248 19.37 1.95 -14.63
N THR C 249 20.15 1.09 -15.28
CA THR C 249 19.57 0.01 -16.04
C THR C 249 18.86 -0.98 -15.11
N GLN C 250 17.90 -1.72 -15.68
CA GLN C 250 17.03 -2.59 -14.90
C GLN C 250 16.93 -3.95 -15.55
N GLN C 251 16.88 -4.99 -14.71
CA GLN C 251 16.81 -6.38 -15.15
C GLN C 251 15.79 -7.13 -14.30
N TRP C 252 15.02 -8.00 -14.95
CA TRP C 252 14.13 -8.89 -14.20
C TRP C 252 14.95 -9.83 -13.32
N ARG C 253 14.36 -10.21 -12.18
CA ARG C 253 14.95 -11.21 -11.31
C ARG C 253 13.91 -12.28 -11.02
N GLY C 254 14.28 -13.55 -11.19
CA GLY C 254 13.39 -14.65 -10.92
C GLY C 254 14.02 -15.62 -9.95
N LEU C 255 13.16 -16.47 -9.36
CA LEU C 255 13.60 -17.48 -8.41
C LEU C 255 12.91 -18.80 -8.72
N ALA C 256 13.52 -19.88 -8.27
CA ALA C 256 13.00 -21.21 -8.53
C ALA C 256 11.77 -21.49 -7.65
N ARG C 257 11.07 -22.57 -7.98
CA ARG C 257 9.87 -22.98 -7.26
C ARG C 257 9.92 -24.47 -6.97
N TYR C 258 9.56 -24.84 -5.74
CA TYR C 258 9.56 -26.22 -5.29
C TYR C 258 8.15 -26.80 -5.39
N PHE C 259 8.06 -28.08 -5.70
CA PHE C 259 6.80 -28.79 -5.75
C PHE C 259 6.94 -30.07 -4.92
N LYS C 260 5.88 -30.40 -4.19
CA LYS C 260 5.74 -31.73 -3.59
C LYS C 260 4.31 -32.17 -3.81
N ILE C 261 4.10 -33.15 -4.69
CA ILE C 261 2.79 -33.57 -5.11
C ILE C 261 2.53 -34.98 -4.59
N ARG C 262 1.40 -35.17 -3.92
CA ARG C 262 0.96 -36.49 -3.49
C ARG C 262 -0.07 -37.02 -4.47
N LEU C 263 0.09 -38.28 -4.87
CA LEU C 263 -0.80 -38.89 -5.84
C LEU C 263 -1.30 -40.23 -5.32
N ARG C 264 -2.44 -40.65 -5.87
CA ARG C 264 -3.05 -41.93 -5.54
C ARG C 264 -3.50 -42.62 -6.83
N LYS C 265 -3.66 -43.94 -6.75
CA LYS C 265 -4.12 -44.70 -7.90
C LYS C 265 -5.64 -44.64 -7.99
N ARG C 266 -6.14 -44.43 -9.20
CA ARG C 266 -7.57 -44.31 -9.45
C ARG C 266 -7.96 -45.18 -10.63
N SER C 267 -9.05 -45.93 -10.47
CA SER C 267 -9.57 -46.75 -11.55
C SER C 267 -10.34 -45.90 -12.55
N VAL C 268 -10.18 -46.21 -13.84
CA VAL C 268 -10.86 -45.50 -14.91
C VAL C 268 -11.39 -46.51 -15.92
N LYS C 269 -12.29 -46.05 -16.78
CA LYS C 269 -12.83 -46.88 -17.85
C LYS C 269 -12.81 -46.11 -19.17
N VAL D 5 10.85 -42.99 12.63
CA VAL D 5 10.43 -43.73 13.81
C VAL D 5 8.91 -43.96 13.73
N GLU D 6 8.46 -45.10 14.28
CA GLU D 6 7.04 -45.43 14.28
C GLU D 6 6.35 -44.77 15.48
N VAL D 7 5.29 -44.04 15.21
CA VAL D 7 4.63 -43.21 16.22
C VAL D 7 3.45 -43.99 16.81
N LEU D 8 3.47 -44.16 18.13
CA LEU D 8 2.37 -44.85 18.82
C LEU D 8 1.47 -43.86 19.56
N GLU D 9 0.86 -44.29 20.65
CA GLU D 9 -0.19 -43.48 21.26
C GLU D 9 0.39 -42.34 22.08
N VAL D 10 -0.46 -41.35 22.35
CA VAL D 10 -0.09 -40.20 23.17
C VAL D 10 -0.25 -40.57 24.63
N LYS D 11 0.78 -40.28 25.43
CA LYS D 11 0.70 -40.51 26.86
C LYS D 11 -0.22 -39.49 27.51
N THR D 12 -1.04 -39.96 28.45
CA THR D 12 -1.94 -39.09 29.21
C THR D 12 -1.53 -39.06 30.68
N GLY D 13 -2.03 -38.05 31.38
CA GLY D 13 -1.67 -37.82 32.76
C GLY D 13 -1.24 -36.40 33.02
N VAL D 14 -1.32 -35.95 34.28
CA VAL D 14 -0.96 -34.58 34.61
C VAL D 14 0.50 -34.31 34.27
N ASP D 15 1.34 -35.33 34.36
CA ASP D 15 2.77 -35.20 34.10
C ASP D 15 3.14 -35.56 32.67
N ALA D 16 2.16 -35.83 31.81
CA ALA D 16 2.44 -36.18 30.41
C ALA D 16 2.63 -34.95 29.53
N ILE D 17 2.51 -33.75 30.09
CA ILE D 17 2.67 -32.51 29.34
C ILE D 17 3.72 -31.65 30.03
N THR D 18 4.43 -30.87 29.23
CA THR D 18 5.39 -29.90 29.75
C THR D 18 5.38 -28.67 28.87
N GLU D 19 5.98 -27.59 29.40
CA GLU D 19 5.94 -26.28 28.76
C GLU D 19 7.28 -25.60 28.95
N VAL D 20 7.86 -25.11 27.86
CA VAL D 20 9.14 -24.42 27.89
C VAL D 20 8.99 -23.07 27.20
N GLU D 21 9.88 -22.14 27.56
CA GLU D 21 9.87 -20.80 27.02
C GLU D 21 11.29 -20.29 26.92
N CYS D 22 11.51 -19.34 26.01
CA CYS D 22 12.83 -18.72 25.84
C CYS D 22 12.70 -17.47 24.99
N PHE D 23 13.63 -16.54 25.20
CA PHE D 23 13.81 -15.37 24.36
C PHE D 23 15.04 -15.61 23.48
N LEU D 24 14.90 -15.33 22.18
CA LEU D 24 15.96 -15.58 21.22
C LEU D 24 16.44 -14.24 20.66
N ASN D 25 17.70 -13.89 20.97
CA ASN D 25 18.25 -12.60 20.58
C ASN D 25 18.48 -12.56 19.07
N PRO D 26 18.32 -11.39 18.45
CA PRO D 26 18.63 -11.26 17.02
C PRO D 26 20.12 -11.10 16.80
N GLU D 27 20.56 -11.50 15.61
CA GLU D 27 21.96 -11.44 15.22
C GLU D 27 22.07 -10.61 13.96
N MET D 28 22.09 -9.29 14.13
CA MET D 28 22.12 -8.37 13.00
C MET D 28 23.53 -7.99 12.56
N GLY D 29 24.54 -8.24 13.39
CA GLY D 29 25.90 -7.91 13.05
C GLY D 29 26.66 -7.31 14.21
N ASP D 30 25.99 -6.43 14.96
CA ASP D 30 26.54 -5.79 16.17
C ASP D 30 27.87 -5.12 15.84
N PRO D 31 27.86 -3.96 15.19
CA PRO D 31 29.13 -3.36 14.72
C PRO D 31 30.05 -2.94 15.85
N ASP D 32 29.52 -2.49 16.99
CA ASP D 32 30.37 -2.20 18.14
C ASP D 32 29.61 -2.56 19.42
N GLU D 33 30.24 -2.28 20.56
CA GLU D 33 29.69 -2.69 21.84
C GLU D 33 28.39 -1.98 22.18
N ASN D 34 28.13 -0.82 21.57
CA ASN D 34 26.93 -0.05 21.88
C ASN D 34 25.75 -0.37 20.98
N LEU D 35 25.99 -0.88 19.78
CA LEU D 35 24.95 -1.06 18.77
C LEU D 35 24.47 -2.50 18.66
N ARG D 36 24.26 -3.17 19.80
CA ARG D 36 23.63 -4.49 19.78
C ARG D 36 22.22 -4.38 19.22
N GLY D 37 21.91 -5.22 18.23
CA GLY D 37 20.65 -5.17 17.54
C GLY D 37 20.70 -4.48 16.20
N PHE D 38 21.80 -3.81 15.88
CA PHE D 38 22.01 -3.16 14.59
C PHE D 38 23.08 -3.90 13.80
N SER D 39 23.18 -3.55 12.53
CA SER D 39 24.23 -4.03 11.66
C SER D 39 25.22 -2.90 11.37
N LEU D 40 26.36 -3.26 10.79
CA LEU D 40 27.24 -2.25 10.23
C LEU D 40 26.51 -1.50 9.11
N LYS D 41 26.93 -0.27 8.87
CA LYS D 41 26.31 0.50 7.79
C LYS D 41 26.49 -0.20 6.46
N LEU D 42 25.53 -0.02 5.57
CA LEU D 42 25.52 -0.75 4.31
C LEU D 42 26.38 -0.04 3.26
N SER D 43 27.19 -0.82 2.56
CA SER D 43 27.83 -0.35 1.34
C SER D 43 26.87 -0.52 0.17
N ALA D 44 27.23 0.08 -0.97
CA ALA D 44 26.36 0.01 -2.13
C ALA D 44 27.20 0.07 -3.40
N GLU D 45 26.62 -0.48 -4.47
CA GLU D 45 27.14 -0.38 -5.83
C GLU D 45 28.46 -1.10 -6.03
N ASN D 46 28.76 -2.10 -5.19
CA ASN D 46 29.89 -2.97 -5.46
C ASN D 46 29.54 -3.91 -6.59
N ASP D 47 30.39 -3.94 -7.62
CA ASP D 47 30.14 -4.82 -8.76
C ASP D 47 30.07 -6.27 -8.31
N PHE D 48 29.24 -7.06 -9.00
CA PHE D 48 29.13 -8.48 -8.71
C PHE D 48 30.50 -9.16 -8.70
N SER D 49 31.43 -8.67 -9.53
CA SER D 49 32.75 -9.29 -9.64
C SER D 49 33.62 -9.01 -8.42
N SER D 50 33.27 -8.01 -7.61
CA SER D 50 34.08 -7.64 -6.46
C SER D 50 33.20 -7.39 -5.23
N ASP D 51 32.16 -8.20 -5.07
CA ASP D 51 31.31 -8.10 -3.88
C ASP D 51 32.00 -8.80 -2.71
N SER D 52 32.25 -8.05 -1.64
CA SER D 52 33.02 -8.55 -0.51
C SER D 52 32.51 -7.90 0.78
N PRO D 53 31.34 -8.32 1.26
CA PRO D 53 30.75 -7.69 2.45
C PRO D 53 31.51 -8.04 3.72
N GLU D 54 31.56 -7.07 4.64
CA GLU D 54 32.12 -7.30 5.96
C GLU D 54 31.15 -8.09 6.82
N ARG D 55 31.69 -8.80 7.82
CA ARG D 55 30.87 -9.70 8.62
C ARG D 55 29.82 -8.93 9.41
N LYS D 56 30.22 -7.83 10.04
CA LYS D 56 29.33 -7.07 10.91
C LYS D 56 28.19 -6.43 10.14
N MET D 57 28.21 -6.58 8.82
CA MET D 57 27.16 -6.06 7.96
C MET D 57 26.08 -7.09 7.65
N LEU D 58 26.31 -8.38 7.95
CA LEU D 58 25.43 -9.44 7.50
C LEU D 58 24.57 -9.96 8.64
N PRO D 59 23.26 -9.73 8.64
CA PRO D 59 22.39 -10.40 9.61
C PRO D 59 22.39 -11.89 9.40
N CYS D 60 22.28 -12.63 10.50
CA CYS D 60 22.35 -14.08 10.48
C CYS D 60 21.12 -14.67 11.17
N TYR D 61 20.88 -15.95 10.90
CA TYR D 61 19.82 -16.68 11.57
C TYR D 61 20.17 -16.91 13.04
N SER D 62 19.16 -16.83 13.89
CA SER D 62 19.29 -17.15 15.30
C SER D 62 18.76 -18.56 15.54
N THR D 63 19.40 -19.28 16.47
CA THR D 63 18.97 -20.63 16.80
C THR D 63 19.41 -20.97 18.21
N ALA D 64 18.71 -21.91 18.82
CA ALA D 64 19.01 -22.34 20.18
C ALA D 64 18.45 -23.74 20.37
N ARG D 65 19.19 -24.55 21.14
CA ARG D 65 18.79 -25.89 21.52
C ARG D 65 18.34 -25.85 22.97
N ILE D 66 17.09 -26.22 23.22
CA ILE D 66 16.49 -26.19 24.55
C ILE D 66 16.48 -27.62 25.10
N PRO D 67 17.13 -27.88 26.23
CA PRO D 67 17.05 -29.23 26.82
C PRO D 67 15.69 -29.47 27.44
N LEU D 68 15.23 -30.72 27.32
CA LEU D 68 13.94 -31.15 27.83
C LEU D 68 14.13 -32.17 28.94
N PRO D 69 13.11 -32.39 29.78
CA PRO D 69 13.24 -33.42 30.83
C PRO D 69 13.55 -34.78 30.22
N ASN D 70 14.54 -35.46 30.81
CA ASN D 70 14.93 -36.78 30.32
C ASN D 70 13.79 -37.76 30.56
N LEU D 71 13.56 -38.65 29.59
CA LEU D 71 12.39 -39.52 29.60
C LEU D 71 12.70 -41.00 29.75
N ASN D 72 13.82 -41.48 29.20
CA ASN D 72 14.08 -42.91 29.13
C ASN D 72 15.19 -43.31 30.10
N GLU D 73 15.18 -44.58 30.48
CA GLU D 73 16.14 -45.17 31.41
C GLU D 73 16.17 -44.43 32.74
N ASN D 79 9.55 -49.45 24.35
CA ASN D 79 8.98 -48.73 25.48
C ASN D 79 9.53 -47.31 25.56
N LEU D 80 9.93 -46.76 24.41
CA LEU D 80 10.58 -45.47 24.34
C LEU D 80 9.54 -44.34 24.27
N LEU D 81 9.93 -43.19 24.81
CA LEU D 81 9.10 -41.99 24.78
C LEU D 81 9.91 -40.82 24.21
N MET D 82 9.22 -39.94 23.50
CA MET D 82 9.80 -38.70 23.00
C MET D 82 8.86 -37.55 23.32
N TRP D 83 9.44 -36.37 23.51
CA TRP D 83 8.65 -35.15 23.67
C TRP D 83 8.15 -34.70 22.30
N GLU D 84 6.88 -34.34 22.23
CA GLU D 84 6.23 -33.95 20.98
C GLU D 84 5.74 -32.52 21.11
N ALA D 85 6.30 -31.63 20.28
CA ALA D 85 5.89 -30.23 20.29
C ALA D 85 4.51 -30.10 19.67
N VAL D 86 3.57 -29.53 20.42
CA VAL D 86 2.15 -29.50 20.05
C VAL D 86 1.73 -28.11 19.59
N THR D 87 2.08 -27.08 20.36
CA THR D 87 1.70 -25.71 20.04
C THR D 87 2.86 -24.77 20.37
N VAL D 88 2.82 -23.58 19.77
CA VAL D 88 3.81 -22.55 20.04
C VAL D 88 3.14 -21.18 20.00
N GLN D 89 3.43 -20.36 21.01
CA GLN D 89 3.08 -18.95 21.03
C GLN D 89 4.35 -18.15 20.81
N THR D 90 4.32 -17.21 19.87
CA THR D 90 5.52 -16.49 19.50
C THR D 90 5.16 -15.07 19.08
N GLU D 91 6.05 -14.13 19.38
CA GLU D 91 5.90 -12.76 18.92
C GLU D 91 7.25 -12.05 19.02
N VAL D 92 7.33 -10.88 18.37
CA VAL D 92 8.54 -10.08 18.29
C VAL D 92 8.57 -9.11 19.46
N ILE D 93 9.76 -8.93 20.05
CA ILE D 93 9.91 -8.23 21.33
C ILE D 93 10.47 -6.85 21.07
N GLY D 94 9.76 -5.82 21.55
CA GLY D 94 10.24 -4.46 21.46
C GLY D 94 9.76 -3.70 20.25
N ILE D 95 8.57 -4.00 19.74
CA ILE D 95 8.10 -3.38 18.51
C ILE D 95 7.90 -1.88 18.69
N THR D 96 7.59 -1.44 19.90
CA THR D 96 7.33 -0.03 20.14
C THR D 96 8.60 0.82 20.23
N SER D 97 9.78 0.19 20.33
CA SER D 97 11.01 0.96 20.34
C SER D 97 11.22 1.76 19.06
N MET D 98 10.58 1.36 17.95
CA MET D 98 10.65 2.12 16.70
C MET D 98 9.89 3.43 16.77
N LEU D 99 9.20 3.71 17.88
CA LEU D 99 8.58 5.00 18.09
C LEU D 99 9.55 6.03 18.63
N ASN D 100 10.81 5.67 18.84
CA ASN D 100 11.87 6.63 19.14
C ASN D 100 12.32 7.24 17.82
N LEU D 101 11.86 8.45 17.55
CA LEU D 101 12.25 9.17 16.35
C LEU D 101 13.15 10.37 16.66
N HIS D 102 13.61 10.51 17.90
CA HIS D 102 14.44 11.62 18.32
C HIS D 102 15.93 11.29 18.32
N ALA D 103 16.30 10.03 18.11
CA ALA D 103 17.68 9.58 18.28
C ALA D 103 18.24 9.09 16.95
N GLY D 104 19.30 9.74 16.49
CA GLY D 104 20.14 9.19 15.43
C GLY D 104 19.60 9.22 14.02
N SER D 105 18.27 9.21 13.86
CA SER D 105 17.67 9.07 12.54
C SER D 105 17.58 10.42 11.83
N GLN D 106 17.78 10.39 10.52
CA GLN D 106 17.70 11.58 9.69
C GLN D 106 16.29 12.18 9.75
N LYS D 107 16.23 13.52 9.73
CA LYS D 107 14.93 14.19 9.75
C LYS D 107 14.19 13.96 8.43
N VAL D 108 12.88 13.82 8.52
CA VAL D 108 12.06 13.58 7.33
C VAL D 108 12.04 14.82 6.45
N HIS D 109 12.18 16.00 7.05
CA HIS D 109 12.30 17.27 6.36
C HIS D 109 12.73 18.30 7.40
N GLU D 110 13.05 19.50 6.92
CA GLU D 110 13.48 20.56 7.83
C GLU D 110 12.39 20.84 8.86
N HIS D 111 12.79 20.81 10.14
CA HIS D 111 11.97 21.01 11.34
C HIS D 111 11.14 19.79 11.70
N GLY D 112 11.22 18.69 10.95
CA GLY D 112 10.45 17.50 11.24
C GLY D 112 11.18 16.53 12.16
N GLY D 113 10.48 15.46 12.51
CA GLY D 113 11.05 14.43 13.34
C GLY D 113 11.91 13.46 12.54
N GLY D 114 12.43 12.46 13.25
CA GLY D 114 13.34 11.50 12.63
C GLY D 114 12.62 10.51 11.73
N LYS D 115 13.36 10.01 10.75
CA LYS D 115 12.82 9.06 9.78
C LYS D 115 12.61 7.70 10.44
N PRO D 116 11.43 7.10 10.30
CA PRO D 116 11.20 5.80 10.93
C PRO D 116 11.96 4.69 10.23
N ILE D 117 12.20 3.61 10.99
CA ILE D 117 12.76 2.40 10.41
C ILE D 117 11.77 1.83 9.42
N GLN D 118 12.25 1.54 8.21
CA GLN D 118 11.39 1.04 7.15
C GLN D 118 12.28 0.34 6.12
N GLY D 119 11.64 -0.26 5.12
CA GLY D 119 12.33 -0.94 4.06
C GLY D 119 12.14 -2.43 4.11
N SER D 120 12.99 -3.14 3.36
CA SER D 120 12.91 -4.59 3.27
C SER D 120 13.01 -5.21 4.66
N ASN D 121 12.20 -6.24 4.90
CA ASN D 121 12.19 -6.90 6.19
C ASN D 121 11.86 -8.38 5.99
N PHE D 122 12.25 -9.18 6.98
CA PHE D 122 12.08 -10.63 6.95
C PHE D 122 11.80 -11.11 8.36
N HIS D 123 10.72 -11.86 8.53
CA HIS D 123 10.31 -12.38 9.82
C HIS D 123 10.02 -13.87 9.70
N PHE D 124 10.69 -14.67 10.54
CA PHE D 124 10.75 -16.11 10.35
C PHE D 124 10.95 -16.78 11.71
N PHE D 125 10.31 -17.93 11.90
CA PHE D 125 10.59 -18.76 13.07
C PHE D 125 10.34 -20.22 12.70
N ALA D 126 10.93 -21.11 13.51
CA ALA D 126 10.85 -22.54 13.27
C ALA D 126 10.92 -23.27 14.61
N VAL D 127 10.20 -24.38 14.70
CA VAL D 127 10.22 -25.25 15.86
C VAL D 127 10.35 -26.69 15.36
N GLY D 128 11.28 -27.44 15.95
CA GLY D 128 11.45 -28.82 15.55
C GLY D 128 12.28 -29.60 16.56
N GLY D 129 12.30 -30.91 16.36
CA GLY D 129 13.13 -31.81 17.14
C GLY D 129 14.49 -32.08 16.56
N ASP D 130 14.82 -31.41 15.47
CA ASP D 130 16.11 -31.49 14.82
C ASP D 130 16.53 -30.08 14.45
N PRO D 131 17.83 -29.84 14.26
CA PRO D 131 18.26 -28.53 13.74
C PRO D 131 17.56 -28.22 12.42
N LEU D 132 17.28 -26.94 12.21
CA LEU D 132 16.65 -26.51 10.97
C LEU D 132 17.52 -26.87 9.78
N GLU D 133 16.90 -27.46 8.76
CA GLU D 133 17.58 -27.84 7.53
C GLU D 133 17.35 -26.75 6.49
N MET D 134 18.44 -26.30 5.86
CA MET D 134 18.41 -25.10 5.04
C MET D 134 19.06 -25.35 3.68
N GLN D 135 18.71 -24.47 2.74
CA GLN D 135 19.16 -24.51 1.36
C GLN D 135 19.78 -23.17 1.00
N GLY D 136 20.91 -23.21 0.31
CA GLY D 136 21.64 -22.01 -0.06
C GLY D 136 21.22 -21.47 -1.41
N VAL D 137 20.90 -20.18 -1.45
CA VAL D 137 20.57 -19.46 -2.67
C VAL D 137 21.17 -18.07 -2.57
N LEU D 138 21.85 -17.62 -3.62
CA LEU D 138 22.62 -16.38 -3.58
C LEU D 138 22.11 -15.39 -4.62
N MET D 139 22.19 -14.11 -4.26
CA MET D 139 21.98 -13.05 -5.25
C MET D 139 23.13 -13.02 -6.25
N ASN D 140 24.36 -13.11 -5.77
CA ASN D 140 25.57 -13.06 -6.59
C ASN D 140 26.50 -14.18 -6.16
N TYR D 141 26.79 -15.11 -7.08
CA TYR D 141 27.57 -16.28 -6.68
C TYR D 141 29.04 -15.94 -6.47
N ARG D 142 29.54 -14.89 -7.11
CA ARG D 142 30.94 -14.50 -6.97
C ARG D 142 31.22 -13.73 -5.70
N THR D 143 30.22 -13.50 -4.85
CA THR D 143 30.41 -12.77 -3.61
C THR D 143 31.41 -13.49 -2.70
N LYS D 144 32.40 -12.75 -2.22
CA LYS D 144 33.35 -13.27 -1.24
C LYS D 144 32.78 -13.01 0.15
N TYR D 145 32.29 -14.06 0.80
CA TYR D 145 31.74 -13.90 2.13
C TYR D 145 32.86 -13.99 3.17
N PRO D 146 32.73 -13.26 4.27
CA PRO D 146 33.88 -13.02 5.15
C PRO D 146 34.14 -14.19 6.09
N GLU D 147 35.33 -14.14 6.70
CA GLU D 147 35.66 -15.06 7.78
C GLU D 147 34.63 -14.96 8.89
N GLY D 148 34.26 -16.12 9.45
CA GLY D 148 33.30 -16.17 10.53
C GLY D 148 31.87 -16.47 10.10
N THR D 149 31.59 -16.44 8.80
CA THR D 149 30.28 -16.84 8.28
C THR D 149 30.37 -18.21 7.64
N ILE D 150 29.22 -18.87 7.53
CA ILE D 150 29.09 -20.14 6.83
C ILE D 150 28.15 -19.91 5.65
N THR D 151 28.68 -19.99 4.44
CA THR D 151 27.91 -19.70 3.23
C THR D 151 28.14 -20.83 2.22
N PRO D 152 27.36 -20.91 1.14
CA PRO D 152 27.50 -22.03 0.20
C PRO D 152 28.93 -22.30 -0.24
N LYS D 153 29.29 -23.58 -0.21
CA LYS D 153 30.62 -24.03 -0.62
C LYS D 153 30.64 -24.34 -2.11
N ASN D 154 31.71 -23.93 -2.78
CA ASN D 154 31.85 -24.05 -4.23
C ASN D 154 30.66 -23.43 -4.97
N PRO D 155 30.44 -22.12 -4.83
CA PRO D 155 29.32 -21.50 -5.53
C PRO D 155 29.57 -21.39 -7.03
N THR D 156 28.51 -21.58 -7.80
CA THR D 156 28.52 -21.40 -9.25
C THR D 156 27.33 -20.52 -9.62
N ALA D 157 27.24 -20.16 -10.91
CA ALA D 157 26.07 -19.41 -11.36
C ALA D 157 24.77 -20.15 -11.08
N GLN D 158 24.83 -21.47 -10.96
CA GLN D 158 23.68 -22.27 -10.59
C GLN D 158 23.20 -21.92 -9.18
N SER D 159 24.10 -21.43 -8.31
CA SER D 159 23.72 -21.06 -6.96
C SER D 159 22.79 -19.85 -6.92
N GLN D 160 22.66 -19.11 -8.02
CA GLN D 160 21.73 -17.99 -8.09
C GLN D 160 20.31 -18.42 -8.43
N VAL D 161 20.06 -19.71 -8.63
CA VAL D 161 18.71 -20.23 -8.87
C VAL D 161 18.45 -21.43 -7.96
N MET D 162 19.08 -22.57 -8.25
CA MET D 162 18.97 -23.74 -7.39
C MET D 162 20.18 -24.62 -7.61
N ASN D 163 21.01 -24.77 -6.58
CA ASN D 163 22.16 -25.66 -6.58
C ASN D 163 21.94 -26.64 -5.43
N THR D 164 21.58 -27.88 -5.75
CA THR D 164 21.21 -28.85 -4.72
C THR D 164 22.35 -29.21 -3.79
N ASP D 165 23.59 -28.83 -4.11
CA ASP D 165 24.71 -29.14 -3.23
C ASP D 165 24.76 -28.22 -2.01
N HIS D 166 24.05 -27.10 -2.04
CA HIS D 166 24.10 -26.11 -0.97
C HIS D 166 23.11 -26.48 0.14
N LYS D 167 23.46 -27.54 0.86
CA LYS D 167 22.68 -28.01 2.00
C LYS D 167 23.45 -27.78 3.29
N ALA D 168 22.73 -27.40 4.34
CA ALA D 168 23.36 -27.12 5.62
C ALA D 168 22.35 -27.24 6.74
N TYR D 169 22.86 -27.49 7.94
CA TYR D 169 22.08 -27.45 9.16
C TYR D 169 22.32 -26.12 9.85
N LEU D 170 21.25 -25.49 10.33
CA LEU D 170 21.38 -24.33 11.21
C LEU D 170 21.89 -24.84 12.55
N ASP D 171 23.20 -25.10 12.59
CA ASP D 171 23.84 -25.71 13.75
C ASP D 171 24.78 -24.75 14.46
N LYS D 172 24.78 -23.47 14.10
CA LYS D 172 25.63 -22.49 14.74
C LYS D 172 24.92 -21.13 14.72
N ASN D 173 24.93 -20.45 15.86
CA ASN D 173 24.30 -19.15 15.98
C ASN D 173 25.24 -18.05 15.51
N ASN D 174 24.65 -17.01 14.90
CA ASN D 174 25.40 -15.86 14.38
C ASN D 174 26.47 -16.33 13.39
N ALA D 175 26.06 -17.15 12.43
CA ALA D 175 27.00 -17.75 11.49
C ALA D 175 26.44 -17.85 10.07
N TYR D 176 25.17 -18.22 9.95
CA TYR D 176 24.56 -18.41 8.64
C TYR D 176 23.87 -17.12 8.22
N PRO D 177 24.39 -16.39 7.24
CA PRO D 177 23.77 -15.11 6.86
C PRO D 177 22.40 -15.32 6.24
N VAL D 178 21.45 -14.47 6.64
CA VAL D 178 20.08 -14.58 6.16
C VAL D 178 20.03 -14.48 4.65
N GLU D 179 20.84 -13.59 4.07
CA GLU D 179 20.81 -13.39 2.62
C GLU D 179 21.31 -14.60 1.83
N CYS D 180 21.87 -15.62 2.50
CA CYS D 180 22.39 -16.79 1.82
C CYS D 180 21.51 -18.02 1.93
N TRP D 181 20.69 -18.13 2.97
CA TRP D 181 20.02 -19.38 3.30
C TRP D 181 18.53 -19.18 3.49
N ILE D 182 17.76 -20.19 3.09
CA ILE D 182 16.32 -20.25 3.36
C ILE D 182 16.00 -21.63 3.91
N PRO D 183 14.86 -21.78 4.58
CA PRO D 183 14.46 -23.13 5.03
C PRO D 183 14.22 -24.03 3.83
N ASP D 184 14.74 -25.27 3.92
CA ASP D 184 14.67 -26.20 2.80
C ASP D 184 13.33 -26.91 2.79
N PRO D 185 12.50 -26.67 1.78
CA PRO D 185 11.18 -27.32 1.73
C PRO D 185 11.26 -28.81 1.45
N SER D 186 12.32 -29.30 0.80
CA SER D 186 12.45 -30.71 0.49
C SER D 186 12.84 -31.55 1.70
N ARG D 187 13.23 -30.91 2.80
CA ARG D 187 13.58 -31.64 4.02
C ARG D 187 12.73 -31.09 5.17
N ASN D 188 13.27 -31.08 6.39
CA ASN D 188 12.57 -30.55 7.56
C ASN D 188 11.29 -31.33 7.87
N GLU D 189 11.37 -32.66 7.78
CA GLU D 189 10.23 -33.50 8.12
C GLU D 189 9.87 -33.40 9.60
N ASN D 190 10.81 -32.96 10.44
CA ASN D 190 10.62 -32.91 11.88
C ASN D 190 10.65 -31.47 12.41
N THR D 191 10.35 -30.50 11.55
CA THR D 191 10.36 -29.09 11.91
C THR D 191 9.24 -28.38 11.16
N ARG D 192 8.57 -27.47 11.84
CA ARG D 192 7.60 -26.56 11.21
C ARG D 192 8.22 -25.17 11.16
N TYR D 193 8.23 -24.56 9.98
CA TYR D 193 8.81 -23.24 9.80
C TYR D 193 7.83 -22.31 9.09
N PHE D 194 7.94 -21.02 9.40
CA PHE D 194 7.06 -19.99 8.86
C PHE D 194 7.89 -18.73 8.66
N GLY D 195 7.84 -18.15 7.47
CA GLY D 195 8.61 -16.96 7.17
C GLY D 195 7.92 -16.11 6.13
N THR D 196 8.13 -14.80 6.22
CA THR D 196 7.54 -13.86 5.27
C THR D 196 8.55 -12.77 4.95
N PHE D 197 8.82 -12.56 3.66
CA PHE D 197 9.72 -11.53 3.19
C PHE D 197 8.93 -10.43 2.51
N THR D 198 9.27 -9.17 2.80
CA THR D 198 8.69 -8.01 2.15
C THR D 198 9.82 -7.06 1.81
N GLY D 199 10.05 -6.83 0.52
CA GLY D 199 11.16 -5.98 0.10
C GLY D 199 10.71 -4.67 -0.52
N GLY D 200 11.58 -3.67 -0.51
CA GLY D 200 11.29 -2.37 -1.08
C GLY D 200 11.80 -1.29 -0.15
N GLU D 201 12.09 -0.12 -0.73
CA GLU D 201 12.71 0.95 0.05
C GLU D 201 11.82 1.44 1.17
N ASN D 202 10.51 1.59 0.90
CA ASN D 202 9.59 2.26 1.78
C ASN D 202 8.54 1.32 2.38
N VAL D 203 8.89 0.04 2.51
CA VAL D 203 8.01 -0.96 3.10
C VAL D 203 7.81 -0.63 4.56
N PRO D 204 6.57 -0.45 5.00
CA PRO D 204 6.30 -0.15 6.41
C PRO D 204 6.29 -1.41 7.25
N PRO D 205 6.98 -1.41 8.39
CA PRO D 205 6.89 -2.57 9.30
C PRO D 205 5.48 -2.68 9.86
N VAL D 206 4.98 -3.92 9.92
CA VAL D 206 3.65 -4.22 10.45
C VAL D 206 3.80 -5.41 11.37
N LEU D 207 3.68 -5.17 12.67
CA LEU D 207 3.94 -6.20 13.68
C LEU D 207 2.77 -6.26 14.66
N HIS D 208 2.23 -7.46 14.83
N HIS D 208 2.26 -7.47 14.88
CA HIS D 208 1.15 -7.71 15.79
CA HIS D 208 1.13 -7.70 15.77
C HIS D 208 1.69 -8.44 17.00
C HIS D 208 1.61 -8.50 16.98
N VAL D 209 1.15 -8.10 18.17
CA VAL D 209 1.48 -8.79 19.41
C VAL D 209 0.18 -9.14 20.13
N THR D 210 0.14 -10.34 20.69
CA THR D 210 -0.99 -10.79 21.51
C THR D 210 -0.60 -12.10 22.17
N ASN D 211 -1.09 -12.33 23.39
CA ASN D 211 -0.85 -13.57 24.11
C ASN D 211 -2.02 -14.54 23.99
N THR D 212 -2.93 -14.31 23.03
CA THR D 212 -4.08 -15.17 22.82
C THR D 212 -4.01 -15.98 21.55
N ALA D 213 -2.93 -15.88 20.78
CA ALA D 213 -2.80 -16.53 19.49
C ALA D 213 -1.82 -17.68 19.59
N THR D 214 -2.20 -18.83 19.03
CA THR D 214 -1.39 -20.04 19.10
C THR D 214 -1.33 -20.72 17.74
N THR D 215 -0.14 -21.18 17.36
CA THR D 215 0.08 -21.95 16.15
C THR D 215 0.17 -23.43 16.53
N VAL D 216 -0.69 -24.24 15.93
CA VAL D 216 -0.65 -25.68 16.15
C VAL D 216 0.47 -26.28 15.31
N LEU D 217 1.24 -27.18 15.90
CA LEU D 217 2.40 -27.77 15.24
C LEU D 217 2.16 -29.18 14.73
N LEU D 218 0.94 -29.69 14.82
CA LEU D 218 0.64 -31.04 14.37
C LEU D 218 0.51 -31.07 12.84
N ASP D 219 0.93 -32.19 12.26
CA ASP D 219 0.81 -32.39 10.82
C ASP D 219 -0.57 -32.96 10.51
N GLU D 220 -0.78 -33.40 9.27
CA GLU D 220 -2.06 -34.01 8.91
C GLU D 220 -2.31 -35.34 9.61
N GLN D 221 -1.25 -36.01 10.06
CA GLN D 221 -1.42 -37.23 10.86
C GLN D 221 -1.70 -36.94 12.33
N GLY D 222 -1.61 -35.67 12.74
CA GLY D 222 -1.77 -35.33 14.14
C GLY D 222 -0.53 -35.51 14.99
N VAL D 223 0.65 -35.50 14.37
CA VAL D 223 1.92 -35.69 15.06
C VAL D 223 2.70 -34.39 14.96
N GLY D 224 3.25 -33.95 16.09
CA GLY D 224 4.11 -32.78 16.10
C GLY D 224 5.56 -33.16 15.93
N PRO D 225 6.44 -32.16 15.90
CA PRO D 225 7.88 -32.45 15.88
C PRO D 225 8.30 -33.31 17.06
N LEU D 226 8.95 -34.43 16.76
CA LEU D 226 9.39 -35.37 17.78
C LEU D 226 10.85 -35.07 18.11
N CYS D 227 11.11 -34.79 19.38
CA CYS D 227 12.39 -34.20 19.81
C CYS D 227 13.42 -35.30 20.02
N LYS D 228 14.32 -35.46 19.06
CA LYS D 228 15.42 -36.40 19.18
C LYS D 228 16.35 -35.98 20.31
N ALA D 229 16.72 -36.94 21.17
CA ALA D 229 17.72 -36.76 22.22
C ALA D 229 17.29 -35.69 23.24
N ASP D 230 15.97 -35.63 23.50
CA ASP D 230 15.41 -34.72 24.51
C ASP D 230 15.85 -33.27 24.26
N SER D 231 15.91 -32.89 22.99
CA SER D 231 16.34 -31.55 22.61
C SER D 231 15.31 -30.93 21.66
N LEU D 232 14.95 -29.69 21.94
CA LEU D 232 14.01 -28.92 21.12
C LEU D 232 14.75 -27.74 20.50
N TYR D 233 14.47 -27.48 19.23
CA TYR D 233 15.21 -26.49 18.46
C TYR D 233 14.28 -25.36 18.07
N VAL D 234 14.66 -24.13 18.43
CA VAL D 234 13.96 -22.93 17.99
C VAL D 234 14.90 -22.12 17.11
N SER D 235 14.35 -21.52 16.06
CA SER D 235 15.12 -20.72 15.13
C SER D 235 14.32 -19.48 14.77
N ALA D 236 15.02 -18.41 14.41
CA ALA D 236 14.33 -17.15 14.12
C ALA D 236 15.22 -16.25 13.27
N ALA D 237 14.57 -15.31 12.59
CA ALA D 237 15.22 -14.21 11.90
C ALA D 237 14.18 -13.10 11.78
N ASP D 238 14.43 -11.98 12.46
CA ASP D 238 13.47 -10.89 12.56
C ASP D 238 14.17 -9.57 12.21
N ILE D 239 14.45 -9.40 10.93
CA ILE D 239 14.94 -8.13 10.40
C ILE D 239 13.74 -7.22 10.18
N CYS D 240 13.73 -6.08 10.87
CA CYS D 240 12.57 -5.19 10.85
C CYS D 240 12.63 -4.15 9.74
N GLY D 241 13.82 -3.80 9.27
CA GLY D 241 13.96 -2.76 8.27
C GLY D 241 15.27 -2.04 8.46
N LEU D 242 15.41 -0.94 7.73
CA LEU D 242 16.64 -0.16 7.74
C LEU D 242 16.47 1.10 8.59
N PHE D 243 17.47 1.38 9.41
CA PHE D 243 17.56 2.61 10.17
C PHE D 243 18.44 3.59 9.38
N THR D 244 17.94 4.81 9.18
CA THR D 244 18.64 5.80 8.36
C THR D 244 19.21 6.88 9.26
N ASN D 245 20.53 6.95 9.34
CA ASN D 245 21.20 7.96 10.14
C ASN D 245 21.12 9.32 9.46
N SER D 246 21.51 10.36 10.22
CA SER D 246 21.46 11.73 9.70
C SER D 246 22.29 11.88 8.44
N SER D 247 23.47 11.25 8.40
CA SER D 247 24.36 11.36 7.25
C SER D 247 23.83 10.64 6.02
N GLY D 248 22.79 9.83 6.16
CA GLY D 248 22.24 9.07 5.05
C GLY D 248 22.63 7.60 5.04
N THR D 249 23.56 7.20 5.90
CA THR D 249 23.92 5.79 5.99
C THR D 249 22.80 4.98 6.61
N GLN D 250 22.75 3.70 6.27
CA GLN D 250 21.66 2.83 6.68
C GLN D 250 22.19 1.58 7.36
N GLN D 251 21.48 1.13 8.39
CA GLN D 251 21.83 -0.06 9.15
C GLN D 251 20.58 -0.90 9.37
N TRP D 252 20.72 -2.21 9.24
CA TRP D 252 19.64 -3.10 9.63
C TRP D 252 19.36 -2.96 11.12
N ARG D 253 18.09 -3.10 11.49
CA ARG D 253 17.68 -3.18 12.89
C ARG D 253 16.85 -4.44 13.07
N GLY D 254 17.15 -5.21 14.11
CA GLY D 254 16.43 -6.43 14.40
C GLY D 254 15.97 -6.46 15.83
N LEU D 255 15.06 -7.39 16.11
CA LEU D 255 14.49 -7.55 17.44
C LEU D 255 14.44 -9.03 17.79
N ALA D 256 14.40 -9.30 19.09
CA ALA D 256 14.36 -10.66 19.59
C ALA D 256 12.96 -11.25 19.43
N ARG D 257 12.87 -12.57 19.58
CA ARG D 257 11.62 -13.29 19.43
C ARG D 257 11.36 -14.17 20.64
N TYR D 258 10.11 -14.22 21.07
CA TYR D 258 9.69 -15.03 22.20
C TYR D 258 9.08 -16.33 21.72
N PHE D 259 9.30 -17.40 22.48
CA PHE D 259 8.69 -18.69 22.22
C PHE D 259 8.10 -19.23 23.51
N LYS D 260 6.91 -19.82 23.40
CA LYS D 260 6.36 -20.68 24.44
C LYS D 260 5.78 -21.91 23.76
N ILE D 261 6.37 -23.06 24.03
CA ILE D 261 6.04 -24.30 23.34
C ILE D 261 5.47 -25.28 24.35
N ARG D 262 4.32 -25.87 24.02
CA ARG D 262 3.71 -26.93 24.79
C ARG D 262 4.07 -28.27 24.17
N LEU D 263 4.50 -29.21 25.00
CA LEU D 263 4.89 -30.53 24.53
C LEU D 263 4.15 -31.60 25.31
N ARG D 264 4.16 -32.82 24.76
CA ARG D 264 3.51 -33.96 25.40
C ARG D 264 4.33 -35.22 25.11
N LYS D 265 4.17 -36.22 25.98
CA LYS D 265 4.92 -37.45 25.87
C LYS D 265 4.29 -38.38 24.84
N ARG D 266 5.10 -38.88 23.93
CA ARG D 266 4.65 -39.73 22.82
C ARG D 266 5.39 -41.05 22.85
N SER D 267 4.65 -42.15 22.68
CA SER D 267 5.26 -43.45 22.53
C SER D 267 5.76 -43.64 21.11
N VAL D 268 6.96 -44.23 20.99
CA VAL D 268 7.55 -44.54 19.69
C VAL D 268 8.13 -45.94 19.74
N LYS D 269 8.28 -46.53 18.55
CA LYS D 269 8.96 -47.81 18.41
C LYS D 269 10.09 -47.66 17.40
N VAL E 5 -5.23 -19.81 41.62
CA VAL E 5 -6.42 -20.28 42.30
C VAL E 5 -7.09 -21.39 41.50
N GLU E 6 -7.68 -22.36 42.20
CA GLU E 6 -8.41 -23.43 41.55
C GLU E 6 -9.81 -22.95 41.19
N VAL E 7 -10.19 -23.11 39.93
CA VAL E 7 -11.41 -22.55 39.39
C VAL E 7 -12.50 -23.62 39.40
N LEU E 8 -13.66 -23.29 39.97
CA LEU E 8 -14.79 -24.18 40.10
C LEU E 8 -15.91 -23.74 39.15
N GLU E 9 -17.16 -23.95 39.55
CA GLU E 9 -18.28 -23.75 38.64
C GLU E 9 -18.62 -22.28 38.46
N VAL E 10 -19.22 -21.97 37.32
CA VAL E 10 -19.77 -20.65 37.06
C VAL E 10 -21.11 -20.52 37.77
N LYS E 11 -21.36 -19.36 38.37
CA LYS E 11 -22.65 -19.10 38.99
C LYS E 11 -23.67 -18.69 37.93
N THR E 12 -24.91 -19.13 38.12
CA THR E 12 -25.98 -18.89 37.16
C THR E 12 -27.12 -18.11 37.82
N GLY E 13 -27.97 -17.55 36.97
CA GLY E 13 -29.11 -16.76 37.39
C GLY E 13 -28.91 -15.27 37.10
N VAL E 14 -30.00 -14.52 37.28
CA VAL E 14 -29.88 -13.07 37.25
C VAL E 14 -29.00 -12.62 38.41
N ASP E 15 -28.37 -11.46 38.24
CA ASP E 15 -27.39 -10.86 39.15
C ASP E 15 -26.10 -11.68 39.23
N ALA E 16 -25.94 -12.73 38.42
CA ALA E 16 -24.66 -13.41 38.31
C ALA E 16 -23.75 -12.75 37.28
N ILE E 17 -24.28 -11.80 36.51
CA ILE E 17 -23.55 -11.12 35.46
C ILE E 17 -23.55 -9.63 35.77
N THR E 18 -22.47 -8.95 35.36
CA THR E 18 -22.40 -7.50 35.44
C THR E 18 -21.63 -6.97 34.23
N GLU E 19 -21.76 -5.67 34.01
CA GLU E 19 -21.24 -5.01 32.82
C GLU E 19 -20.69 -3.65 33.21
N VAL E 20 -19.42 -3.41 32.91
CA VAL E 20 -18.78 -2.14 33.23
C VAL E 20 -18.23 -1.53 31.94
N GLU E 21 -18.07 -0.20 31.97
CA GLU E 21 -17.59 0.53 30.81
C GLU E 21 -16.79 1.73 31.28
N CYS E 22 -15.96 2.27 30.39
CA CYS E 22 -15.20 3.49 30.66
C CYS E 22 -14.56 3.98 29.36
N PHE E 23 -14.28 5.28 29.33
CA PHE E 23 -13.51 5.92 28.26
C PHE E 23 -12.11 6.21 28.80
N LEU E 24 -11.09 5.67 28.15
CA LEU E 24 -9.71 5.82 28.58
C LEU E 24 -9.01 6.88 27.74
N ASN E 25 -8.62 7.98 28.37
CA ASN E 25 -7.98 9.08 27.66
C ASN E 25 -6.57 8.71 27.21
N PRO E 26 -6.11 9.26 26.09
CA PRO E 26 -4.72 9.03 25.70
C PRO E 26 -3.77 9.95 26.44
N GLU E 27 -2.53 9.49 26.60
CA GLU E 27 -1.47 10.25 27.26
C GLU E 27 -0.36 10.45 26.24
N MET E 28 -0.52 11.48 25.40
CA MET E 28 0.43 11.74 24.32
C MET E 28 1.54 12.70 24.71
N GLY E 29 1.38 13.44 25.79
CA GLY E 29 2.40 14.38 26.22
C GLY E 29 1.79 15.67 26.75
N ASP E 30 0.82 16.21 26.02
CA ASP E 30 0.07 17.41 26.39
C ASP E 30 1.02 18.58 26.58
N PRO E 31 1.55 19.15 25.49
CA PRO E 31 2.60 20.16 25.63
C PRO E 31 2.14 21.46 26.27
N ASP E 32 0.88 21.85 26.11
CA ASP E 32 0.33 22.99 26.84
C ASP E 32 -1.11 22.68 27.20
N GLU E 33 -1.75 23.63 27.90
CA GLU E 33 -3.11 23.43 28.39
C GLU E 33 -4.13 23.30 27.27
N ASN E 34 -3.79 23.73 26.05
CA ASN E 34 -4.72 23.68 24.94
C ASN E 34 -4.56 22.46 24.05
N LEU E 35 -3.39 21.83 24.04
CA LEU E 35 -3.08 20.75 23.11
C LEU E 35 -3.20 19.38 23.78
N ARG E 36 -4.27 19.17 24.54
CA ARG E 36 -4.58 17.85 25.10
C ARG E 36 -4.82 16.85 23.97
N GLY E 37 -4.11 15.74 23.99
CA GLY E 37 -4.17 14.77 22.92
C GLY E 37 -3.02 14.84 21.94
N PHE E 38 -2.16 15.85 22.05
CA PHE E 38 -0.97 15.97 21.22
C PHE E 38 0.29 15.79 22.07
N SER E 39 1.41 15.61 21.40
CA SER E 39 2.71 15.63 22.05
C SER E 39 3.41 16.94 21.71
N LEU E 40 4.45 17.26 22.49
CA LEU E 40 5.36 18.32 22.09
C LEU E 40 5.96 17.97 20.73
N LYS E 41 6.30 19.00 19.96
CA LYS E 41 6.90 18.77 18.66
C LYS E 41 8.16 17.93 18.80
N LEU E 42 8.42 17.11 17.78
CA LEU E 42 9.50 16.13 17.85
C LEU E 42 10.83 16.77 17.44
N SER E 43 11.87 16.45 18.20
CA SER E 43 13.24 16.76 17.80
C SER E 43 13.79 15.63 16.94
N ALA E 44 14.96 15.87 16.37
CA ALA E 44 15.52 14.90 15.43
C ALA E 44 17.04 14.98 15.43
N GLU E 45 17.66 13.85 15.06
CA GLU E 45 19.08 13.74 14.75
C GLU E 45 19.98 13.93 15.96
N ASN E 46 19.45 13.83 17.18
CA ASN E 46 20.30 13.74 18.35
C ASN E 46 21.05 12.42 18.32
N ASP E 47 22.38 12.49 18.40
CA ASP E 47 23.20 11.29 18.39
C ASP E 47 22.83 10.39 19.56
N PHE E 48 23.03 9.08 19.36
CA PHE E 48 22.69 8.11 20.40
C PHE E 48 23.41 8.42 21.72
N SER E 49 24.56 9.07 21.66
CA SER E 49 25.32 9.41 22.85
C SER E 49 24.83 10.67 23.55
N SER E 50 23.82 11.35 23.01
CA SER E 50 23.28 12.55 23.64
C SER E 50 21.78 12.64 23.39
N ASP E 51 21.08 11.51 23.48
CA ASP E 51 19.63 11.46 23.31
C ASP E 51 18.97 11.72 24.65
N SER E 52 18.20 12.81 24.75
CA SER E 52 17.55 13.20 26.00
C SER E 52 16.22 13.86 25.70
N PRO E 53 15.18 13.07 25.45
CA PRO E 53 13.89 13.66 25.09
C PRO E 53 13.18 14.31 26.28
N GLU E 54 12.39 15.34 25.97
CA GLU E 54 11.58 15.99 26.99
C GLU E 54 10.37 15.14 27.32
N ARG E 55 9.82 15.35 28.52
N ARG E 55 9.84 15.36 28.53
CA ARG E 55 8.72 14.51 28.99
CA ARG E 55 8.71 14.57 29.03
C ARG E 55 7.48 14.68 28.11
C ARG E 55 7.50 14.69 28.11
N LYS E 56 7.16 15.92 27.71
CA LYS E 56 5.96 16.17 26.93
C LYS E 56 6.08 15.72 25.48
N MET E 57 7.23 15.20 25.06
CA MET E 57 7.40 14.66 23.73
C MET E 57 7.12 13.16 23.65
N LEU E 58 7.00 12.49 24.80
CA LEU E 58 6.93 11.04 24.85
C LEU E 58 5.52 10.56 25.16
N PRO E 59 4.83 9.94 24.20
CA PRO E 59 3.53 9.31 24.52
C PRO E 59 3.70 8.17 25.51
N CYS E 60 2.71 8.01 26.38
CA CYS E 60 2.75 7.01 27.45
C CYS E 60 1.52 6.11 27.40
N TYR E 61 1.68 4.90 27.91
CA TYR E 61 0.55 3.99 28.05
C TYR E 61 -0.49 4.56 29.01
N SER E 62 -1.75 4.21 28.75
CA SER E 62 -2.86 4.58 29.62
C SER E 62 -3.35 3.35 30.37
N THR E 63 -3.90 3.57 31.55
CA THR E 63 -4.46 2.48 32.34
C THR E 63 -5.44 3.04 33.36
N ALA E 64 -6.34 2.18 33.82
CA ALA E 64 -7.32 2.53 34.83
C ALA E 64 -7.79 1.26 35.53
N ARG E 65 -8.02 1.37 36.83
CA ARG E 65 -8.53 0.27 37.64
C ARG E 65 -10.02 0.49 37.88
N ILE E 66 -10.84 -0.43 37.40
CA ILE E 66 -12.30 -0.30 37.46
C ILE E 66 -12.80 -1.13 38.64
N PRO E 67 -13.42 -0.52 39.65
CA PRO E 67 -13.93 -1.30 40.78
C PRO E 67 -15.19 -2.05 40.42
N LEU E 68 -15.29 -3.28 40.90
CA LEU E 68 -16.40 -4.18 40.64
C LEU E 68 -17.21 -4.40 41.90
N PRO E 69 -18.48 -4.81 41.76
CA PRO E 69 -19.30 -5.07 42.96
C PRO E 69 -18.66 -6.10 43.86
N ASN E 70 -18.63 -5.82 45.16
CA ASN E 70 -18.03 -6.73 46.11
C ASN E 70 -18.83 -8.02 46.18
N LEU E 71 -18.12 -9.15 46.13
CA LEU E 71 -18.75 -10.46 46.03
C LEU E 71 -18.79 -11.22 47.34
N ASN E 72 -17.74 -11.16 48.13
CA ASN E 72 -17.65 -11.95 49.35
C ASN E 72 -17.94 -11.12 50.60
N LEU E 80 -16.07 -18.95 48.03
CA LEU E 80 -15.52 -17.67 47.60
C LEU E 80 -15.73 -17.47 46.10
N LEU E 81 -16.03 -16.23 45.71
CA LEU E 81 -16.34 -15.89 44.33
C LEU E 81 -15.40 -14.81 43.81
N MET E 82 -15.16 -14.85 42.49
CA MET E 82 -14.43 -13.81 41.79
C MET E 82 -15.18 -13.45 40.52
N TRP E 83 -15.03 -12.19 40.10
CA TRP E 83 -15.54 -11.77 38.80
C TRP E 83 -14.64 -12.30 37.70
N GLU E 84 -15.26 -12.78 36.62
CA GLU E 84 -14.54 -13.36 35.49
C GLU E 84 -14.87 -12.57 34.23
N ALA E 85 -13.86 -11.94 33.65
CA ALA E 85 -14.05 -11.16 32.42
C ALA E 85 -14.25 -12.10 31.24
N VAL E 86 -15.36 -11.94 30.53
CA VAL E 86 -15.78 -12.88 29.50
C VAL E 86 -15.60 -12.28 28.10
N THR E 87 -16.13 -11.07 27.87
CA THR E 87 -16.04 -10.42 26.58
C THR E 87 -15.74 -8.94 26.76
N VAL E 88 -15.15 -8.35 25.73
CA VAL E 88 -14.88 -6.92 25.70
C VAL E 88 -15.23 -6.37 24.32
N GLN E 89 -15.91 -5.22 24.31
CA GLN E 89 -16.09 -4.42 23.11
C GLN E 89 -15.29 -3.14 23.28
N THR E 90 -14.43 -2.85 22.30
CA THR E 90 -13.53 -1.71 22.39
C THR E 90 -13.46 -1.00 21.05
N GLU E 91 -13.13 0.28 21.11
CA GLU E 91 -13.30 1.18 19.97
C GLU E 91 -12.48 2.44 20.21
N VAL E 92 -11.93 3.00 19.15
CA VAL E 92 -11.16 4.25 19.21
C VAL E 92 -12.13 5.41 18.94
N ILE E 93 -12.06 6.44 19.77
CA ILE E 93 -13.07 7.49 19.81
C ILE E 93 -12.53 8.74 19.11
N GLY E 94 -13.32 9.29 18.20
CA GLY E 94 -12.97 10.52 17.54
C GLY E 94 -12.18 10.36 16.26
N ILE E 95 -12.33 9.25 15.55
CA ILE E 95 -11.52 9.00 14.37
C ILE E 95 -11.84 10.00 13.26
N THR E 96 -13.07 10.51 13.21
CA THR E 96 -13.42 11.44 12.15
C THR E 96 -12.87 12.84 12.38
N SER E 97 -12.36 13.14 13.58
CA SER E 97 -11.78 14.45 13.82
C SER E 97 -10.56 14.71 12.93
N MET E 98 -9.95 13.66 12.38
CA MET E 98 -8.82 13.83 11.48
C MET E 98 -9.25 14.36 10.11
N LEU E 99 -10.55 14.55 9.88
CA LEU E 99 -11.03 15.18 8.66
C LEU E 99 -10.98 16.69 8.72
N ASN E 100 -10.45 17.27 9.80
CA ASN E 100 -10.19 18.69 9.89
C ASN E 100 -8.85 18.96 9.21
N LEU E 101 -8.89 19.42 7.97
CA LEU E 101 -7.68 19.76 7.22
C LEU E 101 -7.51 21.26 7.06
N HIS E 102 -8.30 22.07 7.77
CA HIS E 102 -8.22 23.52 7.69
C HIS E 102 -7.50 24.14 8.87
N ALA E 103 -7.19 23.36 9.90
CA ALA E 103 -6.62 23.89 11.14
C ALA E 103 -5.20 23.38 11.32
N GLY E 104 -4.23 24.31 11.30
CA GLY E 104 -2.90 24.08 11.80
C GLY E 104 -1.98 23.26 10.93
N SER E 105 -2.48 22.49 9.98
CA SER E 105 -1.65 21.56 9.24
C SER E 105 -1.09 22.21 7.97
N GLN E 106 0.16 21.86 7.67
CA GLN E 106 0.84 22.33 6.47
C GLN E 106 0.07 21.94 5.22
N LYS E 107 -0.03 22.86 4.27
CA LYS E 107 -0.70 22.58 3.02
C LYS E 107 0.08 21.53 2.23
N VAL E 108 -0.67 20.68 1.51
CA VAL E 108 -0.04 19.59 0.76
C VAL E 108 0.66 20.14 -0.47
N HIS E 109 0.18 21.27 -0.99
CA HIS E 109 0.83 22.01 -2.06
C HIS E 109 0.20 23.39 -2.10
N GLU E 110 0.72 24.25 -2.98
CA GLU E 110 0.19 25.60 -3.08
C GLU E 110 -1.28 25.55 -3.49
N HIS E 111 -2.12 26.20 -2.69
CA HIS E 111 -3.58 26.35 -2.81
C HIS E 111 -4.34 25.11 -2.36
N GLY E 112 -3.68 24.09 -1.81
CA GLY E 112 -4.36 22.89 -1.38
C GLY E 112 -4.78 22.95 0.08
N GLY E 113 -5.45 21.88 0.51
CA GLY E 113 -5.83 21.75 1.91
C GLY E 113 -4.67 21.31 2.78
N GLY E 114 -4.98 21.12 4.06
CA GLY E 114 -3.96 20.73 5.01
C GLY E 114 -3.55 19.27 4.88
N LYS E 115 -2.37 18.97 5.41
CA LYS E 115 -1.83 17.62 5.33
C LYS E 115 -2.47 16.73 6.39
N PRO E 116 -3.04 15.60 6.00
CA PRO E 116 -3.67 14.71 6.98
C PRO E 116 -2.65 14.15 7.96
N ILE E 117 -3.16 13.74 9.11
CA ILE E 117 -2.35 13.00 10.07
C ILE E 117 -1.98 11.65 9.48
N GLN E 118 -0.70 11.31 9.51
CA GLN E 118 -0.21 10.06 8.95
C GLN E 118 1.13 9.73 9.60
N GLY E 119 1.65 8.55 9.27
CA GLY E 119 2.93 8.11 9.78
C GLY E 119 2.77 6.95 10.75
N SER E 120 3.86 6.67 11.46
CA SER E 120 3.91 5.57 12.41
C SER E 120 2.77 5.67 13.41
N ASN E 121 2.14 4.53 13.68
CA ASN E 121 1.05 4.46 14.65
C ASN E 121 1.13 3.16 15.43
N PHE E 122 0.48 3.15 16.59
CA PHE E 122 0.46 2.01 17.48
C PHE E 122 -0.90 1.98 18.17
N HIS E 123 -1.58 0.83 18.09
CA HIS E 123 -2.90 0.67 18.69
C HIS E 123 -2.90 -0.60 19.52
N PHE E 124 -3.33 -0.48 20.78
CA PHE E 124 -3.11 -1.51 21.77
C PHE E 124 -4.18 -1.40 22.86
N PHE E 125 -4.62 -2.55 23.37
CA PHE E 125 -5.47 -2.56 24.55
C PHE E 125 -5.28 -3.89 25.27
N ALA E 126 -5.62 -3.88 26.57
CA ALA E 126 -5.49 -5.07 27.40
C ALA E 126 -6.58 -5.06 28.46
N VAL E 127 -7.08 -6.25 28.79
CA VAL E 127 -8.06 -6.44 29.85
C VAL E 127 -7.56 -7.55 30.75
N GLY E 128 -7.56 -7.31 32.06
CA GLY E 128 -7.05 -8.32 32.97
C GLY E 128 -7.50 -8.07 34.40
N GLY E 129 -7.32 -9.11 35.22
CA GLY E 129 -7.59 -9.06 36.64
C GLY E 129 -6.42 -8.63 37.49
N ASP E 130 -5.29 -8.34 36.87
CA ASP E 130 -4.11 -7.80 37.51
C ASP E 130 -3.57 -6.69 36.62
N PRO E 131 -2.73 -5.80 37.15
CA PRO E 131 -2.11 -4.79 36.29
C PRO E 131 -1.31 -5.43 35.17
N LEU E 132 -1.25 -4.74 34.04
CA LEU E 132 -0.50 -5.24 32.89
C LEU E 132 0.99 -5.33 33.23
N GLU E 133 1.55 -6.51 33.01
CA GLU E 133 2.97 -6.76 33.23
C GLU E 133 3.73 -6.52 31.94
N MET E 134 4.86 -5.81 32.04
CA MET E 134 5.52 -5.29 30.86
C MET E 134 7.02 -5.55 30.90
N GLN E 135 7.62 -5.52 29.70
CA GLN E 135 9.04 -5.73 29.48
C GLN E 135 9.61 -4.53 28.77
N GLY E 136 10.78 -4.07 29.21
CA GLY E 136 11.41 -2.89 28.63
C GLY E 136 12.38 -3.25 27.53
N VAL E 137 12.23 -2.59 26.38
CA VAL E 137 13.15 -2.70 25.26
C VAL E 137 13.35 -1.31 24.69
N LEU E 138 14.60 -0.98 24.35
CA LEU E 138 14.99 0.38 24.02
C LEU E 138 15.60 0.45 22.63
N MET E 139 15.28 1.52 21.90
CA MET E 139 15.97 1.82 20.66
C MET E 139 17.44 2.13 20.92
N ASN E 140 17.70 2.93 21.95
CA ASN E 140 19.04 3.40 22.29
C ASN E 140 19.20 3.32 23.80
N TYR E 141 20.05 2.41 24.27
CA TYR E 141 20.18 2.21 25.72
C TYR E 141 20.76 3.42 26.42
N ARG E 142 21.56 4.23 25.71
CA ARG E 142 22.18 5.41 26.31
C ARG E 142 21.22 6.58 26.43
N THR E 143 19.96 6.42 26.04
CA THR E 143 19.01 7.53 26.08
C THR E 143 18.77 7.98 27.52
N LYS E 144 18.83 9.28 27.75
CA LYS E 144 18.51 9.87 29.04
C LYS E 144 17.02 10.19 29.06
N TYR E 145 16.26 9.39 29.80
CA TYR E 145 14.83 9.69 29.82
C TYR E 145 14.52 10.67 30.95
N PRO E 146 13.49 11.50 30.76
CA PRO E 146 13.33 12.68 31.62
C PRO E 146 12.62 12.36 32.94
N GLU E 147 12.70 13.34 33.85
CA GLU E 147 11.99 13.27 35.11
C GLU E 147 10.49 13.17 34.84
N GLY E 148 9.82 12.28 35.59
CA GLY E 148 8.40 12.07 35.42
C GLY E 148 8.05 10.83 34.63
N THR E 149 9.02 10.17 34.02
CA THR E 149 8.81 8.91 33.31
C THR E 149 9.41 7.77 34.12
N ILE E 150 8.91 6.56 33.83
CA ILE E 150 9.43 5.32 34.40
C ILE E 150 9.95 4.48 33.25
N THR E 151 11.26 4.34 33.15
CA THR E 151 11.95 3.64 32.08
C THR E 151 12.93 2.64 32.67
N PRO E 152 13.49 1.75 31.85
CA PRO E 152 14.41 0.73 32.38
C PRO E 152 15.49 1.28 33.31
N LYS E 153 15.66 0.60 34.44
CA LYS E 153 16.72 0.91 35.39
C LYS E 153 17.99 0.20 34.99
N ASN E 154 19.12 0.90 35.11
CA ASN E 154 20.44 0.37 34.76
C ASN E 154 20.46 -0.20 33.33
N PRO E 155 20.25 0.65 32.31
CA PRO E 155 20.23 0.13 30.95
C PRO E 155 21.62 -0.22 30.44
N THR E 156 21.69 -1.28 29.63
CA THR E 156 22.91 -1.69 28.95
C THR E 156 22.57 -1.96 27.50
N ALA E 157 23.61 -2.19 26.68
CA ALA E 157 23.38 -2.53 25.28
C ALA E 157 22.44 -3.73 25.15
N GLN E 158 22.49 -4.66 26.11
CA GLN E 158 21.54 -5.76 26.17
C GLN E 158 20.09 -5.25 26.14
N SER E 159 19.85 -4.05 26.66
CA SER E 159 18.48 -3.52 26.71
C SER E 159 17.95 -3.18 25.32
N GLN E 160 18.82 -3.12 24.31
CA GLN E 160 18.35 -2.86 22.96
C GLN E 160 17.81 -4.10 22.27
N VAL E 161 17.98 -5.28 22.86
CA VAL E 161 17.42 -6.51 22.30
C VAL E 161 16.53 -7.20 23.33
N MET E 162 17.10 -7.65 24.45
CA MET E 162 16.31 -8.27 25.52
C MET E 162 17.15 -8.28 26.79
N ASN E 163 16.67 -7.56 27.81
CA ASN E 163 17.31 -7.49 29.12
C ASN E 163 16.26 -7.86 30.16
N THR E 164 16.36 -9.06 30.71
CA THR E 164 15.30 -9.60 31.56
C THR E 164 15.12 -8.83 32.86
N ASP E 165 16.03 -7.93 33.22
CA ASP E 165 15.86 -7.16 34.44
C ASP E 165 14.79 -6.08 34.29
N HIS E 166 14.46 -5.69 33.06
CA HIS E 166 13.52 -4.59 32.82
C HIS E 166 12.08 -5.14 32.86
N LYS E 167 11.65 -5.45 34.08
CA LYS E 167 10.27 -5.85 34.34
C LYS E 167 9.55 -4.74 35.09
N ALA E 168 8.28 -4.53 34.76
CA ALA E 168 7.52 -3.47 35.39
C ALA E 168 6.03 -3.79 35.30
N TYR E 169 5.28 -3.21 36.23
CA TYR E 169 3.84 -3.23 36.19
C TYR E 169 3.34 -1.87 35.69
N LEU E 170 2.35 -1.92 34.80
CA LEU E 170 1.69 -0.68 34.38
C LEU E 170 0.86 -0.15 35.54
N ASP E 171 1.55 0.41 36.54
CA ASP E 171 0.93 0.76 37.81
C ASP E 171 0.77 2.26 38.00
N LYS E 172 1.03 3.05 36.96
CA LYS E 172 0.91 4.50 37.03
C LYS E 172 0.53 5.03 35.65
N ASN E 173 -0.36 6.01 35.63
CA ASN E 173 -0.85 6.58 34.38
C ASN E 173 0.06 7.72 33.93
N ASN E 174 0.22 7.84 32.62
CA ASN E 174 1.04 8.89 32.01
C ASN E 174 2.46 8.90 32.58
N ALA E 175 3.07 7.71 32.64
CA ALA E 175 4.45 7.58 33.14
C ALA E 175 5.31 6.58 32.39
N TYR E 176 4.74 5.58 31.73
CA TYR E 176 5.53 4.57 31.03
C TYR E 176 5.54 4.90 29.54
N PRO E 177 6.64 5.40 28.99
CA PRO E 177 6.64 5.75 27.57
C PRO E 177 6.41 4.53 26.69
N VAL E 178 5.62 4.71 25.65
CA VAL E 178 5.32 3.61 24.75
C VAL E 178 6.61 3.10 24.11
N GLU E 179 7.52 4.01 23.77
CA GLU E 179 8.76 3.62 23.08
C GLU E 179 9.69 2.81 23.96
N CYS E 180 9.38 2.65 25.25
CA CYS E 180 10.24 1.93 26.17
C CYS E 180 9.70 0.58 26.60
N TRP E 181 8.39 0.37 26.51
CA TRP E 181 7.76 -0.79 27.14
C TRP E 181 6.84 -1.50 26.16
N ILE E 182 6.77 -2.82 26.31
CA ILE E 182 5.85 -3.65 25.55
C ILE E 182 5.21 -4.65 26.52
N PRO E 183 4.04 -5.17 26.17
CA PRO E 183 3.44 -6.21 27.02
C PRO E 183 4.33 -7.45 27.06
N ASP E 184 4.52 -7.99 28.27
CA ASP E 184 5.48 -9.06 28.49
C ASP E 184 4.85 -10.40 28.13
N PRO E 185 5.26 -11.06 27.04
CA PRO E 185 4.63 -12.34 26.67
C PRO E 185 4.95 -13.48 27.61
N SER E 186 6.02 -13.37 28.40
CA SER E 186 6.38 -14.44 29.34
C SER E 186 5.61 -14.36 30.64
N ARG E 187 4.80 -13.32 30.84
N ARG E 187 4.81 -13.31 30.83
CA ARG E 187 3.96 -13.23 32.03
CA ARG E 187 3.98 -13.17 32.02
C ARG E 187 2.53 -12.93 31.58
C ARG E 187 2.52 -12.94 31.61
N ASN E 188 1.81 -12.08 32.32
CA ASN E 188 0.43 -11.72 31.99
C ASN E 188 -0.48 -12.95 31.90
N GLU E 189 -0.35 -13.86 32.88
CA GLU E 189 -1.19 -15.04 32.89
C GLU E 189 -2.66 -14.69 33.07
N ASN E 190 -2.94 -13.54 33.69
CA ASN E 190 -4.29 -13.13 34.05
C ASN E 190 -4.77 -11.94 33.22
N THR E 191 -4.13 -11.70 32.08
CA THR E 191 -4.47 -10.58 31.21
C THR E 191 -4.44 -11.03 29.76
N ARG E 192 -5.33 -10.45 28.95
CA ARG E 192 -5.30 -10.59 27.50
C ARG E 192 -4.94 -9.24 26.89
N TYR E 193 -3.98 -9.23 25.96
CA TYR E 193 -3.56 -7.99 25.32
C TYR E 193 -3.50 -8.19 23.81
N PHE E 194 -3.63 -7.06 23.10
CA PHE E 194 -3.68 -7.04 21.64
C PHE E 194 -3.07 -5.72 21.19
N GLY E 195 -2.05 -5.78 20.33
CA GLY E 195 -1.42 -4.56 19.83
C GLY E 195 -0.91 -4.73 18.41
N THR E 196 -0.87 -3.62 17.69
CA THR E 196 -0.36 -3.61 16.32
C THR E 196 0.43 -2.32 16.08
N PHE E 197 1.67 -2.47 15.64
CA PHE E 197 2.51 -1.33 15.26
C PHE E 197 2.66 -1.30 13.75
N THR E 198 2.46 -0.11 13.18
CA THR E 198 2.72 0.14 11.77
C THR E 198 3.59 1.40 11.69
N GLY E 199 4.84 1.23 11.25
CA GLY E 199 5.75 2.35 11.15
C GLY E 199 6.03 2.78 9.72
N GLY E 200 6.40 4.03 9.53
CA GLY E 200 6.70 4.56 8.20
C GLY E 200 6.15 5.94 8.01
N GLU E 201 6.87 6.76 7.23
CA GLU E 201 6.53 8.17 7.12
C GLU E 201 5.13 8.39 6.58
N ASN E 202 4.71 7.56 5.63
CA ASN E 202 3.48 7.78 4.88
C ASN E 202 2.39 6.77 5.20
N VAL E 203 2.53 6.04 6.31
CA VAL E 203 1.54 5.06 6.73
C VAL E 203 0.20 5.75 6.93
N PRO E 204 -0.84 5.31 6.23
CA PRO E 204 -2.17 5.90 6.43
C PRO E 204 -2.87 5.30 7.64
N PRO E 205 -3.49 6.13 8.47
CA PRO E 205 -4.35 5.60 9.54
C PRO E 205 -5.55 4.87 8.94
N VAL E 206 -5.84 3.70 9.47
CA VAL E 206 -6.99 2.89 9.05
C VAL E 206 -7.70 2.44 10.32
N LEU E 207 -8.88 3.02 10.58
CA LEU E 207 -9.60 2.79 11.82
C LEU E 207 -11.05 2.43 11.54
N HIS E 208 -11.51 1.33 12.12
N HIS E 208 -11.53 1.36 12.17
CA HIS E 208 -12.87 0.85 11.99
CA HIS E 208 -12.87 0.83 11.97
C HIS E 208 -13.62 1.04 13.30
C HIS E 208 -13.65 0.89 13.28
N VAL E 209 -14.92 1.30 13.20
CA VAL E 209 -15.80 1.41 14.35
C VAL E 209 -17.08 0.63 14.04
N THR E 210 -17.61 -0.03 15.07
CA THR E 210 -18.88 -0.74 14.99
C THR E 210 -19.21 -1.26 16.38
N ASN E 211 -20.49 -1.22 16.73
CA ASN E 211 -20.96 -1.78 18.00
C ASN E 211 -21.50 -3.21 17.84
N THR E 212 -21.04 -3.93 16.82
CA THR E 212 -21.45 -5.31 16.58
C THR E 212 -20.33 -6.31 16.79
N ALA E 213 -19.13 -5.87 17.17
CA ALA E 213 -17.97 -6.73 17.29
C ALA E 213 -17.57 -6.90 18.75
N THR E 214 -17.22 -8.14 19.12
CA THR E 214 -16.89 -8.48 20.49
C THR E 214 -15.70 -9.43 20.51
N THR E 215 -14.76 -9.18 21.41
CA THR E 215 -13.61 -10.05 21.62
C THR E 215 -13.84 -10.90 22.85
N VAL E 216 -13.74 -12.22 22.69
CA VAL E 216 -13.90 -13.15 23.80
C VAL E 216 -12.58 -13.28 24.53
N LEU E 217 -12.64 -13.29 25.86
CA LEU E 217 -11.46 -13.27 26.70
C LEU E 217 -11.17 -14.60 27.39
N LEU E 218 -11.94 -15.65 27.11
CA LEU E 218 -11.68 -16.95 27.72
C LEU E 218 -10.44 -17.58 27.11
N ASP E 219 -9.74 -18.37 27.92
CA ASP E 219 -8.54 -19.06 27.46
C ASP E 219 -8.92 -20.42 26.87
N GLU E 220 -7.92 -21.28 26.64
CA GLU E 220 -8.19 -22.58 26.04
C GLU E 220 -9.10 -23.44 26.92
N GLN E 221 -9.05 -23.25 28.24
CA GLN E 221 -9.90 -23.98 29.16
C GLN E 221 -11.25 -23.30 29.36
N GLY E 222 -11.49 -22.16 28.71
CA GLY E 222 -12.75 -21.46 28.87
C GLY E 222 -12.84 -20.62 30.12
N VAL E 223 -11.71 -20.12 30.61
CA VAL E 223 -11.66 -19.26 31.80
C VAL E 223 -11.13 -17.91 31.36
N GLY E 224 -11.81 -16.85 31.80
CA GLY E 224 -11.37 -15.50 31.52
C GLY E 224 -10.54 -14.93 32.65
N PRO E 225 -10.09 -13.70 32.51
CA PRO E 225 -9.32 -13.07 33.59
C PRO E 225 -10.13 -13.00 34.88
N LEU E 226 -9.54 -13.53 35.95
CA LEU E 226 -10.16 -13.52 37.27
C LEU E 226 -9.69 -12.27 38.02
N CYS E 227 -10.65 -11.48 38.51
CA CYS E 227 -10.38 -10.14 38.98
C CYS E 227 -10.00 -10.19 40.46
N LYS E 228 -8.70 -10.16 40.73
CA LYS E 228 -8.19 -10.09 42.10
C LYS E 228 -8.69 -8.83 42.78
N ALA E 229 -9.18 -8.99 44.02
CA ALA E 229 -9.59 -7.88 44.88
C ALA E 229 -10.67 -7.03 44.21
N ASP E 230 -11.54 -7.68 43.43
CA ASP E 230 -12.70 -7.04 42.81
C ASP E 230 -12.29 -5.82 41.99
N SER E 231 -11.19 -5.95 41.23
CA SER E 231 -10.66 -4.87 40.43
C SER E 231 -10.38 -5.36 39.02
N LEU E 232 -10.86 -4.60 38.03
CA LEU E 232 -10.63 -4.88 36.63
C LEU E 232 -9.70 -3.80 36.06
N TYR E 233 -8.73 -4.23 35.25
CA TYR E 233 -7.71 -3.34 34.72
C TYR E 233 -7.86 -3.21 33.22
N VAL E 234 -7.98 -1.98 32.74
CA VAL E 234 -7.98 -1.67 31.31
C VAL E 234 -6.76 -0.83 31.01
N SER E 235 -6.10 -1.12 29.89
CA SER E 235 -4.91 -0.41 29.47
C SER E 235 -5.00 -0.15 27.97
N ALA E 236 -4.37 0.94 27.52
CA ALA E 236 -4.48 1.32 26.12
C ALA E 236 -3.29 2.16 25.70
N ALA E 237 -3.00 2.12 24.41
CA ALA E 237 -2.08 3.04 23.75
C ALA E 237 -2.58 3.19 22.33
N ASP E 238 -2.93 4.41 21.92
CA ASP E 238 -3.52 4.65 20.62
C ASP E 238 -2.90 5.90 20.01
N ILE E 239 -1.65 5.76 19.58
CA ILE E 239 -0.97 6.78 18.79
C ILE E 239 -1.47 6.64 17.36
N CYS E 240 -2.08 7.71 16.83
CA CYS E 240 -2.72 7.63 15.52
C CYS E 240 -1.81 8.05 14.37
N GLY E 241 -0.73 8.77 14.66
CA GLY E 241 0.15 9.24 13.62
C GLY E 241 0.73 10.60 14.00
N LEU E 242 1.31 11.25 13.00
CA LEU E 242 1.98 12.54 13.19
C LEU E 242 1.17 13.66 12.55
N PHE E 243 1.03 14.75 13.30
CA PHE E 243 0.43 15.99 12.81
C PHE E 243 1.56 16.89 12.33
N THR E 244 1.45 17.40 11.10
CA THR E 244 2.48 18.25 10.52
C THR E 244 1.98 19.69 10.48
N ASN E 245 2.67 20.57 11.20
CA ASN E 245 2.29 21.97 11.25
C ASN E 245 2.78 22.71 10.01
N SER E 246 2.32 23.96 9.88
CA SER E 246 2.69 24.77 8.72
C SER E 246 4.19 24.99 8.63
N SER E 247 4.88 25.06 9.77
CA SER E 247 6.32 25.28 9.77
C SER E 247 7.10 24.03 9.39
N GLY E 248 6.46 22.87 9.44
CA GLY E 248 7.11 21.60 9.18
C GLY E 248 7.33 20.77 10.43
N THR E 249 7.16 21.35 11.61
CA THR E 249 7.25 20.58 12.84
C THR E 249 6.16 19.53 12.89
N GLN E 250 6.36 18.51 13.73
CA GLN E 250 5.47 17.37 13.80
C GLN E 250 5.15 17.03 15.25
N GLN E 251 3.89 16.65 15.48
CA GLN E 251 3.42 16.26 16.81
C GLN E 251 2.64 14.96 16.71
N TRP E 252 2.80 14.10 17.71
CA TRP E 252 1.96 12.90 17.80
C TRP E 252 0.53 13.30 18.11
N ARG E 253 -0.43 12.56 17.54
CA ARG E 253 -1.83 12.72 17.86
C ARG E 253 -2.39 11.39 18.33
N GLY E 254 -3.01 11.37 19.50
CA GLY E 254 -3.63 10.18 20.03
C GLY E 254 -5.12 10.40 20.25
N LEU E 255 -5.82 9.29 20.45
CA LEU E 255 -7.27 9.30 20.67
C LEU E 255 -7.62 8.37 21.82
N ALA E 256 -8.75 8.65 22.44
CA ALA E 256 -9.23 7.84 23.56
C ALA E 256 -9.78 6.51 23.07
N ARG E 257 -9.92 5.57 24.00
CA ARG E 257 -10.41 4.22 23.71
C ARG E 257 -11.54 3.87 24.67
N TYR E 258 -12.62 3.32 24.12
CA TYR E 258 -13.77 2.89 24.90
C TYR E 258 -13.67 1.41 25.24
N PHE E 259 -14.13 1.05 26.43
CA PHE E 259 -14.19 -0.33 26.87
C PHE E 259 -15.60 -0.63 27.36
N LYS E 260 -16.12 -1.79 27.01
CA LYS E 260 -17.33 -2.33 27.63
C LYS E 260 -17.09 -3.81 27.85
N ILE E 261 -17.00 -4.21 29.12
CA ILE E 261 -16.62 -5.57 29.50
C ILE E 261 -17.78 -6.23 30.22
N ARG E 262 -18.15 -7.42 29.77
CA ARG E 262 -19.13 -8.24 30.47
C ARG E 262 -18.40 -9.25 31.36
N LEU E 263 -18.90 -9.41 32.58
CA LEU E 263 -18.29 -10.31 33.55
C LEU E 263 -19.36 -11.20 34.17
N ARG E 264 -18.91 -12.31 34.74
CA ARG E 264 -19.78 -13.25 35.42
C ARG E 264 -19.11 -13.73 36.69
N LYS E 265 -19.91 -14.29 37.60
CA LYS E 265 -19.43 -14.75 38.90
C LYS E 265 -18.92 -16.18 38.80
N ARG E 266 -17.73 -16.42 39.36
CA ARG E 266 -17.07 -17.72 39.28
C ARG E 266 -16.70 -18.18 40.67
N SER E 267 -16.98 -19.46 40.98
CA SER E 267 -16.55 -20.05 42.23
C SER E 267 -15.08 -20.43 42.14
N VAL E 268 -14.33 -20.15 43.22
CA VAL E 268 -12.91 -20.45 43.28
C VAL E 268 -12.61 -21.11 44.62
N LYS E 269 -11.46 -21.78 44.67
CA LYS E 269 -11.00 -22.42 45.89
C LYS E 269 -9.53 -22.11 46.15
N GLN F 1 47.47 -41.29 3.37
CA GLN F 1 46.28 -40.47 3.13
C GLN F 1 45.76 -40.62 1.71
N VAL F 2 45.54 -39.48 1.06
CA VAL F 2 44.99 -39.48 -0.29
C VAL F 2 46.08 -39.85 -1.30
N GLN F 3 45.67 -40.57 -2.35
CA GLN F 3 46.56 -40.93 -3.45
C GLN F 3 45.92 -40.56 -4.77
N LEU F 4 46.69 -39.90 -5.64
CA LEU F 4 46.25 -39.56 -6.99
C LEU F 4 47.35 -39.93 -7.96
N VAL F 5 47.01 -40.71 -8.99
CA VAL F 5 47.97 -41.17 -9.99
C VAL F 5 47.48 -40.73 -11.36
N GLU F 6 48.20 -39.79 -11.98
CA GLU F 6 47.90 -39.37 -13.34
C GLU F 6 48.63 -40.26 -14.34
N SER F 7 48.06 -40.38 -15.53
CA SER F 7 48.65 -41.19 -16.58
C SER F 7 48.14 -40.71 -17.93
N GLY F 8 48.89 -41.06 -18.98
CA GLY F 8 48.50 -40.75 -20.34
C GLY F 8 49.42 -39.81 -21.10
N GLY F 9 50.30 -39.08 -20.43
CA GLY F 9 51.13 -38.10 -21.13
C GLY F 9 52.21 -38.75 -21.95
N THR F 10 52.42 -38.23 -23.16
CA THR F 10 53.43 -38.73 -24.09
C THR F 10 53.70 -37.64 -25.13
N LEU F 11 54.43 -38.01 -26.18
CA LEU F 11 54.68 -37.08 -27.28
C LEU F 11 53.51 -37.09 -28.25
N VAL F 12 53.06 -35.90 -28.64
CA VAL F 12 51.94 -35.75 -29.56
C VAL F 12 52.31 -34.73 -30.63
N GLN F 13 51.90 -35.00 -31.87
CA GLN F 13 52.07 -34.02 -32.92
C GLN F 13 51.04 -32.91 -32.77
N PRO F 14 51.36 -31.69 -33.23
CA PRO F 14 50.37 -30.61 -33.17
C PRO F 14 49.13 -30.96 -33.98
N GLY F 15 47.96 -30.63 -33.40
CA GLY F 15 46.68 -30.98 -33.98
C GLY F 15 46.14 -32.32 -33.56
N GLY F 16 46.94 -33.14 -32.87
CA GLY F 16 46.51 -34.46 -32.45
C GLY F 16 45.69 -34.42 -31.18
N SER F 17 45.35 -35.62 -30.69
CA SER F 17 44.51 -35.78 -29.52
C SER F 17 45.18 -36.71 -28.52
N LEU F 18 44.85 -36.50 -27.24
CA LEU F 18 45.41 -37.29 -26.15
C LEU F 18 44.42 -37.28 -25.00
N ARG F 19 44.39 -38.37 -24.24
CA ARG F 19 43.45 -38.55 -23.15
C ARG F 19 44.21 -38.89 -21.87
N LEU F 20 44.02 -38.07 -20.84
CA LEU F 20 44.67 -38.26 -19.54
C LEU F 20 43.71 -38.91 -18.56
N SER F 21 44.28 -39.66 -17.63
CA SER F 21 43.51 -40.33 -16.59
C SER F 21 44.10 -39.99 -15.22
N CYS F 22 43.24 -40.01 -14.21
CA CYS F 22 43.67 -39.80 -12.82
C CYS F 22 42.91 -40.80 -11.95
N ALA F 23 43.64 -41.75 -11.35
CA ALA F 23 43.07 -42.74 -10.46
C ALA F 23 43.15 -42.25 -9.03
N ALA F 24 42.00 -42.07 -8.40
CA ALA F 24 41.90 -41.53 -7.05
C ALA F 24 41.56 -42.64 -6.05
N SER F 25 42.11 -42.50 -4.84
CA SER F 25 41.83 -43.44 -3.76
C SER F 25 42.16 -42.78 -2.44
N GLY F 26 41.66 -43.37 -1.36
CA GLY F 26 41.93 -42.86 -0.04
C GLY F 26 40.98 -41.78 0.44
N PHE F 27 39.90 -41.51 -0.28
CA PHE F 27 38.90 -40.53 0.14
C PHE F 27 37.61 -40.80 -0.61
N THR F 28 36.54 -40.13 -0.19
CA THR F 28 35.23 -40.32 -0.79
C THR F 28 35.16 -39.47 -2.05
N PHE F 29 35.40 -40.11 -3.20
CA PHE F 29 35.63 -39.40 -4.46
C PHE F 29 34.43 -38.55 -4.85
N ASN F 30 33.23 -39.06 -4.65
CA ASN F 30 32.03 -38.39 -5.14
C ASN F 30 31.61 -37.20 -4.27
N ASN F 31 32.38 -36.86 -3.23
CA ASN F 31 32.02 -35.77 -2.34
C ASN F 31 32.70 -34.45 -2.69
N TYR F 32 33.57 -34.43 -3.69
CA TYR F 32 34.40 -33.26 -3.93
C TYR F 32 34.49 -32.95 -5.42
N TRP F 33 34.69 -31.66 -5.72
CA TRP F 33 35.10 -31.25 -7.05
C TRP F 33 36.50 -31.77 -7.34
N MET F 34 36.80 -31.94 -8.62
CA MET F 34 38.14 -32.28 -9.07
C MET F 34 38.60 -31.22 -10.07
N THR F 35 39.91 -31.07 -10.19
CA THR F 35 40.50 -29.98 -10.96
C THR F 35 41.72 -30.49 -11.71
N TRP F 36 41.92 -29.97 -12.92
CA TRP F 36 43.15 -30.17 -13.67
C TRP F 36 43.97 -28.88 -13.67
N VAL F 37 45.26 -29.00 -13.37
CA VAL F 37 46.19 -27.90 -13.41
C VAL F 37 47.40 -28.33 -14.24
N ARG F 38 47.97 -27.39 -14.99
CA ARG F 38 49.15 -27.68 -15.79
C ARG F 38 50.28 -26.73 -15.44
N GLN F 39 51.49 -27.12 -15.87
CA GLN F 39 52.70 -26.36 -15.54
C GLN F 39 53.69 -26.57 -16.67
N ALA F 40 53.84 -25.55 -17.51
CA ALA F 40 54.83 -25.60 -18.58
C ALA F 40 56.23 -25.77 -17.99
N PRO F 41 57.15 -26.42 -18.72
CA PRO F 41 58.49 -26.68 -18.17
C PRO F 41 59.19 -25.42 -17.69
N GLY F 42 59.50 -25.37 -16.40
CA GLY F 42 60.18 -24.22 -15.83
C GLY F 42 59.34 -22.98 -15.69
N LYS F 43 58.02 -23.09 -15.80
CA LYS F 43 57.10 -21.96 -15.63
C LYS F 43 56.14 -22.26 -14.49
N GLY F 44 55.12 -21.41 -14.34
CA GLY F 44 54.23 -21.47 -13.22
C GLY F 44 53.02 -22.37 -13.45
N LEU F 45 52.11 -22.33 -12.48
CA LEU F 45 50.89 -23.14 -12.52
C LEU F 45 49.79 -22.41 -13.27
N GLU F 46 48.95 -23.18 -13.96
CA GLU F 46 47.81 -22.63 -14.67
C GLU F 46 46.60 -23.54 -14.49
N TRP F 47 45.51 -22.96 -13.99
CA TRP F 47 44.26 -23.69 -13.86
C TRP F 47 43.69 -24.02 -15.24
N VAL F 48 43.32 -25.27 -15.45
CA VAL F 48 42.84 -25.76 -16.74
C VAL F 48 41.34 -25.99 -16.74
N ALA F 49 40.84 -26.78 -15.80
CA ALA F 49 39.43 -27.17 -15.77
C ALA F 49 39.11 -27.77 -14.42
N ASN F 50 37.83 -27.70 -14.05
CA ASN F 50 37.34 -28.39 -12.86
C ASN F 50 35.98 -29.02 -13.19
N ILE F 51 35.52 -29.89 -12.30
CA ILE F 51 34.27 -30.62 -12.52
C ILE F 51 33.59 -30.84 -11.18
N LYS F 52 32.27 -30.72 -11.17
CA LYS F 52 31.45 -30.85 -9.97
C LYS F 52 31.48 -32.28 -9.45
N LYS F 53 30.93 -32.46 -8.24
CA LYS F 53 30.94 -33.78 -7.58
C LYS F 53 30.39 -34.86 -8.50
N ASP F 54 29.17 -34.68 -8.98
CA ASP F 54 28.51 -35.66 -9.85
C ASP F 54 28.80 -35.42 -11.33
N GLY F 55 29.65 -34.45 -11.65
CA GLY F 55 29.96 -34.14 -13.03
C GLY F 55 28.94 -33.29 -13.75
N SER F 56 27.97 -32.72 -13.04
CA SER F 56 26.90 -31.96 -13.67
C SER F 56 27.31 -30.52 -14.00
N GLU F 57 28.49 -30.08 -13.58
CA GLU F 57 29.00 -28.77 -13.98
C GLU F 57 30.48 -28.91 -14.32
N LYS F 58 30.89 -28.26 -15.41
CA LYS F 58 32.27 -28.28 -15.88
C LYS F 58 32.67 -26.87 -16.30
N TYR F 59 33.94 -26.52 -16.04
CA TYR F 59 34.44 -25.20 -16.42
C TYR F 59 35.85 -25.34 -16.95
N TYR F 60 36.20 -24.48 -17.90
CA TYR F 60 37.46 -24.55 -18.60
C TYR F 60 38.07 -23.16 -18.73
N VAL F 61 39.40 -23.13 -18.77
CA VAL F 61 40.10 -21.89 -19.10
C VAL F 61 39.90 -21.59 -20.58
N ASP F 62 39.91 -20.31 -20.93
CA ASP F 62 39.54 -19.87 -22.27
C ASP F 62 40.35 -20.59 -23.35
N SER F 63 41.67 -20.70 -23.14
CA SER F 63 42.55 -21.23 -24.17
C SER F 63 42.23 -22.68 -24.52
N VAL F 64 41.57 -23.42 -23.63
CA VAL F 64 41.27 -24.83 -23.89
C VAL F 64 39.79 -25.08 -24.07
N ARG F 65 38.93 -24.09 -23.88
CA ARG F 65 37.49 -24.31 -24.04
C ARG F 65 37.17 -24.62 -25.49
N GLY F 66 36.38 -25.67 -25.72
CA GLY F 66 36.11 -26.18 -27.04
C GLY F 66 37.07 -27.27 -27.50
N ARG F 67 38.24 -27.36 -26.89
CA ARG F 67 39.23 -28.38 -27.23
C ARG F 67 39.37 -29.45 -26.15
N PHE F 68 39.21 -29.09 -24.89
CA PHE F 68 39.36 -30.03 -23.78
C PHE F 68 38.00 -30.39 -23.21
N THR F 69 37.90 -31.62 -22.71
CA THR F 69 36.66 -32.13 -22.12
C THR F 69 37.01 -32.86 -20.83
N ILE F 70 36.55 -32.32 -19.70
CA ILE F 70 36.77 -32.94 -18.40
C ILE F 70 35.59 -33.85 -18.10
N SER F 71 35.87 -34.99 -17.47
CA SER F 71 34.83 -35.92 -17.09
C SER F 71 35.33 -36.76 -15.92
N ARG F 72 34.40 -37.43 -15.26
CA ARG F 72 34.75 -38.28 -14.12
C ARG F 72 33.83 -39.49 -14.10
N ASP F 73 34.35 -40.58 -13.55
CA ASP F 73 33.62 -41.84 -13.38
C ASP F 73 33.60 -42.13 -11.87
N ASN F 74 32.54 -41.68 -11.21
CA ASN F 74 32.46 -41.82 -9.75
C ASN F 74 32.40 -43.27 -9.30
N ALA F 75 31.93 -44.18 -10.17
CA ALA F 75 31.93 -45.60 -9.80
C ALA F 75 33.34 -46.17 -9.77
N LYS F 76 34.24 -45.64 -10.58
CA LYS F 76 35.60 -46.15 -10.69
C LYS F 76 36.64 -45.23 -10.05
N ASN F 77 36.20 -44.13 -9.43
CA ASN F 77 37.11 -43.17 -8.78
C ASN F 77 38.15 -42.64 -9.76
N SER F 78 37.68 -42.25 -10.95
CA SER F 78 38.57 -41.84 -12.03
C SER F 78 38.16 -40.48 -12.58
N LEU F 79 39.17 -39.67 -12.87
CA LEU F 79 39.01 -38.36 -13.51
C LEU F 79 39.73 -38.39 -14.84
N PHE F 80 39.14 -37.72 -15.84
CA PHE F 80 39.67 -37.77 -17.20
C PHE F 80 39.76 -36.37 -17.78
N LEU F 81 40.68 -36.20 -18.73
CA LEU F 81 40.83 -34.97 -19.49
C LEU F 81 41.08 -35.33 -20.95
N GLN F 82 40.11 -35.07 -21.81
CA GLN F 82 40.24 -35.33 -23.24
C GLN F 82 40.77 -34.08 -23.93
N MET F 83 41.93 -34.20 -24.57
CA MET F 83 42.61 -33.07 -25.19
C MET F 83 42.61 -33.26 -26.70
N ASN F 84 41.92 -32.37 -27.41
CA ASN F 84 41.85 -32.38 -28.86
C ASN F 84 42.49 -31.12 -29.42
N SER F 85 42.91 -31.19 -30.68
CA SER F 85 43.51 -30.06 -31.39
C SER F 85 44.67 -29.46 -30.59
N LEU F 86 45.59 -30.33 -30.17
CA LEU F 86 46.65 -29.93 -29.27
C LEU F 86 47.61 -28.96 -29.95
N ARG F 87 47.92 -27.87 -29.25
CA ARG F 87 48.86 -26.86 -29.70
C ARG F 87 50.19 -27.02 -28.98
N PRO F 88 51.27 -26.47 -29.56
CA PRO F 88 52.57 -26.54 -28.87
C PRO F 88 52.57 -25.89 -27.49
N GLU F 89 51.74 -24.88 -27.26
CA GLU F 89 51.69 -24.22 -25.96
C GLU F 89 51.01 -25.07 -24.90
N ASP F 90 50.39 -26.18 -25.27
CA ASP F 90 49.81 -27.10 -24.29
C ASP F 90 50.86 -27.98 -23.62
N THR F 91 52.11 -27.95 -24.09
CA THR F 91 53.16 -28.75 -23.50
C THR F 91 53.40 -28.35 -22.05
N ALA F 92 53.15 -29.27 -21.13
CA ALA F 92 53.22 -29.00 -19.71
C ALA F 92 53.04 -30.31 -18.96
N VAL F 93 53.37 -30.28 -17.67
CA VAL F 93 53.00 -31.34 -16.75
C VAL F 93 51.61 -31.05 -16.22
N TYR F 94 50.69 -32.00 -16.38
CA TYR F 94 49.31 -31.83 -15.99
C TYR F 94 49.07 -32.49 -14.63
N PHE F 95 48.60 -31.70 -13.67
CA PHE F 95 48.32 -32.19 -12.32
C PHE F 95 46.83 -32.43 -12.15
N CYS F 96 46.51 -33.39 -11.28
CA CYS F 96 45.15 -33.72 -10.90
C CYS F 96 44.98 -33.41 -9.43
N ALA F 97 43.95 -32.65 -9.08
CA ALA F 97 43.84 -32.09 -7.74
C ALA F 97 42.41 -32.13 -7.22
N THR F 98 42.29 -32.33 -5.91
CA THR F 98 41.01 -32.36 -5.22
C THR F 98 40.66 -30.98 -4.68
N VAL F 99 39.37 -30.78 -4.42
CA VAL F 99 38.84 -29.50 -3.95
C VAL F 99 38.15 -29.77 -2.62
N ARG F 100 38.88 -29.62 -1.52
CA ARG F 100 38.38 -30.02 -0.21
C ARG F 100 38.26 -28.88 0.78
N SER F 101 39.31 -28.07 0.94
CA SER F 101 39.35 -27.09 2.01
C SER F 101 38.67 -25.79 1.57
N GLY F 102 37.67 -25.35 2.34
CA GLY F 102 37.12 -24.04 2.16
C GLY F 102 35.97 -23.97 1.17
N ARG F 103 35.62 -22.73 0.83
CA ARG F 103 34.45 -22.44 0.00
C ARG F 103 34.79 -22.12 -1.45
N TYR F 104 36.03 -21.77 -1.77
CA TYR F 104 36.34 -21.11 -3.02
C TYR F 104 37.50 -21.80 -3.76
N PHE F 105 37.41 -23.13 -3.88
CA PHE F 105 38.16 -23.91 -4.86
C PHE F 105 39.67 -23.92 -4.61
N ALA F 106 40.10 -23.91 -3.36
CA ALA F 106 41.49 -24.21 -3.08
C ALA F 106 41.76 -25.69 -3.38
N LEU F 107 43.00 -25.98 -3.75
CA LEU F 107 43.38 -27.31 -4.23
C LEU F 107 44.25 -27.99 -3.18
N ASP F 108 43.74 -29.08 -2.60
CA ASP F 108 44.35 -29.71 -1.44
C ASP F 108 45.37 -30.79 -1.82
N ASP F 109 44.92 -31.85 -2.48
CA ASP F 109 45.75 -33.00 -2.79
C ASP F 109 46.08 -33.01 -4.28
N TRP F 110 47.36 -33.10 -4.61
CA TRP F 110 47.83 -33.12 -5.98
C TRP F 110 48.51 -34.45 -6.28
N GLY F 111 48.36 -34.91 -7.51
CA GLY F 111 49.11 -36.07 -7.97
C GLY F 111 50.52 -35.68 -8.38
N GLN F 112 51.29 -36.70 -8.75
CA GLN F 112 52.68 -36.47 -9.15
C GLN F 112 52.80 -35.77 -10.49
N GLY F 113 51.73 -35.76 -11.28
CA GLY F 113 51.74 -35.11 -12.58
C GLY F 113 52.12 -36.05 -13.72
N THR F 114 51.72 -35.65 -14.93
CA THR F 114 52.06 -36.40 -16.13
C THR F 114 52.39 -35.40 -17.24
N LEU F 115 53.46 -35.66 -17.97
CA LEU F 115 54.01 -34.70 -18.92
C LEU F 115 53.42 -34.92 -20.30
N VAL F 116 52.93 -33.84 -20.91
CA VAL F 116 52.46 -33.84 -22.29
C VAL F 116 53.38 -32.93 -23.09
N THR F 117 53.95 -33.47 -24.17
CA THR F 117 54.85 -32.71 -25.04
C THR F 117 54.25 -32.66 -26.44
N VAL F 118 53.99 -31.46 -26.93
CA VAL F 118 53.48 -31.23 -28.28
C VAL F 118 54.54 -30.50 -29.08
N SER F 119 54.94 -31.08 -30.20
CA SER F 119 56.04 -30.54 -31.00
C SER F 119 55.58 -29.35 -31.85
N VAL F 143 48.15 -11.39 -14.40
CA VAL F 143 47.05 -10.79 -13.66
C VAL F 143 47.45 -10.56 -12.21
N LEU F 144 48.01 -11.60 -11.60
CA LEU F 144 48.55 -11.53 -10.25
C LEU F 144 50.06 -11.37 -10.32
N THR F 145 50.60 -10.42 -9.56
CA THR F 145 52.00 -10.05 -9.63
C THR F 145 52.70 -10.51 -8.35
N GLN F 146 53.74 -11.32 -8.51
CA GLN F 146 54.56 -11.79 -7.41
C GLN F 146 56.02 -11.40 -7.64
N PRO F 147 56.78 -11.17 -6.58
CA PRO F 147 58.23 -10.98 -6.71
C PRO F 147 58.90 -12.25 -7.19
N PRO F 148 59.82 -12.16 -8.15
CA PRO F 148 60.47 -13.39 -8.64
C PRO F 148 61.26 -14.13 -7.57
N SER F 149 61.96 -13.40 -6.70
CA SER F 149 62.83 -14.04 -5.72
C SER F 149 62.68 -13.37 -4.36
N VAL F 150 62.93 -14.14 -3.31
CA VAL F 150 62.96 -13.66 -1.94
C VAL F 150 64.02 -14.44 -1.18
N SER F 151 64.88 -13.73 -0.44
CA SER F 151 65.93 -14.34 0.36
C SER F 151 65.71 -14.02 1.83
N VAL F 152 65.98 -15.01 2.69
CA VAL F 152 65.74 -14.89 4.11
C VAL F 152 66.78 -15.72 4.85
N ALA F 153 67.19 -15.23 6.01
CA ALA F 153 68.11 -15.97 6.87
C ALA F 153 67.34 -16.96 7.73
N PRO F 154 67.96 -18.08 8.09
CA PRO F 154 67.28 -19.07 8.95
C PRO F 154 66.83 -18.44 10.26
N GLY F 155 65.58 -18.71 10.62
CA GLY F 155 64.98 -18.15 11.82
C GLY F 155 64.34 -16.79 11.65
N LYS F 156 64.69 -16.06 10.59
CA LYS F 156 64.06 -14.77 10.33
C LYS F 156 62.70 -15.00 9.65
N THR F 157 62.03 -13.90 9.32
CA THR F 157 60.68 -13.94 8.79
C THR F 157 60.67 -13.57 7.32
N ALA F 158 60.06 -14.42 6.50
CA ALA F 158 59.92 -14.18 5.07
C ALA F 158 58.49 -13.77 4.77
N ARG F 159 58.33 -12.89 3.77
CA ARG F 159 57.02 -12.37 3.39
C ARG F 159 56.94 -12.38 1.86
N ILE F 160 55.98 -13.13 1.33
CA ILE F 160 55.72 -13.23 -0.09
C ILE F 160 54.43 -12.48 -0.40
N THR F 161 54.52 -11.48 -1.27
CA THR F 161 53.38 -10.65 -1.62
C THR F 161 52.75 -11.11 -2.94
N CYS F 162 51.48 -10.78 -3.10
CA CYS F 162 50.68 -11.17 -4.26
C CYS F 162 49.83 -9.97 -4.66
N GLY F 163 50.21 -9.30 -5.74
CA GLY F 163 49.60 -8.02 -6.11
C GLY F 163 48.51 -8.18 -7.16
N GLY F 164 47.43 -7.44 -6.96
CA GLY F 164 46.32 -7.42 -7.90
C GLY F 164 45.33 -6.34 -7.56
N ASP F 165 44.71 -5.73 -8.57
CA ASP F 165 43.75 -4.66 -8.33
C ASP F 165 42.57 -5.19 -7.52
N ASN F 166 42.43 -4.66 -6.30
CA ASN F 166 41.35 -5.05 -5.39
C ASN F 166 41.35 -6.56 -5.14
N ILE F 167 42.54 -7.12 -4.91
CA ILE F 167 42.64 -8.54 -4.55
C ILE F 167 42.01 -8.80 -3.19
N GLY F 168 41.91 -7.77 -2.34
CA GLY F 168 41.27 -7.90 -1.05
C GLY F 168 39.83 -8.34 -1.11
N SER F 169 39.14 -8.12 -2.23
CA SER F 169 37.76 -8.56 -2.40
C SER F 169 37.65 -9.99 -2.93
N ARG F 170 38.77 -10.69 -3.07
CA ARG F 170 38.77 -12.04 -3.61
C ARG F 170 39.38 -13.02 -2.62
N PRO F 171 39.02 -14.29 -2.70
CA PRO F 171 39.70 -15.30 -1.88
C PRO F 171 41.06 -15.64 -2.47
N VAL F 172 42.05 -15.77 -1.60
CA VAL F 172 43.43 -16.04 -1.99
C VAL F 172 43.91 -17.31 -1.30
N HIS F 173 44.50 -18.21 -2.08
CA HIS F 173 45.12 -19.42 -1.56
C HIS F 173 46.62 -19.37 -1.83
N TRP F 174 47.37 -20.13 -1.05
CA TRP F 174 48.83 -20.16 -1.15
C TRP F 174 49.30 -21.61 -1.26
N TYR F 175 50.29 -21.83 -2.12
CA TYR F 175 50.81 -23.16 -2.38
C TYR F 175 52.34 -23.15 -2.29
N GLN F 176 52.88 -24.24 -1.75
CA GLN F 176 54.31 -24.46 -1.68
C GLN F 176 54.67 -25.60 -2.62
N GLN F 177 55.71 -25.39 -3.44
CA GLN F 177 56.14 -26.41 -4.38
C GLN F 177 57.65 -26.50 -4.38
N LYS F 178 58.18 -27.64 -3.96
CA LYS F 178 59.61 -27.90 -3.99
C LYS F 178 60.01 -28.51 -5.34
N PRO F 179 61.27 -28.36 -5.73
CA PRO F 179 61.68 -28.83 -7.07
C PRO F 179 61.37 -30.29 -7.30
N GLY F 180 60.71 -30.58 -8.42
CA GLY F 180 60.40 -31.94 -8.80
C GLY F 180 59.24 -32.57 -8.06
N GLN F 181 58.53 -31.82 -7.23
CA GLN F 181 57.42 -32.35 -6.45
C GLN F 181 56.15 -31.60 -6.77
N ALA F 182 55.01 -32.18 -6.35
CA ALA F 182 53.71 -31.57 -6.56
C ALA F 182 53.45 -30.48 -5.52
N PRO F 183 52.63 -29.49 -5.86
CA PRO F 183 52.35 -28.40 -4.92
C PRO F 183 51.64 -28.87 -3.67
N ILE F 184 51.78 -28.08 -2.61
CA ILE F 184 51.17 -28.33 -1.32
C ILE F 184 50.39 -27.09 -0.91
N LEU F 185 49.14 -27.27 -0.48
CA LEU F 185 48.32 -26.16 -0.03
C LEU F 185 48.70 -25.80 1.41
N VAL F 186 49.12 -24.54 1.62
CA VAL F 186 49.49 -24.08 2.94
C VAL F 186 48.51 -23.06 3.50
N VAL F 187 47.78 -22.33 2.67
CA VAL F 187 46.77 -21.37 3.10
C VAL F 187 45.63 -21.38 2.11
N TYR F 188 44.39 -21.35 2.62
CA TYR F 188 43.21 -21.25 1.78
C TYR F 188 42.27 -20.19 2.35
N ASP F 189 41.50 -19.56 1.47
CA ASP F 189 40.53 -18.52 1.83
C ASP F 189 41.18 -17.45 2.71
N ASP F 190 42.25 -16.86 2.17
CA ASP F 190 42.99 -15.74 2.75
C ASP F 190 43.88 -16.13 3.92
N SER F 191 43.31 -16.70 4.99
CA SER F 191 44.06 -16.85 6.23
C SER F 191 43.89 -18.21 6.91
N ASN F 192 43.27 -19.19 6.27
CA ASN F 192 43.00 -20.46 6.91
C ASN F 192 44.13 -21.46 6.63
N ARG F 193 44.49 -22.21 7.67
CA ARG F 193 45.61 -23.13 7.65
C ARG F 193 45.09 -24.56 7.58
N PRO F 194 45.40 -25.32 6.54
CA PRO F 194 44.97 -26.72 6.50
C PRO F 194 45.64 -27.52 7.61
N SER F 195 44.98 -28.61 8.01
CA SER F 195 45.54 -29.46 9.04
C SER F 195 46.82 -30.13 8.53
N GLY F 196 47.88 -30.04 9.33
CA GLY F 196 49.18 -30.53 8.95
C GLY F 196 50.16 -29.45 8.52
N ILE F 197 49.69 -28.22 8.35
CA ILE F 197 50.54 -27.08 8.03
C ILE F 197 50.90 -26.37 9.34
N PRO F 198 52.17 -26.08 9.58
CA PRO F 198 52.56 -25.47 10.86
C PRO F 198 52.00 -24.06 11.01
N GLU F 199 51.91 -23.63 12.28
CA GLU F 199 51.45 -22.28 12.60
C GLU F 199 52.39 -21.21 12.03
N ARG F 200 53.62 -21.58 11.67
CA ARG F 200 54.56 -20.62 11.11
C ARG F 200 54.04 -19.97 9.84
N PHE F 201 53.17 -20.66 9.11
CA PHE F 201 52.63 -20.15 7.85
C PHE F 201 51.34 -19.39 8.13
N SER F 202 51.30 -18.12 7.73
CA SER F 202 50.16 -17.25 7.98
C SER F 202 49.84 -16.44 6.74
N GLY F 203 48.56 -16.31 6.43
CA GLY F 203 48.09 -15.59 5.26
C GLY F 203 47.27 -14.38 5.65
N SER F 204 47.37 -13.33 4.84
CA SER F 204 46.60 -12.11 5.03
C SER F 204 46.27 -11.52 3.66
N ASN F 205 45.19 -10.76 3.60
CA ASN F 205 44.72 -10.21 2.33
C ASN F 205 43.87 -8.98 2.59
N SER F 206 44.23 -7.87 1.96
CA SER F 206 43.45 -6.64 2.01
C SER F 206 44.01 -5.68 0.98
N GLY F 207 43.15 -4.79 0.49
CA GLY F 207 43.62 -3.74 -0.40
C GLY F 207 43.99 -4.33 -1.75
N ASN F 208 45.22 -4.06 -2.18
CA ASN F 208 45.75 -4.53 -3.45
C ASN F 208 46.86 -5.57 -3.28
N THR F 209 47.03 -6.12 -2.08
CA THR F 209 48.15 -7.01 -1.83
C THR F 209 47.78 -8.05 -0.79
N ALA F 210 47.99 -9.32 -1.15
CA ALA F 210 47.92 -10.43 -0.21
C ALA F 210 49.33 -10.87 0.16
N THR F 211 49.48 -11.42 1.36
CA THR F 211 50.81 -11.72 1.88
C THR F 211 50.83 -13.10 2.54
N LEU F 212 51.83 -13.90 2.19
CA LEU F 212 52.15 -15.12 2.91
C LEU F 212 53.33 -14.84 3.83
N THR F 213 53.15 -15.07 5.12
CA THR F 213 54.16 -14.80 6.13
C THR F 213 54.65 -16.11 6.73
N ILE F 214 55.94 -16.37 6.62
CA ILE F 214 56.60 -17.51 7.24
C ILE F 214 57.51 -16.97 8.33
N SER F 215 57.26 -17.38 9.57
CA SER F 215 57.81 -16.69 10.73
C SER F 215 59.23 -17.13 11.09
N ARG F 216 59.44 -18.42 11.30
CA ARG F 216 60.72 -18.95 11.77
C ARG F 216 61.27 -19.90 10.71
N VAL F 217 61.69 -19.34 9.57
CA VAL F 217 61.95 -20.13 8.38
C VAL F 217 63.03 -21.16 8.65
N GLU F 218 62.87 -22.33 8.06
CA GLU F 218 63.82 -23.43 8.15
C GLU F 218 64.38 -23.70 6.76
N ALA F 219 65.47 -24.48 6.72
CA ALA F 219 66.06 -24.83 5.44
C ALA F 219 65.06 -25.54 4.54
N GLY F 220 64.15 -26.32 5.13
CA GLY F 220 63.14 -27.03 4.38
C GLY F 220 62.08 -26.15 3.76
N ASP F 221 62.01 -24.88 4.13
CA ASP F 221 61.04 -23.97 3.55
C ASP F 221 61.44 -23.48 2.16
N GLU F 222 62.65 -23.77 1.71
CA GLU F 222 63.12 -23.31 0.41
C GLU F 222 62.30 -23.98 -0.70
N ALA F 223 61.47 -23.21 -1.38
CA ALA F 223 60.56 -23.75 -2.40
C ALA F 223 59.98 -22.61 -3.20
N ASP F 224 59.14 -22.96 -4.18
CA ASP F 224 58.34 -22.01 -4.93
C ASP F 224 56.99 -21.80 -4.23
N TYR F 225 56.56 -20.55 -4.15
CA TYR F 225 55.31 -20.22 -3.49
C TYR F 225 54.42 -19.46 -4.46
N TYR F 226 53.23 -20.01 -4.71
CA TYR F 226 52.27 -19.45 -5.65
C TYR F 226 51.01 -19.03 -4.91
N CYS F 227 50.50 -17.85 -5.24
CA CYS F 227 49.18 -17.42 -4.80
C CYS F 227 48.17 -17.71 -5.90
N GLN F 228 46.94 -18.02 -5.48
CA GLN F 228 45.84 -18.25 -6.40
C GLN F 228 44.64 -17.46 -5.94
N VAL F 229 43.86 -16.97 -6.91
CA VAL F 229 42.67 -16.18 -6.64
C VAL F 229 41.50 -16.84 -7.36
N TRP F 230 40.34 -16.87 -6.71
CA TRP F 230 39.11 -17.32 -7.34
C TRP F 230 38.23 -16.10 -7.62
N SER F 231 38.07 -15.78 -8.90
CA SER F 231 37.25 -14.65 -9.32
C SER F 231 35.89 -15.06 -9.86
N SER F 232 35.83 -16.08 -10.71
CA SER F 232 34.57 -16.62 -11.20
C SER F 232 34.78 -18.09 -11.55
N SER F 233 33.77 -18.69 -12.20
CA SER F 233 33.81 -20.12 -12.45
C SER F 233 34.93 -20.53 -13.41
N THR F 234 35.34 -19.62 -14.30
CA THR F 234 36.41 -19.90 -15.25
C THR F 234 37.65 -19.05 -15.00
N ASP F 235 37.72 -18.37 -13.87
CA ASP F 235 38.81 -17.43 -13.57
C ASP F 235 39.45 -17.86 -12.26
N HIS F 236 40.47 -18.72 -12.35
CA HIS F 236 41.27 -19.16 -11.20
C HIS F 236 42.74 -18.79 -11.43
N PRO F 237 43.07 -17.50 -11.51
CA PRO F 237 44.45 -17.13 -11.84
C PRO F 237 45.45 -17.50 -10.76
N PHE F 238 46.65 -17.83 -11.19
CA PHE F 238 47.79 -18.02 -10.30
C PHE F 238 48.75 -16.85 -10.45
N GLY F 239 49.58 -16.68 -9.43
CA GLY F 239 50.69 -15.74 -9.54
C GLY F 239 51.85 -16.35 -10.31
N GLY F 240 52.85 -15.50 -10.56
CA GLY F 240 54.04 -15.96 -11.26
C GLY F 240 54.95 -16.81 -10.40
N GLY F 241 54.79 -16.76 -9.10
CA GLY F 241 55.60 -17.54 -8.19
C GLY F 241 56.73 -16.73 -7.59
N THR F 242 57.17 -17.14 -6.41
CA THR F 242 58.31 -16.55 -5.73
C THR F 242 59.27 -17.64 -5.29
N LYS F 243 60.54 -17.48 -5.65
CA LYS F 243 61.59 -18.41 -5.26
C LYS F 243 62.18 -17.95 -3.92
N VAL F 244 61.81 -18.63 -2.84
CA VAL F 244 62.30 -18.30 -1.51
C VAL F 244 63.55 -19.12 -1.24
N THR F 245 64.68 -18.44 -1.06
CA THR F 245 65.95 -19.08 -0.75
C THR F 245 66.32 -18.79 0.70
N VAL F 246 66.66 -19.84 1.44
CA VAL F 246 67.09 -19.72 2.82
C VAL F 246 68.61 -19.75 2.83
N LEU F 247 69.21 -18.70 3.37
CA LEU F 247 70.67 -18.58 3.38
C LEU F 247 71.29 -19.67 4.23
N HIS F 248 72.42 -20.18 3.78
CA HIS F 248 73.09 -21.29 4.46
C HIS F 248 73.85 -20.82 5.71
N GLN G 1 2.26 -32.30 -53.68
CA GLN G 1 1.11 -32.46 -52.79
C GLN G 1 0.19 -31.23 -52.88
N VAL G 2 0.72 -30.08 -52.48
CA VAL G 2 -0.08 -28.86 -52.45
C VAL G 2 -0.26 -28.33 -53.86
N GLN G 3 -1.49 -27.94 -54.20
CA GLN G 3 -1.80 -27.42 -55.53
C GLN G 3 -2.77 -26.25 -55.39
N LEU G 4 -2.50 -25.19 -56.13
CA LEU G 4 -3.36 -24.00 -56.16
C LEU G 4 -3.55 -23.59 -57.62
N VAL G 5 -4.80 -23.38 -58.01
CA VAL G 5 -5.15 -23.05 -59.39
C VAL G 5 -6.02 -21.80 -59.38
N GLU G 6 -5.48 -20.69 -59.88
CA GLU G 6 -6.26 -19.48 -60.04
C GLU G 6 -6.99 -19.49 -61.38
N SER G 7 -8.13 -18.82 -61.42
CA SER G 7 -8.91 -18.70 -62.66
C SER G 7 -9.78 -17.46 -62.58
N GLY G 8 -10.28 -17.06 -63.76
CA GLY G 8 -11.17 -15.92 -63.87
C GLY G 8 -10.58 -14.72 -64.57
N GLY G 9 -9.28 -14.72 -64.85
CA GLY G 9 -8.64 -13.55 -65.44
C GLY G 9 -8.96 -13.42 -66.93
N THR G 10 -9.30 -12.21 -67.35
CA THR G 10 -9.63 -11.91 -68.73
C THR G 10 -9.46 -10.40 -68.94
N LEU G 11 -9.95 -9.90 -70.08
CA LEU G 11 -9.95 -8.48 -70.35
C LEU G 11 -11.19 -7.84 -69.73
N VAL G 12 -11.00 -6.66 -69.13
CA VAL G 12 -12.08 -5.97 -68.44
C VAL G 12 -12.01 -4.48 -68.77
N GLN G 13 -13.16 -3.89 -69.03
CA GLN G 13 -13.22 -2.45 -69.23
C GLN G 13 -13.03 -1.73 -67.90
N PRO G 14 -12.38 -0.57 -67.92
CA PRO G 14 -12.21 0.20 -66.68
C PRO G 14 -13.55 0.53 -66.05
N GLY G 15 -13.65 0.31 -64.74
CA GLY G 15 -14.90 0.42 -64.03
C GLY G 15 -15.72 -0.85 -63.98
N GLY G 16 -15.29 -1.91 -64.66
CA GLY G 16 -15.99 -3.17 -64.64
C GLY G 16 -15.62 -4.03 -63.45
N SER G 17 -16.25 -5.19 -63.38
CA SER G 17 -16.06 -6.12 -62.28
C SER G 17 -15.56 -7.47 -62.79
N LEU G 18 -14.81 -8.16 -61.93
CA LEU G 18 -14.31 -9.49 -62.22
C LEU G 18 -14.15 -10.24 -60.90
N ARG G 19 -14.37 -11.55 -60.94
CA ARG G 19 -14.30 -12.40 -59.76
C ARG G 19 -13.30 -13.52 -60.01
N LEU G 20 -12.26 -13.57 -59.19
CA LEU G 20 -11.21 -14.57 -59.33
C LEU G 20 -11.46 -15.73 -58.37
N SER G 21 -11.03 -16.92 -58.79
CA SER G 21 -11.18 -18.12 -58.00
C SER G 21 -9.83 -18.82 -57.86
N CYS G 22 -9.64 -19.50 -56.74
CA CYS G 22 -8.45 -20.30 -56.49
C CYS G 22 -8.88 -21.63 -55.88
N ALA G 23 -8.60 -22.72 -56.59
CA ALA G 23 -8.93 -24.06 -56.12
C ALA G 23 -7.73 -24.63 -55.37
N ALA G 24 -7.95 -25.02 -54.12
CA ALA G 24 -6.90 -25.52 -53.24
C ALA G 24 -7.09 -27.01 -52.99
N SER G 25 -5.97 -27.73 -52.91
CA SER G 25 -5.99 -29.16 -52.64
C SER G 25 -4.61 -29.58 -52.15
N GLY G 26 -4.57 -30.73 -51.47
CA GLY G 26 -3.32 -31.27 -50.98
C GLY G 26 -2.88 -30.78 -49.62
N PHE G 27 -3.75 -30.09 -48.88
CA PHE G 27 -3.43 -29.67 -47.52
C PHE G 27 -4.74 -29.30 -46.83
N THR G 28 -4.65 -29.11 -45.51
CA THR G 28 -5.81 -28.76 -44.70
C THR G 28 -6.09 -27.27 -44.86
N PHE G 29 -7.06 -26.95 -45.73
CA PHE G 29 -7.27 -25.58 -46.18
C PHE G 29 -7.61 -24.65 -45.01
N ASN G 30 -8.48 -25.10 -44.11
CA ASN G 30 -8.98 -24.26 -43.03
C ASN G 30 -7.96 -24.03 -41.92
N ASN G 31 -6.73 -24.53 -42.07
CA ASN G 31 -5.71 -24.37 -41.03
C ASN G 31 -4.80 -23.17 -41.27
N TYR G 32 -4.95 -22.44 -42.37
CA TYR G 32 -3.99 -21.42 -42.74
C TYR G 32 -4.67 -20.20 -43.33
N TRP G 33 -4.04 -19.05 -43.13
CA TRP G 33 -4.43 -17.84 -43.84
C TRP G 33 -4.15 -18.00 -45.33
N MET G 34 -4.91 -17.25 -46.14
CA MET G 34 -4.71 -17.21 -47.58
C MET G 34 -4.46 -15.77 -48.02
N THR G 35 -3.66 -15.61 -49.07
CA THR G 35 -3.19 -14.30 -49.50
C THR G 35 -3.32 -14.17 -51.01
N TRP G 36 -3.66 -12.98 -51.47
CA TRP G 36 -3.63 -12.62 -52.88
C TRP G 36 -2.49 -11.65 -53.14
N VAL G 37 -1.64 -11.98 -54.12
CA VAL G 37 -0.52 -11.14 -54.53
C VAL G 37 -0.61 -10.93 -56.04
N ARG G 38 -0.35 -9.69 -56.48
CA ARG G 38 -0.39 -9.37 -57.90
C ARG G 38 0.96 -8.86 -58.38
N GLN G 39 1.16 -8.92 -59.69
CA GLN G 39 2.43 -8.53 -60.29
C GLN G 39 2.14 -7.99 -61.68
N ALA G 40 2.22 -6.66 -61.84
CA ALA G 40 2.02 -6.05 -63.14
C ALA G 40 3.10 -6.53 -64.11
N PRO G 41 2.79 -6.62 -65.41
CA PRO G 41 3.78 -7.11 -66.38
C PRO G 41 5.09 -6.36 -66.34
N GLY G 42 6.17 -7.05 -65.96
CA GLY G 42 7.49 -6.46 -65.90
C GLY G 42 7.81 -5.73 -64.62
N LYS G 43 6.92 -5.74 -63.63
CA LYS G 43 7.15 -5.09 -62.35
C LYS G 43 7.29 -6.14 -61.25
N GLY G 44 7.24 -5.69 -60.00
CA GLY G 44 7.44 -6.56 -58.86
C GLY G 44 6.14 -7.09 -58.28
N LEU G 45 6.27 -7.80 -57.16
CA LEU G 45 5.12 -8.36 -56.47
C LEU G 45 4.50 -7.32 -55.54
N GLU G 46 3.18 -7.42 -55.35
CA GLU G 46 2.46 -6.52 -54.46
C GLU G 46 1.42 -7.31 -53.68
N TRP G 47 1.48 -7.19 -52.35
CA TRP G 47 0.47 -7.78 -51.48
C TRP G 47 -0.85 -7.03 -51.66
N VAL G 48 -1.92 -7.77 -51.92
CA VAL G 48 -3.24 -7.19 -52.18
C VAL G 48 -4.18 -7.38 -50.98
N ALA G 49 -4.38 -8.62 -50.56
CA ALA G 49 -5.30 -8.92 -49.47
C ALA G 49 -5.01 -10.30 -48.92
N ASN G 50 -5.37 -10.49 -47.64
CA ASN G 50 -5.32 -11.82 -47.04
C ASN G 50 -6.55 -12.02 -46.18
N ILE G 51 -6.71 -13.25 -45.67
CA ILE G 51 -7.92 -13.63 -44.95
C ILE G 51 -7.56 -14.70 -43.94
N LYS G 52 -8.16 -14.59 -42.74
CA LYS G 52 -7.92 -15.51 -41.65
C LYS G 52 -8.42 -16.92 -42.00
N LYS G 53 -8.05 -17.89 -41.16
CA LYS G 53 -8.41 -19.30 -41.40
C LYS G 53 -9.90 -19.45 -41.68
N ASP G 54 -10.73 -18.89 -40.81
CA ASP G 54 -12.18 -19.05 -40.91
C ASP G 54 -12.85 -17.88 -41.61
N GLY G 55 -12.07 -16.94 -42.14
CA GLY G 55 -12.63 -15.79 -42.82
C GLY G 55 -13.15 -14.70 -41.91
N SER G 56 -12.92 -14.79 -40.60
CA SER G 56 -13.43 -13.79 -39.66
C SER G 56 -12.59 -12.52 -39.63
N GLU G 57 -11.43 -12.50 -40.29
CA GLU G 57 -10.61 -11.30 -40.38
C GLU G 57 -10.11 -11.16 -41.81
N LYS G 58 -10.25 -9.97 -42.37
CA LYS G 58 -9.82 -9.68 -43.73
C LYS G 58 -9.10 -8.34 -43.76
N TYR G 59 -8.01 -8.27 -44.52
CA TYR G 59 -7.23 -7.04 -44.63
C TYR G 59 -6.87 -6.79 -46.09
N TYR G 60 -6.76 -5.52 -46.45
CA TYR G 60 -6.55 -5.10 -47.84
C TYR G 60 -5.47 -4.02 -47.90
N VAL G 61 -4.79 -3.98 -49.04
CA VAL G 61 -3.90 -2.86 -49.33
C VAL G 61 -4.75 -1.63 -49.61
N ASP G 62 -4.19 -0.44 -49.33
CA ASP G 62 -4.96 0.79 -49.40
C ASP G 62 -5.62 0.98 -50.75
N SER G 63 -4.87 0.74 -51.83
CA SER G 63 -5.33 1.08 -53.17
C SER G 63 -6.56 0.28 -53.60
N VAL G 64 -6.80 -0.88 -52.99
CA VAL G 64 -7.96 -1.70 -53.36
C VAL G 64 -9.03 -1.74 -52.27
N ARG G 65 -8.78 -1.16 -51.09
CA ARG G 65 -9.77 -1.21 -50.02
C ARG G 65 -11.00 -0.43 -50.42
N GLY G 66 -12.18 -1.05 -50.26
CA GLY G 66 -13.43 -0.51 -50.73
C GLY G 66 -13.86 -1.03 -52.08
N ARG G 67 -12.93 -1.51 -52.89
CA ARG G 67 -13.21 -2.06 -54.21
C ARG G 67 -13.11 -3.57 -54.26
N PHE G 68 -12.16 -4.17 -53.56
CA PHE G 68 -11.95 -5.61 -53.57
C PHE G 68 -12.54 -6.23 -52.32
N THR G 69 -13.01 -7.47 -52.45
CA THR G 69 -13.56 -8.23 -51.34
C THR G 69 -13.05 -9.66 -51.42
N ILE G 70 -12.27 -10.07 -50.42
CA ILE G 70 -11.70 -11.40 -50.35
C ILE G 70 -12.64 -12.29 -49.55
N SER G 71 -12.71 -13.57 -49.92
CA SER G 71 -13.61 -14.51 -49.28
C SER G 71 -13.09 -15.92 -49.49
N ARG G 72 -13.60 -16.85 -48.68
CA ARG G 72 -13.19 -18.25 -48.75
C ARG G 72 -14.35 -19.15 -48.35
N ASP G 73 -14.40 -20.32 -48.98
CA ASP G 73 -15.39 -21.36 -48.71
C ASP G 73 -14.63 -22.59 -48.26
N ASN G 74 -14.49 -22.76 -46.94
CA ASN G 74 -13.69 -23.86 -46.40
C ASN G 74 -14.30 -25.22 -46.68
N ALA G 75 -15.61 -25.29 -46.94
CA ALA G 75 -16.22 -26.57 -47.29
C ALA G 75 -15.83 -27.02 -48.69
N LYS G 76 -15.43 -26.09 -49.56
CA LYS G 76 -15.05 -26.40 -50.93
C LYS G 76 -13.59 -26.16 -51.22
N ASN G 77 -12.80 -25.76 -50.22
CA ASN G 77 -11.36 -25.49 -50.38
C ASN G 77 -11.11 -24.45 -51.47
N SER G 78 -11.90 -23.38 -51.46
CA SER G 78 -11.86 -22.38 -52.51
C SER G 78 -11.62 -21.00 -51.92
N LEU G 79 -10.79 -20.21 -52.60
CA LEU G 79 -10.50 -18.84 -52.24
C LEU G 79 -10.94 -17.93 -53.39
N PHE G 80 -11.45 -16.76 -53.05
CA PHE G 80 -12.03 -15.86 -54.04
C PHE G 80 -11.56 -14.43 -53.81
N LEU G 81 -11.58 -13.65 -54.89
CA LEU G 81 -11.28 -12.23 -54.85
C LEU G 81 -12.25 -11.53 -55.79
N GLN G 82 -13.16 -10.73 -55.22
CA GLN G 82 -14.15 -9.98 -55.98
C GLN G 82 -13.60 -8.57 -56.25
N MET G 83 -13.38 -8.26 -57.52
CA MET G 83 -12.77 -6.99 -57.93
C MET G 83 -13.83 -6.12 -58.58
N ASN G 84 -14.07 -4.94 -57.99
CA ASN G 84 -15.03 -3.97 -58.51
C ASN G 84 -14.33 -2.66 -58.85
N SER G 85 -14.93 -1.91 -59.76
CA SER G 85 -14.43 -0.59 -60.16
C SER G 85 -12.97 -0.66 -60.58
N LEU G 86 -12.67 -1.62 -61.45
CA LEU G 86 -11.29 -1.88 -61.85
C LEU G 86 -10.69 -0.69 -62.57
N ARG G 87 -9.50 -0.30 -62.15
CA ARG G 87 -8.71 0.75 -62.78
C ARG G 87 -7.60 0.13 -63.60
N PRO G 88 -7.07 0.86 -64.59
CA PRO G 88 -5.94 0.32 -65.36
C PRO G 88 -4.73 -0.04 -64.51
N GLU G 89 -4.56 0.60 -63.36
CA GLU G 89 -3.46 0.27 -62.47
C GLU G 89 -3.60 -1.11 -61.84
N ASP G 90 -4.76 -1.76 -61.99
CA ASP G 90 -4.96 -3.10 -61.44
C ASP G 90 -4.44 -4.20 -62.37
N THR G 91 -4.07 -3.86 -63.60
CA THR G 91 -3.62 -4.87 -64.55
C THR G 91 -2.37 -5.58 -64.03
N ALA G 92 -2.51 -6.89 -63.79
CA ALA G 92 -1.44 -7.68 -63.20
C ALA G 92 -1.84 -9.15 -63.24
N VAL G 93 -0.85 -10.01 -63.08
CA VAL G 93 -1.11 -11.43 -62.81
C VAL G 93 -1.36 -11.58 -61.32
N TYR G 94 -2.46 -12.24 -60.98
CA TYR G 94 -2.88 -12.36 -59.58
C TYR G 94 -2.58 -13.76 -59.06
N PHE G 95 -1.78 -13.83 -58.00
CA PHE G 95 -1.36 -15.08 -57.41
C PHE G 95 -2.18 -15.40 -56.17
N CYS G 96 -2.30 -16.70 -55.88
CA CYS G 96 -3.00 -17.21 -54.72
C CYS G 96 -1.99 -17.97 -53.87
N ALA G 97 -1.83 -17.57 -52.62
CA ALA G 97 -0.71 -18.04 -51.81
C ALA G 97 -1.17 -18.43 -50.43
N THR G 98 -0.50 -19.45 -49.87
CA THR G 98 -0.78 -19.94 -48.53
C THR G 98 0.18 -19.31 -47.51
N VAL G 99 -0.23 -19.36 -46.24
CA VAL G 99 0.50 -18.75 -45.14
C VAL G 99 0.79 -19.86 -44.15
N ARG G 100 1.94 -20.52 -44.29
CA ARG G 100 2.24 -21.72 -43.50
C ARG G 100 3.41 -21.55 -42.55
N SER G 101 4.55 -21.07 -43.04
CA SER G 101 5.79 -21.08 -42.25
C SER G 101 5.93 -19.80 -41.44
N GLY G 102 6.26 -19.94 -40.17
CA GLY G 102 6.57 -18.81 -39.32
C GLY G 102 5.34 -18.13 -38.74
N ARG G 103 5.60 -17.00 -38.09
CA ARG G 103 4.58 -16.25 -37.36
C ARG G 103 4.08 -15.02 -38.09
N TYR G 104 4.79 -14.53 -39.10
CA TYR G 104 4.57 -13.18 -39.61
C TYR G 104 4.29 -13.16 -41.11
N PHE G 105 3.41 -14.06 -41.56
CA PHE G 105 2.69 -13.95 -42.83
C PHE G 105 3.59 -14.15 -44.04
N ALA G 106 4.61 -15.00 -43.94
CA ALA G 106 5.32 -15.41 -45.14
C ALA G 106 4.41 -16.25 -46.03
N LEU G 107 4.73 -16.30 -47.31
CA LEU G 107 3.89 -16.94 -48.31
C LEU G 107 4.61 -18.19 -48.82
N ASP G 108 4.06 -19.36 -48.50
CA ASP G 108 4.73 -20.64 -48.78
C ASP G 108 4.45 -21.14 -50.20
N ASP G 109 3.20 -21.50 -50.46
CA ASP G 109 2.81 -22.14 -51.71
C ASP G 109 2.05 -21.14 -52.58
N TRP G 110 2.49 -20.98 -53.82
CA TRP G 110 1.88 -20.06 -54.78
C TRP G 110 1.29 -20.84 -55.94
N GLY G 111 0.22 -20.29 -56.52
CA GLY G 111 -0.35 -20.85 -57.73
C GLY G 111 0.34 -20.33 -58.98
N GLN G 112 -0.15 -20.78 -60.13
CA GLN G 112 0.42 -20.37 -61.40
C GLN G 112 0.01 -18.97 -61.81
N GLY G 113 -1.03 -18.42 -61.19
CA GLY G 113 -1.46 -17.07 -61.47
C GLY G 113 -2.50 -16.99 -62.58
N THR G 114 -3.21 -15.87 -62.59
CA THR G 114 -4.20 -15.60 -63.64
C THR G 114 -4.08 -14.13 -64.03
N LEU G 115 -4.08 -13.86 -65.34
CA LEU G 115 -3.79 -12.53 -65.86
C LEU G 115 -5.07 -11.71 -65.96
N VAL G 116 -5.07 -10.54 -65.34
CA VAL G 116 -6.17 -9.58 -65.41
C VAL G 116 -5.66 -8.35 -66.14
N THR G 117 -6.27 -8.03 -67.28
CA THR G 117 -5.90 -6.87 -68.08
C THR G 117 -7.08 -5.90 -68.11
N VAL G 118 -6.85 -4.67 -67.67
CA VAL G 118 -7.85 -3.62 -67.66
C VAL G 118 -7.35 -2.49 -68.53
N SER G 119 -8.15 -2.11 -69.53
CA SER G 119 -7.77 -1.05 -70.45
C SER G 119 -8.99 -0.42 -71.12
N VAL G 143 9.49 1.70 -50.58
CA VAL G 143 9.68 1.58 -49.15
C VAL G 143 10.89 0.71 -48.83
N LEU G 144 10.98 -0.43 -49.50
CA LEU G 144 12.12 -1.33 -49.38
C LEU G 144 12.98 -1.20 -50.62
N THR G 145 14.28 -0.92 -50.43
CA THR G 145 15.19 -0.65 -51.52
C THR G 145 16.03 -1.89 -51.82
N GLN G 146 15.98 -2.36 -53.06
CA GLN G 146 16.78 -3.47 -53.54
C GLN G 146 17.60 -3.03 -54.75
N PRO G 147 18.81 -3.56 -54.91
CA PRO G 147 19.57 -3.32 -56.14
C PRO G 147 18.89 -3.99 -57.32
N PRO G 148 18.87 -3.34 -58.49
CA PRO G 148 18.18 -3.95 -59.63
C PRO G 148 18.85 -5.22 -60.15
N SER G 149 20.18 -5.28 -60.16
CA SER G 149 20.89 -6.41 -60.75
C SER G 149 22.06 -6.83 -59.87
N VAL G 150 22.38 -8.11 -59.92
CA VAL G 150 23.55 -8.70 -59.25
C VAL G 150 24.08 -9.82 -60.13
N SER G 151 25.41 -9.87 -60.29
CA SER G 151 26.06 -10.91 -61.05
C SER G 151 27.00 -11.70 -60.16
N VAL G 152 27.18 -12.99 -60.49
CA VAL G 152 28.01 -13.88 -59.68
C VAL G 152 28.54 -15.00 -60.57
N ALA G 153 29.75 -15.45 -60.27
CA ALA G 153 30.36 -16.57 -60.96
C ALA G 153 29.88 -17.89 -60.34
N PRO G 154 29.75 -18.94 -61.15
CA PRO G 154 29.30 -20.23 -60.61
C PRO G 154 30.29 -20.78 -59.60
N GLY G 155 29.76 -21.17 -58.43
CA GLY G 155 30.57 -21.57 -57.31
C GLY G 155 30.95 -20.45 -56.37
N LYS G 156 30.83 -19.19 -56.81
CA LYS G 156 31.04 -18.04 -55.94
C LYS G 156 29.80 -17.80 -55.09
N THR G 157 29.88 -16.79 -54.24
CA THR G 157 28.84 -16.49 -53.28
C THR G 157 28.28 -15.08 -53.52
N ALA G 158 26.96 -14.98 -53.62
CA ALA G 158 26.29 -13.75 -54.00
C ALA G 158 25.40 -13.25 -52.87
N ARG G 159 25.36 -11.92 -52.69
CA ARG G 159 24.59 -11.28 -51.64
C ARG G 159 23.57 -10.32 -52.24
N ILE G 160 22.33 -10.41 -51.77
CA ILE G 160 21.24 -9.55 -52.20
C ILE G 160 20.70 -8.83 -50.97
N THR G 161 20.67 -7.51 -51.02
CA THR G 161 20.35 -6.70 -49.86
C THR G 161 18.98 -6.05 -49.99
N CYS G 162 18.32 -5.87 -48.84
CA CYS G 162 17.02 -5.22 -48.72
C CYS G 162 17.12 -4.14 -47.67
N GLY G 163 16.91 -2.89 -48.06
CA GLY G 163 17.18 -1.75 -47.21
C GLY G 163 15.94 -0.97 -46.82
N GLY G 164 15.88 -0.57 -45.56
CA GLY G 164 14.77 0.22 -45.07
C GLY G 164 15.03 0.67 -43.65
N ASP G 165 14.27 1.68 -43.22
CA ASP G 165 14.48 2.26 -41.90
C ASP G 165 14.09 1.27 -40.82
N ASN G 166 15.05 0.94 -39.95
CA ASN G 166 14.86 -0.01 -38.85
C ASN G 166 14.24 -1.32 -39.34
N ILE G 167 14.81 -1.85 -40.42
CA ILE G 167 14.32 -3.10 -40.98
C ILE G 167 14.62 -4.25 -40.02
N GLY G 168 15.64 -4.10 -39.17
CA GLY G 168 15.93 -5.11 -38.17
C GLY G 168 14.85 -5.25 -37.13
N SER G 169 14.02 -4.22 -36.96
CA SER G 169 12.90 -4.32 -36.02
C SER G 169 11.72 -5.09 -36.60
N ARG G 170 11.73 -5.35 -37.92
CA ARG G 170 10.60 -6.00 -38.56
C ARG G 170 11.02 -7.36 -39.13
N PRO G 171 10.08 -8.30 -39.25
CA PRO G 171 10.43 -9.59 -39.85
C PRO G 171 10.53 -9.47 -41.36
N VAL G 172 11.46 -10.23 -41.94
CA VAL G 172 11.76 -10.19 -43.36
C VAL G 172 11.64 -11.59 -43.93
N HIS G 173 11.04 -11.69 -45.12
CA HIS G 173 10.97 -12.93 -45.89
C HIS G 173 11.59 -12.68 -47.26
N TRP G 174 12.21 -13.74 -47.80
CA TRP G 174 12.89 -13.68 -49.09
C TRP G 174 12.27 -14.71 -50.04
N TYR G 175 12.03 -14.28 -51.29
CA TYR G 175 11.39 -15.12 -52.28
C TYR G 175 12.22 -15.15 -53.56
N GLN G 176 12.14 -16.26 -54.29
CA GLN G 176 12.85 -16.47 -55.54
C GLN G 176 11.84 -16.76 -56.63
N GLN G 177 11.98 -16.08 -57.77
CA GLN G 177 11.07 -16.26 -58.91
C GLN G 177 11.89 -16.38 -60.18
N LYS G 178 11.83 -17.54 -60.81
CA LYS G 178 12.43 -17.76 -62.11
C LYS G 178 11.50 -17.25 -63.20
N PRO G 179 12.05 -16.83 -64.35
CA PRO G 179 11.23 -16.15 -65.36
C PRO G 179 10.07 -17.01 -65.84
N GLY G 180 8.87 -16.43 -65.79
CA GLY G 180 7.67 -17.13 -66.21
C GLY G 180 7.19 -18.19 -65.25
N GLN G 181 7.58 -18.10 -63.98
CA GLN G 181 7.24 -19.11 -63.00
C GLN G 181 6.66 -18.45 -61.75
N ALA G 182 6.13 -19.29 -60.86
CA ALA G 182 5.54 -18.84 -59.61
C ALA G 182 6.62 -18.65 -58.55
N PRO G 183 6.45 -17.65 -57.68
CA PRO G 183 7.49 -17.39 -56.67
C PRO G 183 7.64 -18.55 -55.69
N ILE G 184 8.86 -18.69 -55.17
CA ILE G 184 9.21 -19.73 -54.20
C ILE G 184 9.83 -19.05 -52.99
N LEU G 185 9.40 -19.48 -51.80
CA LEU G 185 9.89 -18.91 -50.55
C LEU G 185 11.17 -19.59 -50.13
N VAL G 186 12.24 -18.81 -49.99
CA VAL G 186 13.54 -19.35 -49.63
C VAL G 186 13.94 -19.04 -48.18
N VAL G 187 13.48 -17.93 -47.62
CA VAL G 187 13.79 -17.55 -46.24
C VAL G 187 12.55 -16.90 -45.64
N TYR G 188 12.21 -17.30 -44.40
CA TYR G 188 11.09 -16.68 -43.69
C TYR G 188 11.54 -16.32 -42.27
N ASP G 189 10.93 -15.26 -41.74
CA ASP G 189 11.24 -14.74 -40.41
C ASP G 189 12.74 -14.50 -40.24
N ASP G 190 13.29 -13.72 -41.17
CA ASP G 190 14.68 -13.25 -41.19
C ASP G 190 15.68 -14.33 -41.61
N SER G 191 15.73 -15.45 -40.90
CA SER G 191 16.81 -16.42 -41.08
C SER G 191 16.36 -17.85 -41.32
N ASN G 192 15.09 -18.18 -41.14
CA ASN G 192 14.64 -19.57 -41.24
C ASN G 192 14.44 -19.99 -42.68
N ARG G 193 14.90 -21.20 -43.00
CA ARG G 193 14.76 -21.77 -44.33
C ARG G 193 13.71 -22.86 -44.32
N PRO G 194 12.77 -22.86 -45.26
CA PRO G 194 11.77 -23.94 -45.31
C PRO G 194 12.41 -25.26 -45.71
N SER G 195 11.71 -26.34 -45.43
CA SER G 195 12.16 -27.65 -45.85
C SER G 195 12.19 -27.73 -47.37
N GLY G 196 13.25 -28.32 -47.91
CA GLY G 196 13.45 -28.39 -49.34
C GLY G 196 14.29 -27.27 -49.92
N ILE G 197 14.73 -26.34 -49.10
CA ILE G 197 15.62 -25.24 -49.52
C ILE G 197 17.02 -25.55 -49.01
N PRO G 198 18.04 -25.49 -49.85
CA PRO G 198 19.40 -25.83 -49.38
C PRO G 198 19.93 -24.77 -48.43
N GLU G 199 20.85 -25.20 -47.57
CA GLU G 199 21.50 -24.29 -46.63
C GLU G 199 22.37 -23.24 -47.33
N ARG G 200 22.60 -23.39 -48.64
CA ARG G 200 23.34 -22.38 -49.38
C ARG G 200 22.65 -21.02 -49.32
N PHE G 201 21.33 -21.02 -49.30
CA PHE G 201 20.57 -19.79 -49.14
C PHE G 201 20.51 -19.42 -47.66
N SER G 202 20.90 -18.19 -47.33
CA SER G 202 20.96 -17.75 -45.95
C SER G 202 20.49 -16.31 -45.85
N GLY G 203 19.77 -15.99 -44.78
CA GLY G 203 19.22 -14.67 -44.60
C GLY G 203 19.56 -14.07 -43.25
N SER G 204 19.83 -12.77 -43.24
CA SER G 204 20.16 -12.02 -42.03
C SER G 204 19.46 -10.67 -42.07
N ASN G 205 19.13 -10.15 -40.90
CA ASN G 205 18.46 -8.86 -40.79
C ASN G 205 19.01 -8.13 -39.56
N SER G 206 19.56 -6.94 -39.79
CA SER G 206 20.12 -6.14 -38.72
C SER G 206 20.21 -4.69 -39.20
N GLY G 207 20.03 -3.77 -38.27
CA GLY G 207 20.15 -2.36 -38.58
C GLY G 207 19.13 -1.94 -39.61
N ASN G 208 19.61 -1.38 -40.72
CA ASN G 208 18.75 -0.89 -41.79
C ASN G 208 18.90 -1.68 -43.09
N THR G 209 19.50 -2.88 -43.02
CA THR G 209 19.71 -3.70 -44.20
C THR G 209 19.48 -5.17 -43.86
N ALA G 210 18.69 -5.85 -44.68
CA ALA G 210 18.52 -7.29 -44.63
C ALA G 210 19.17 -7.89 -45.86
N THR G 211 19.88 -9.00 -45.67
CA THR G 211 20.72 -9.57 -46.71
C THR G 211 20.39 -11.04 -46.92
N LEU G 212 20.24 -11.42 -48.19
CA LEU G 212 20.14 -12.82 -48.59
C LEU G 212 21.46 -13.25 -49.21
N THR G 213 22.02 -14.35 -48.72
CA THR G 213 23.31 -14.85 -49.17
C THR G 213 23.12 -16.19 -49.85
N ILE G 214 23.52 -16.28 -51.12
CA ILE G 214 23.49 -17.52 -51.88
C ILE G 214 24.93 -17.97 -52.08
N SER G 215 25.23 -19.19 -51.62
CA SER G 215 26.58 -19.74 -51.66
C SER G 215 26.59 -20.97 -52.55
N ARG G 216 27.79 -21.31 -53.04
CA ARG G 216 27.96 -22.39 -54.01
C ARG G 216 26.98 -22.22 -55.15
N VAL G 217 27.02 -21.03 -55.77
CA VAL G 217 26.01 -20.63 -56.73
C VAL G 217 25.95 -21.60 -57.91
N GLU G 218 24.73 -21.94 -58.32
CA GLU G 218 24.49 -22.88 -59.39
C GLU G 218 23.64 -22.23 -60.46
N ALA G 219 23.57 -22.88 -61.63
CA ALA G 219 22.81 -22.33 -62.74
C ALA G 219 21.36 -22.10 -62.39
N GLY G 220 20.77 -23.02 -61.62
CA GLY G 220 19.37 -22.86 -61.24
C GLY G 220 19.13 -21.69 -60.32
N ASP G 221 20.17 -21.25 -59.60
CA ASP G 221 19.99 -20.15 -58.65
C ASP G 221 19.69 -18.84 -59.35
N GLU G 222 20.01 -18.72 -60.62
CA GLU G 222 19.77 -17.49 -61.37
C GLU G 222 18.27 -17.22 -61.47
N ALA G 223 17.81 -16.10 -60.90
CA ALA G 223 16.41 -15.72 -60.90
C ALA G 223 16.18 -14.33 -60.30
N ASP G 224 14.93 -13.87 -60.30
CA ASP G 224 14.58 -12.64 -59.60
C ASP G 224 14.33 -12.95 -58.13
N TYR G 225 14.88 -12.11 -57.25
CA TYR G 225 14.80 -12.32 -55.82
C TYR G 225 14.15 -11.13 -55.14
N TYR G 226 13.17 -11.41 -54.28
CA TYR G 226 12.33 -10.41 -53.64
C TYR G 226 12.42 -10.51 -52.12
N CYS G 227 12.36 -9.37 -51.45
CA CYS G 227 12.27 -9.31 -50.00
C CYS G 227 10.91 -8.77 -49.59
N GLN G 228 10.33 -9.35 -48.54
CA GLN G 228 9.06 -8.91 -48.01
C GLN G 228 9.19 -8.67 -46.50
N VAL G 229 8.50 -7.64 -46.02
CA VAL G 229 8.52 -7.25 -44.62
C VAL G 229 7.08 -7.20 -44.12
N TRP G 230 6.87 -7.64 -42.89
CA TRP G 230 5.57 -7.53 -42.23
C TRP G 230 5.67 -6.44 -41.17
N SER G 231 4.96 -5.33 -41.38
CA SER G 231 4.93 -4.22 -40.44
C SER G 231 3.59 -4.03 -39.75
N SER G 232 2.48 -4.36 -40.41
CA SER G 232 1.15 -4.22 -39.83
C SER G 232 0.20 -5.08 -40.66
N SER G 233 -1.08 -5.08 -40.25
CA SER G 233 -2.05 -5.96 -40.89
C SER G 233 -2.29 -5.60 -42.35
N THR G 234 -2.22 -4.32 -42.71
CA THR G 234 -2.41 -3.89 -44.09
C THR G 234 -1.10 -3.55 -44.78
N ASP G 235 0.03 -3.68 -44.09
CA ASP G 235 1.35 -3.31 -44.62
C ASP G 235 2.22 -4.55 -44.72
N HIS G 236 2.29 -5.13 -45.92
CA HIS G 236 3.18 -6.24 -46.23
C HIS G 236 4.07 -5.84 -47.41
N PRO G 237 4.96 -4.87 -47.21
CA PRO G 237 5.72 -4.33 -48.34
C PRO G 237 6.65 -5.36 -48.98
N PHE G 238 6.71 -5.33 -50.30
CA PHE G 238 7.67 -6.09 -51.08
C PHE G 238 8.74 -5.15 -51.61
N GLY G 239 9.93 -5.70 -51.85
CA GLY G 239 10.96 -4.96 -52.54
C GLY G 239 10.81 -5.07 -54.05
N GLY G 240 11.49 -4.17 -54.76
CA GLY G 240 11.43 -4.19 -56.21
C GLY G 240 12.00 -5.46 -56.81
N GLY G 241 13.02 -6.02 -56.19
CA GLY G 241 13.62 -7.26 -56.64
C GLY G 241 14.98 -7.04 -57.26
N THR G 242 15.78 -8.11 -57.25
CA THR G 242 17.10 -8.14 -57.84
C THR G 242 17.22 -9.33 -58.75
N LYS G 243 17.66 -9.10 -59.99
CA LYS G 243 18.00 -10.22 -60.87
C LYS G 243 19.43 -10.66 -60.56
N VAL G 244 19.57 -11.93 -60.18
CA VAL G 244 20.86 -12.55 -59.96
C VAL G 244 21.16 -13.41 -61.19
N THR G 245 22.28 -13.11 -61.86
CA THR G 245 22.66 -13.78 -63.09
C THR G 245 23.95 -14.55 -62.87
N VAL G 246 23.90 -15.86 -63.10
CA VAL G 246 25.08 -16.71 -63.02
C VAL G 246 25.82 -16.63 -64.34
N LEU G 247 27.09 -16.25 -64.29
CA LEU G 247 27.95 -16.29 -65.46
C LEU G 247 28.00 -17.71 -65.99
N HIS G 248 27.53 -17.91 -67.23
CA HIS G 248 27.28 -19.25 -67.74
C HIS G 248 28.22 -19.62 -68.88
N HIS G 249 28.16 -18.92 -70.01
CA HIS G 249 28.97 -19.27 -71.17
C HIS G 249 29.62 -18.03 -71.79
N GLN H 1 -38.79 34.08 36.30
CA GLN H 1 -37.97 32.95 36.73
C GLN H 1 -36.48 33.23 36.62
N VAL H 2 -35.69 32.17 36.79
CA VAL H 2 -34.23 32.21 36.73
C VAL H 2 -33.71 33.34 37.60
N GLN H 3 -33.86 33.21 38.91
CA GLN H 3 -33.31 34.20 39.83
C GLN H 3 -31.87 33.83 40.19
N LEU H 4 -31.06 34.86 40.44
CA LEU H 4 -29.68 34.69 40.88
C LEU H 4 -29.38 35.79 41.89
N VAL H 5 -28.96 35.40 43.09
CA VAL H 5 -28.73 36.34 44.19
C VAL H 5 -27.32 36.09 44.73
N GLU H 6 -26.41 37.01 44.47
CA GLU H 6 -25.07 36.94 45.02
C GLU H 6 -25.04 37.51 46.44
N SER H 7 -24.03 37.10 47.20
CA SER H 7 -23.89 37.56 48.57
C SER H 7 -22.45 37.32 49.02
N GLY H 8 -22.07 38.02 50.09
CA GLY H 8 -20.77 37.83 50.72
C GLY H 8 -19.80 38.97 50.52
N GLY H 9 -20.11 39.93 49.65
CA GLY H 9 -19.18 41.02 49.40
C GLY H 9 -19.15 42.01 50.55
N THR H 10 -17.95 42.41 50.93
CA THR H 10 -17.73 43.40 51.99
C THR H 10 -16.30 43.93 51.85
N LEU H 11 -15.84 44.67 52.86
CA LEU H 11 -14.50 45.22 52.88
C LEU H 11 -13.52 44.20 53.44
N VAL H 12 -12.34 44.13 52.82
CA VAL H 12 -11.27 43.24 53.24
C VAL H 12 -9.94 43.97 53.10
N GLN H 13 -9.04 43.78 54.06
CA GLN H 13 -7.69 44.30 53.93
C GLN H 13 -6.92 43.51 52.86
N PRO H 14 -5.90 44.12 52.26
CA PRO H 14 -5.08 43.39 51.27
C PRO H 14 -4.47 42.14 51.89
N GLY H 15 -4.50 41.05 51.13
CA GLY H 15 -4.05 39.76 51.61
C GLY H 15 -5.10 38.93 52.30
N GLY H 16 -6.28 39.50 52.58
CA GLY H 16 -7.32 38.80 53.28
C GLY H 16 -8.08 37.83 52.38
N SER H 17 -9.07 37.18 52.98
CA SER H 17 -9.89 36.19 52.29
C SER H 17 -11.37 36.57 52.37
N LEU H 18 -12.14 36.13 51.38
CA LEU H 18 -13.56 36.40 51.34
C LEU H 18 -14.22 35.33 50.46
N ARG H 19 -15.39 34.86 50.89
CA ARG H 19 -16.11 33.81 50.19
C ARG H 19 -17.43 34.37 49.67
N LEU H 20 -17.66 34.21 48.37
CA LEU H 20 -18.86 34.70 47.72
C LEU H 20 -19.81 33.54 47.46
N SER H 21 -21.11 33.80 47.63
CA SER H 21 -22.16 32.82 47.42
C SER H 21 -23.15 33.35 46.41
N CYS H 22 -23.60 32.48 45.50
CA CYS H 22 -24.65 32.78 44.54
C CYS H 22 -25.75 31.74 44.70
N ALA H 23 -26.97 32.20 44.96
CA ALA H 23 -28.13 31.33 45.07
C ALA H 23 -28.90 31.34 43.76
N ALA H 24 -29.22 30.16 43.25
CA ALA H 24 -29.88 30.00 41.97
C ALA H 24 -31.25 29.33 42.16
N SER H 25 -32.21 29.76 41.35
CA SER H 25 -33.55 29.19 41.38
C SER H 25 -34.21 29.49 40.06
N GLY H 26 -35.27 28.73 39.75
CA GLY H 26 -36.04 28.96 38.54
C GLY H 26 -35.54 28.26 37.30
N PHE H 27 -34.52 27.42 37.41
CA PHE H 27 -34.00 26.69 36.26
C PHE H 27 -33.19 25.51 36.75
N THR H 28 -32.94 24.56 35.85
CA THR H 28 -32.18 23.36 36.18
C THR H 28 -30.71 23.71 36.34
N PHE H 29 -30.29 23.95 37.57
CA PHE H 29 -28.95 24.46 37.86
C PHE H 29 -27.87 23.56 37.26
N ASN H 30 -28.04 22.25 37.35
CA ASN H 30 -27.00 21.30 36.99
C ASN H 30 -26.88 21.07 35.49
N ASN H 31 -27.68 21.75 34.67
CA ASN H 31 -27.61 21.58 33.23
C ASN H 31 -26.72 22.61 32.55
N TYR H 32 -26.10 23.52 33.29
CA TYR H 32 -25.44 24.66 32.70
C TYR H 32 -24.11 24.95 33.40
N TRP H 33 -23.18 25.51 32.63
CA TRP H 33 -22.00 26.13 33.22
C TRP H 33 -22.41 27.39 33.97
N MET H 34 -21.62 27.75 34.98
CA MET H 34 -21.80 28.99 35.71
C MET H 34 -20.52 29.82 35.62
N THR H 35 -20.68 31.14 35.75
CA THR H 35 -19.58 32.05 35.51
C THR H 35 -19.60 33.16 36.57
N TRP H 36 -18.41 33.60 36.96
CA TRP H 36 -18.24 34.81 37.75
C TRP H 36 -17.63 35.90 36.87
N VAL H 37 -18.27 37.07 36.85
CA VAL H 37 -17.75 38.25 36.17
C VAL H 37 -17.70 39.38 37.19
N ARG H 38 -16.67 40.22 37.09
CA ARG H 38 -16.54 41.36 37.98
C ARG H 38 -16.51 42.66 37.18
N GLN H 39 -16.75 43.76 37.88
CA GLN H 39 -16.81 45.08 37.26
C GLN H 39 -16.31 46.10 38.28
N ALA H 40 -15.10 46.59 38.07
CA ALA H 40 -14.57 47.65 38.93
C ALA H 40 -15.44 48.90 38.80
N PRO H 41 -15.56 49.69 39.88
CA PRO H 41 -16.49 50.83 39.86
C PRO H 41 -16.27 51.79 38.70
N GLY H 42 -17.24 51.87 37.80
CA GLY H 42 -17.15 52.75 36.66
C GLY H 42 -16.30 52.25 35.52
N LYS H 43 -15.85 51.01 35.56
CA LYS H 43 -15.06 50.42 34.49
C LYS H 43 -15.86 49.30 33.83
N GLY H 44 -15.21 48.56 32.92
CA GLY H 44 -15.87 47.54 32.15
C GLY H 44 -15.96 46.20 32.86
N LEU H 45 -16.55 45.24 32.16
CA LEU H 45 -16.69 43.89 32.69
C LEU H 45 -15.40 43.09 32.49
N GLU H 46 -15.20 42.10 33.34
CA GLU H 46 -14.06 41.20 33.19
C GLU H 46 -14.47 39.80 33.64
N TRP H 47 -14.34 38.85 32.72
CA TRP H 47 -14.55 37.45 33.05
C TRP H 47 -13.55 36.98 34.10
N VAL H 48 -14.04 36.36 35.17
CA VAL H 48 -13.18 35.94 36.28
C VAL H 48 -12.95 34.44 36.22
N ALA H 49 -14.03 33.66 36.24
CA ALA H 49 -13.94 32.21 36.30
C ALA H 49 -15.26 31.60 35.87
N ASN H 50 -15.19 30.37 35.37
CA ASN H 50 -16.39 29.60 35.06
C ASN H 50 -16.18 28.15 35.50
N ILE H 51 -17.26 27.38 35.49
CA ILE H 51 -17.23 26.02 36.03
C ILE H 51 -18.23 25.17 35.25
N LYS H 52 -17.86 23.91 35.03
CA LYS H 52 -18.65 22.96 34.26
C LYS H 52 -19.92 22.57 35.03
N LYS H 53 -20.83 21.88 34.33
CA LYS H 53 -22.09 21.47 34.91
C LYS H 53 -21.89 20.75 36.24
N ASP H 54 -21.01 19.76 36.25
CA ASP H 54 -20.75 18.93 37.42
C ASP H 54 -19.53 19.38 38.20
N GLY H 55 -18.96 20.54 37.87
CA GLY H 55 -17.77 21.03 38.53
C GLY H 55 -16.49 20.31 38.19
N SER H 56 -16.50 19.46 37.16
CA SER H 56 -15.32 18.67 36.82
C SER H 56 -14.28 19.45 36.01
N GLU H 57 -14.62 20.64 35.52
CA GLU H 57 -13.68 21.54 34.87
C GLU H 57 -13.86 22.95 35.41
N LYS H 58 -12.74 23.60 35.73
CA LYS H 58 -12.74 24.96 36.25
C LYS H 58 -11.70 25.78 35.52
N TYR H 59 -12.02 27.03 35.20
CA TYR H 59 -11.11 27.90 34.50
C TYR H 59 -11.13 29.28 35.15
N TYR H 60 -9.98 29.93 35.15
CA TYR H 60 -9.80 31.22 35.79
C TYR H 60 -9.03 32.15 34.86
N VAL H 61 -9.18 33.45 35.10
CA VAL H 61 -8.37 34.45 34.42
C VAL H 61 -6.98 34.48 35.05
N ASP H 62 -5.98 34.88 34.26
CA ASP H 62 -4.59 34.84 34.70
C ASP H 62 -4.39 35.49 36.06
N SER H 63 -5.02 36.65 36.28
CA SER H 63 -4.72 37.45 37.47
C SER H 63 -5.20 36.80 38.77
N VAL H 64 -6.17 35.88 38.71
CA VAL H 64 -6.72 35.28 39.91
C VAL H 64 -6.39 33.81 40.05
N ARG H 65 -5.76 33.19 39.05
CA ARG H 65 -5.44 31.77 39.15
C ARG H 65 -4.43 31.54 40.26
N GLY H 66 -4.71 30.56 41.11
CA GLY H 66 -3.94 30.30 42.30
C GLY H 66 -4.45 30.99 43.55
N ARG H 67 -5.24 32.05 43.40
CA ARG H 67 -5.83 32.79 44.51
C ARG H 67 -7.32 32.54 44.66
N PHE H 68 -8.05 32.40 43.55
CA PHE H 68 -9.49 32.18 43.58
C PHE H 68 -9.81 30.71 43.32
N THR H 69 -10.89 30.24 43.93
CA THR H 69 -11.39 28.89 43.72
C THR H 69 -12.89 28.94 43.47
N ILE H 70 -13.31 28.51 42.30
CA ILE H 70 -14.73 28.41 41.97
C ILE H 70 -15.20 27.00 42.32
N SER H 71 -16.45 26.89 42.73
CA SER H 71 -17.03 25.60 43.08
C SER H 71 -18.54 25.74 43.05
N ARG H 72 -19.22 24.59 43.07
CA ARG H 72 -20.67 24.58 43.03
C ARG H 72 -21.20 23.38 43.80
N ASP H 73 -22.40 23.53 44.34
CA ASP H 73 -23.10 22.48 45.08
C ASP H 73 -24.44 22.30 44.39
N ASN H 74 -24.50 21.35 43.45
CA ASN H 74 -25.71 21.19 42.64
C ASN H 74 -26.89 20.72 43.47
N ALA H 75 -26.64 19.98 44.54
CA ALA H 75 -27.72 19.55 45.42
C ALA H 75 -28.38 20.74 46.12
N LYS H 76 -27.67 21.84 46.29
CA LYS H 76 -28.19 23.02 46.98
C LYS H 76 -28.39 24.21 46.06
N ASN H 77 -28.16 24.06 44.75
CA ASN H 77 -28.36 25.14 43.78
C ASN H 77 -27.53 26.37 44.15
N SER H 78 -26.25 26.14 44.43
CA SER H 78 -25.37 27.19 44.94
C SER H 78 -24.05 27.20 44.18
N LEU H 79 -23.61 28.40 43.82
CA LEU H 79 -22.31 28.65 43.23
C LEU H 79 -21.47 29.47 44.21
N PHE H 80 -20.19 29.15 44.30
CA PHE H 80 -19.32 29.79 45.26
C PHE H 80 -18.06 30.33 44.59
N LEU H 81 -17.44 31.30 45.24
CA LEU H 81 -16.14 31.82 44.84
C LEU H 81 -15.35 32.10 46.11
N GLN H 82 -14.28 31.33 46.32
CA GLN H 82 -13.37 31.55 47.44
C GLN H 82 -12.25 32.45 46.97
N MET H 83 -12.12 33.62 47.59
CA MET H 83 -11.12 34.62 47.21
C MET H 83 -10.07 34.69 48.31
N ASN H 84 -8.82 34.38 47.95
CA ASN H 84 -7.68 34.44 48.85
C ASN H 84 -6.64 35.42 48.32
N SER H 85 -5.81 35.92 49.22
CA SER H 85 -4.70 36.82 48.89
C SER H 85 -5.19 38.01 48.08
N LEU H 86 -6.23 38.68 48.59
CA LEU H 86 -6.89 39.73 47.85
C LEU H 86 -5.99 40.93 47.65
N ARG H 87 -6.02 41.48 46.45
CA ARG H 87 -5.29 42.68 46.05
C ARG H 87 -6.26 43.83 45.81
N PRO H 88 -5.77 45.08 45.86
CA PRO H 88 -6.66 46.21 45.58
C PRO H 88 -7.31 46.16 44.20
N GLU H 89 -6.65 45.55 43.21
CA GLU H 89 -7.24 45.44 41.88
C GLU H 89 -8.41 44.46 41.84
N ASP H 90 -8.64 43.71 42.91
CA ASP H 90 -9.81 42.83 43.00
C ASP H 90 -11.07 43.56 43.42
N THR H 91 -10.96 44.85 43.76
CA THR H 91 -12.13 45.66 44.07
C THR H 91 -13.05 45.75 42.86
N ALA H 92 -14.27 45.25 43.01
CA ALA H 92 -15.24 45.21 41.92
C ALA H 92 -16.57 44.69 42.45
N VAL H 93 -17.62 44.92 41.66
CA VAL H 93 -18.88 44.21 41.84
C VAL H 93 -18.78 42.87 41.13
N TYR H 94 -19.03 41.78 41.85
CA TYR H 94 -18.88 40.44 41.32
C TYR H 94 -20.25 39.88 40.95
N PHE H 95 -20.40 39.51 39.68
CA PHE H 95 -21.65 38.98 39.15
C PHE H 95 -21.56 37.46 39.00
N CYS H 96 -22.71 36.81 39.09
CA CYS H 96 -22.87 35.37 38.90
C CYS H 96 -23.79 35.18 37.70
N ALA H 97 -23.37 34.36 36.74
CA ALA H 97 -24.05 34.30 35.45
C ALA H 97 -24.17 32.88 34.92
N THR H 98 -25.32 32.61 34.29
CA THR H 98 -25.59 31.33 33.67
C THR H 98 -25.06 31.30 32.24
N VAL H 99 -24.84 30.09 31.74
CA VAL H 99 -24.29 29.87 30.41
C VAL H 99 -25.28 28.98 29.68
N ARG H 100 -26.20 29.59 28.94
CA ARG H 100 -27.31 28.86 28.34
C ARG H 100 -27.35 28.93 26.82
N SER H 101 -27.23 30.12 26.24
CA SER H 101 -27.44 30.30 24.80
C SER H 101 -26.15 30.05 24.03
N GLY H 102 -26.26 29.25 22.96
CA GLY H 102 -25.16 29.07 22.05
C GLY H 102 -24.11 28.07 22.51
N ARG H 103 -23.01 28.04 21.74
CA ARG H 103 -21.94 27.08 21.93
C ARG H 103 -20.73 27.66 22.65
N TYR H 104 -20.57 28.98 22.66
CA TYR H 104 -19.27 29.53 23.04
C TYR H 104 -19.36 30.49 24.23
N PHE H 105 -20.06 30.06 25.28
CA PHE H 105 -19.94 30.62 26.61
C PHE H 105 -20.52 32.03 26.74
N ALA H 106 -21.57 32.33 26.00
CA ALA H 106 -22.31 33.56 26.24
C ALA H 106 -23.03 33.50 27.59
N LEU H 107 -23.25 34.68 28.17
CA LEU H 107 -23.74 34.79 29.53
C LEU H 107 -25.17 35.32 29.52
N ASP H 108 -26.12 34.45 29.85
CA ASP H 108 -27.54 34.77 29.70
C ASP H 108 -28.08 35.58 30.89
N ASP H 109 -28.11 34.96 32.06
CA ASP H 109 -28.79 35.50 33.24
C ASP H 109 -27.76 35.96 34.26
N TRP H 110 -27.88 37.22 34.70
CA TRP H 110 -26.94 37.82 35.63
C TRP H 110 -27.67 38.19 36.92
N GLY H 111 -26.98 38.01 38.05
CA GLY H 111 -27.47 38.52 39.31
C GLY H 111 -27.24 40.00 39.43
N GLN H 112 -27.71 40.56 40.55
CA GLN H 112 -27.54 41.99 40.80
C GLN H 112 -26.11 42.35 41.22
N GLY H 113 -25.31 41.36 41.58
CA GLY H 113 -23.92 41.60 41.95
C GLY H 113 -23.74 41.83 43.44
N THR H 114 -22.49 41.69 43.87
CA THR H 114 -22.12 41.95 45.26
C THR H 114 -20.76 42.64 45.25
N LEU H 115 -20.62 43.70 46.03
CA LEU H 115 -19.45 44.57 45.97
C LEU H 115 -18.37 44.08 46.92
N VAL H 116 -17.18 43.83 46.38
CA VAL H 116 -16.00 43.46 47.17
C VAL H 116 -15.05 44.64 47.14
N THR H 117 -14.75 45.20 48.30
CA THR H 117 -13.84 46.34 48.42
C THR H 117 -12.58 45.90 49.13
N VAL H 118 -11.44 46.09 48.48
CA VAL H 118 -10.14 45.81 49.07
C VAL H 118 -9.43 47.15 49.27
N SER H 119 -9.27 47.55 50.53
CA SER H 119 -8.65 48.82 50.84
C SER H 119 -7.17 48.80 50.46
N SER H 120 -6.53 49.96 50.57
CA SER H 120 -5.09 50.09 50.42
C SER H 120 -4.51 50.24 51.83
N GLY H 121 -3.97 49.14 52.35
CA GLY H 121 -3.45 49.13 53.71
C GLY H 121 -2.17 48.34 53.87
N VAL H 143 -6.16 43.94 23.38
CA VAL H 143 -7.50 43.53 23.76
C VAL H 143 -8.46 43.94 22.63
N LEU H 144 -9.73 44.12 22.95
CA LEU H 144 -10.73 44.58 21.98
C LEU H 144 -10.97 46.08 22.17
N THR H 145 -11.10 46.80 21.06
CA THR H 145 -11.27 48.25 21.08
C THR H 145 -12.69 48.60 20.68
N GLN H 146 -13.39 49.33 21.55
CA GLN H 146 -14.70 49.88 21.33
C GLN H 146 -14.66 51.40 21.41
N PRO H 147 -15.42 52.10 20.57
CA PRO H 147 -15.53 53.55 20.70
C PRO H 147 -16.17 53.92 22.02
N PRO H 148 -15.65 54.93 22.73
CA PRO H 148 -16.20 55.25 24.06
C PRO H 148 -17.65 55.66 24.04
N SER H 149 -18.07 56.46 23.07
CA SER H 149 -19.43 56.99 23.05
C SER H 149 -19.97 57.02 21.62
N VAL H 150 -21.29 56.87 21.52
CA VAL H 150 -22.02 56.98 20.26
C VAL H 150 -23.35 57.66 20.57
N SER H 151 -23.69 58.69 19.81
CA SER H 151 -24.96 59.37 19.95
C SER H 151 -25.80 59.12 18.70
N VAL H 152 -27.11 58.96 18.90
CA VAL H 152 -28.03 58.64 17.82
C VAL H 152 -29.38 59.28 18.13
N ALA H 153 -30.07 59.74 17.08
CA ALA H 153 -31.37 60.39 17.22
C ALA H 153 -32.49 59.36 17.28
N PRO H 154 -33.59 59.67 17.97
CA PRO H 154 -34.69 58.71 18.10
C PRO H 154 -35.24 58.29 16.74
N GLY H 155 -35.11 56.99 16.45
CA GLY H 155 -35.58 56.41 15.21
C GLY H 155 -34.47 56.04 14.25
N LYS H 156 -33.31 56.69 14.37
CA LYS H 156 -32.19 56.45 13.48
C LYS H 156 -31.53 55.12 13.86
N THR H 157 -30.42 54.80 13.20
CA THR H 157 -29.71 53.55 13.39
C THR H 157 -28.34 53.82 14.01
N ALA H 158 -28.06 53.15 15.11
CA ALA H 158 -26.78 53.25 15.80
C ALA H 158 -25.97 51.99 15.56
N ARG H 159 -24.64 52.16 15.46
CA ARG H 159 -23.72 51.07 15.19
C ARG H 159 -22.57 51.12 16.16
N ILE H 160 -22.43 50.07 16.98
CA ILE H 160 -21.32 49.94 17.92
C ILE H 160 -20.33 48.95 17.34
N THR H 161 -19.09 49.38 17.15
CA THR H 161 -18.06 48.52 16.59
C THR H 161 -17.20 47.92 17.69
N CYS H 162 -16.60 46.76 17.38
CA CYS H 162 -15.77 46.00 18.31
C CYS H 162 -14.55 45.53 17.51
N GLY H 163 -13.44 46.25 17.65
CA GLY H 163 -12.25 45.96 16.87
C GLY H 163 -11.33 44.97 17.55
N GLY H 164 -10.81 44.04 16.76
CA GLY H 164 -9.87 43.06 17.25
C GLY H 164 -9.18 42.33 16.11
N ASP H 165 -7.92 41.96 16.30
CA ASP H 165 -7.18 41.29 15.23
C ASP H 165 -7.84 39.95 14.89
N ASN H 166 -8.35 39.84 13.67
CA ASN H 166 -9.00 38.62 13.18
C ASN H 166 -10.14 38.20 14.11
N ILE H 167 -10.89 39.20 14.60
CA ILE H 167 -12.04 38.93 15.44
C ILE H 167 -13.12 38.17 14.69
N GLY H 168 -13.13 38.28 13.35
CA GLY H 168 -14.10 37.54 12.55
C GLY H 168 -13.97 36.03 12.67
N SER H 169 -12.81 35.53 13.10
CA SER H 169 -12.60 34.11 13.30
C SER H 169 -13.07 33.62 14.65
N ARG H 170 -13.58 34.51 15.51
CA ARG H 170 -13.97 34.15 16.86
C ARG H 170 -15.46 34.43 17.08
N PRO H 171 -16.09 33.73 18.03
CA PRO H 171 -17.48 34.07 18.37
C PRO H 171 -17.53 35.35 19.19
N VAL H 172 -18.54 36.17 18.92
CA VAL H 172 -18.72 37.46 19.58
C VAL H 172 -20.12 37.51 20.18
N HIS H 173 -20.20 37.95 21.43
CA HIS H 173 -21.48 38.20 22.09
C HIS H 173 -21.57 39.68 22.45
N TRP H 174 -22.80 40.15 22.62
CA TRP H 174 -23.04 41.55 22.94
C TRP H 174 -23.93 41.65 24.17
N TYR H 175 -23.67 42.66 25.00
CA TYR H 175 -24.37 42.86 26.26
C TYR H 175 -24.82 44.30 26.40
N GLN H 176 -26.02 44.49 26.95
CA GLN H 176 -26.56 45.80 27.25
C GLN H 176 -26.60 45.97 28.76
N GLN H 177 -26.17 47.14 29.24
CA GLN H 177 -26.13 47.41 30.68
C GLN H 177 -26.55 48.85 30.91
N LYS H 178 -27.67 49.02 31.58
CA LYS H 178 -28.20 50.33 31.95
C LYS H 178 -27.64 50.76 33.31
N PRO H 179 -27.69 52.05 33.61
CA PRO H 179 -27.09 52.53 34.87
C PRO H 179 -27.66 51.83 36.09
N GLY H 180 -26.76 51.23 36.88
CA GLY H 180 -27.13 50.60 38.12
C GLY H 180 -27.76 49.23 38.00
N GLN H 181 -27.73 48.62 36.82
CA GLN H 181 -28.36 47.33 36.59
C GLN H 181 -27.33 46.31 36.11
N ALA H 182 -27.73 45.05 36.12
CA ALA H 182 -26.93 43.96 35.61
C ALA H 182 -26.98 43.93 34.08
N PRO H 183 -25.97 43.35 33.44
CA PRO H 183 -26.00 43.24 31.98
C PRO H 183 -27.10 42.33 31.49
N ILE H 184 -27.48 42.53 30.23
CA ILE H 184 -28.46 41.70 29.55
C ILE H 184 -27.85 41.26 28.22
N LEU H 185 -27.93 39.97 27.93
CA LEU H 185 -27.43 39.44 26.67
C LEU H 185 -28.38 39.81 25.54
N VAL H 186 -27.84 40.45 24.50
CA VAL H 186 -28.63 40.86 23.36
C VAL H 186 -28.25 40.11 22.07
N VAL H 187 -26.99 39.67 21.94
CA VAL H 187 -26.55 38.86 20.82
C VAL H 187 -25.55 37.84 21.33
N TYR H 188 -25.64 36.60 20.84
CA TYR H 188 -24.67 35.57 21.14
C TYR H 188 -24.27 34.87 19.85
N ASP H 189 -23.02 34.40 19.82
CA ASP H 189 -22.45 33.70 18.67
C ASP H 189 -22.64 34.51 17.39
N ASP H 190 -22.04 35.71 17.40
CA ASP H 190 -22.00 36.62 16.26
C ASP H 190 -23.34 37.30 16.00
N SER H 191 -24.36 36.50 15.67
CA SER H 191 -25.57 37.06 15.08
C SER H 191 -26.88 36.54 15.67
N ASN H 192 -26.84 35.67 16.67
CA ASN H 192 -28.06 35.07 17.19
C ASN H 192 -28.67 35.93 18.28
N ARG H 193 -30.00 35.98 18.30
CA ARG H 193 -30.77 36.84 19.18
C ARG H 193 -31.47 36.00 20.24
N PRO H 194 -31.23 36.23 21.53
CA PRO H 194 -31.93 35.45 22.55
C PRO H 194 -33.42 35.77 22.54
N SER H 195 -34.19 34.85 23.12
CA SER H 195 -35.63 35.06 23.25
C SER H 195 -35.90 36.30 24.10
N GLY H 196 -36.76 37.17 23.61
CA GLY H 196 -37.13 38.39 24.32
C GLY H 196 -36.41 39.63 23.88
N ILE H 197 -35.44 39.51 22.99
CA ILE H 197 -34.69 40.64 22.46
C ILE H 197 -35.35 41.07 21.14
N PRO H 198 -35.62 42.35 20.93
CA PRO H 198 -36.32 42.77 19.71
C PRO H 198 -35.48 42.56 18.46
N GLU H 199 -36.20 42.37 17.34
CA GLU H 199 -35.55 42.19 16.04
C GLU H 199 -34.66 43.37 15.67
N ARG H 200 -34.88 44.54 16.29
CA ARG H 200 -34.08 45.72 16.00
C ARG H 200 -32.61 45.52 16.31
N PHE H 201 -32.26 44.58 17.19
CA PHE H 201 -30.88 44.32 17.56
C PHE H 201 -30.30 43.26 16.64
N SER H 202 -29.21 43.62 15.95
CA SER H 202 -28.60 42.74 14.96
C SER H 202 -27.09 42.73 15.16
N GLY H 203 -26.50 41.54 15.10
CA GLY H 203 -25.06 41.38 15.25
C GLY H 203 -24.45 40.79 14.00
N SER H 204 -23.28 41.30 13.63
CA SER H 204 -22.50 40.76 12.53
C SER H 204 -21.04 40.72 12.95
N ASN H 205 -20.24 39.96 12.20
CA ASN H 205 -18.84 39.78 12.55
C ASN H 205 -18.08 39.28 11.33
N SER H 206 -17.07 40.04 10.91
CA SER H 206 -16.16 39.62 9.84
C SER H 206 -14.93 40.51 9.87
N GLY H 207 -13.84 40.00 9.33
CA GLY H 207 -12.62 40.78 9.27
C GLY H 207 -12.08 41.06 10.65
N ASN H 208 -11.82 42.35 10.91
CA ASN H 208 -11.27 42.80 12.19
C ASN H 208 -12.27 43.62 12.99
N THR H 209 -13.55 43.51 12.68
CA THR H 209 -14.55 44.32 13.37
C THR H 209 -15.87 43.55 13.45
N ALA H 210 -16.39 43.44 14.67
CA ALA H 210 -17.77 43.01 14.91
C ALA H 210 -18.64 44.24 15.16
N THR H 211 -19.91 44.13 14.78
CA THR H 211 -20.80 45.29 14.80
C THR H 211 -22.14 44.91 15.40
N LEU H 212 -22.57 45.67 16.41
CA LEU H 212 -23.93 45.60 16.93
C LEU H 212 -24.72 46.76 16.35
N THR H 213 -25.73 46.45 15.54
CA THR H 213 -26.56 47.46 14.88
C THR H 213 -27.90 47.54 15.58
N ILE H 214 -28.25 48.72 16.05
CA ILE H 214 -29.55 48.98 16.68
C ILE H 214 -30.33 49.89 15.74
N SER H 215 -31.37 49.34 15.12
CA SER H 215 -32.22 50.12 14.24
C SER H 215 -33.45 50.62 14.99
N ARG H 216 -33.98 51.75 14.53
CA ARG H 216 -35.17 52.37 15.13
C ARG H 216 -34.98 52.58 16.63
N VAL H 217 -33.85 53.20 16.99
CA VAL H 217 -33.47 53.29 18.39
C VAL H 217 -34.53 54.05 19.18
N GLU H 218 -34.71 53.64 20.43
CA GLU H 218 -35.66 54.24 21.35
C GLU H 218 -34.92 54.84 22.53
N ALA H 219 -35.63 55.61 23.35
CA ALA H 219 -35.03 56.20 24.54
C ALA H 219 -34.53 55.13 25.49
N GLY H 220 -35.22 53.99 25.56
CA GLY H 220 -34.81 52.89 26.41
C GLY H 220 -33.54 52.18 25.97
N ASP H 221 -33.10 52.40 24.73
CA ASP H 221 -31.87 51.79 24.25
C ASP H 221 -30.62 52.48 24.78
N GLU H 222 -30.78 53.59 25.50
CA GLU H 222 -29.65 54.31 26.08
C GLU H 222 -29.03 53.47 27.18
N ALA H 223 -27.83 52.96 26.93
CA ALA H 223 -27.14 52.07 27.87
C ALA H 223 -25.68 51.95 27.43
N ASP H 224 -24.91 51.19 28.22
CA ASP H 224 -23.58 50.76 27.83
C ASP H 224 -23.68 49.42 27.12
N TYR H 225 -22.92 49.26 26.04
CA TYR H 225 -22.95 48.05 25.24
C TYR H 225 -21.54 47.47 25.17
N TYR H 226 -21.41 46.21 25.59
CA TYR H 226 -20.14 45.51 25.63
C TYR H 226 -20.14 44.36 24.64
N CYS H 227 -19.04 44.20 23.93
CA CYS H 227 -18.79 42.98 23.16
C CYS H 227 -17.92 42.04 23.98
N GLN H 228 -18.14 40.75 23.80
CA GLN H 228 -17.31 39.72 24.41
C GLN H 228 -16.90 38.72 23.34
N VAL H 229 -15.67 38.22 23.44
CA VAL H 229 -15.14 37.23 22.52
C VAL H 229 -14.71 36.01 23.32
N TRP H 230 -14.90 34.83 22.75
CA TRP H 230 -14.37 33.60 23.30
C TRP H 230 -13.20 33.16 22.43
N SER H 231 -12.00 33.20 23.01
CA SER H 231 -10.78 32.76 22.34
C SER H 231 -10.31 31.39 22.81
N SER H 232 -10.39 31.13 24.12
CA SER H 232 -9.98 29.86 24.70
C SER H 232 -10.68 29.70 26.04
N SER H 233 -10.29 28.66 26.78
CA SER H 233 -10.97 28.33 28.03
C SER H 233 -10.74 29.40 29.09
N THR H 234 -9.59 30.07 29.08
CA THR H 234 -9.28 31.10 30.05
C THR H 234 -9.24 32.49 29.43
N ASP H 235 -9.66 32.64 28.18
N ASP H 235 -9.61 32.64 28.17
CA ASP H 235 -9.57 33.90 27.44
CA ASP H 235 -9.56 33.91 27.46
C ASP H 235 -10.97 34.27 26.96
C ASP H 235 -10.97 34.26 26.98
N HIS H 236 -11.72 34.97 27.81
CA HIS H 236 -13.06 35.48 27.49
C HIS H 236 -13.05 37.01 27.53
N PRO H 237 -12.24 37.67 26.69
CA PRO H 237 -12.07 39.12 26.85
C PRO H 237 -13.35 39.89 26.54
N PHE H 238 -13.50 41.00 27.24
CA PHE H 238 -14.56 41.97 27.00
C PHE H 238 -13.98 43.21 26.34
N GLY H 239 -14.81 43.89 25.55
CA GLY H 239 -14.48 45.21 25.09
C GLY H 239 -14.64 46.24 26.21
N GLY H 240 -14.09 47.44 25.96
CA GLY H 240 -14.16 48.48 26.97
C GLY H 240 -15.54 49.06 27.17
N GLY H 241 -16.43 48.90 26.19
CA GLY H 241 -17.78 49.41 26.31
C GLY H 241 -18.03 50.70 25.56
N THR H 242 -19.22 50.83 24.98
CA THR H 242 -19.64 52.03 24.29
C THR H 242 -20.92 52.55 24.95
N LYS H 243 -20.92 53.82 25.31
CA LYS H 243 -22.09 54.47 25.89
C LYS H 243 -22.92 55.07 24.78
N VAL H 244 -24.09 54.50 24.53
CA VAL H 244 -25.01 55.00 23.51
C VAL H 244 -25.98 55.94 24.19
N THR H 245 -25.89 57.23 23.87
CA THR H 245 -26.79 58.24 24.38
C THR H 245 -27.81 58.60 23.30
N VAL H 246 -29.08 58.49 23.62
CA VAL H 246 -30.16 58.80 22.69
C VAL H 246 -30.54 60.26 22.85
N LEU H 247 -30.64 60.97 21.73
CA LEU H 247 -30.94 62.39 21.75
C LEU H 247 -32.41 62.65 22.11
N GLN I 1 21.56 -0.87 59.08
CA GLN I 1 21.91 0.03 57.99
C GLN I 1 22.90 -0.63 57.03
N VAL I 2 23.15 0.04 55.92
CA VAL I 2 24.06 -0.51 54.91
C VAL I 2 25.49 -0.44 55.43
N GLN I 3 26.22 -1.55 55.28
CA GLN I 3 27.61 -1.63 55.70
C GLN I 3 28.44 -2.22 54.57
N LEU I 4 29.56 -1.59 54.26
CA LEU I 4 30.51 -2.08 53.25
C LEU I 4 31.91 -2.02 53.85
N VAL I 5 32.60 -3.16 53.83
CA VAL I 5 33.94 -3.27 54.39
C VAL I 5 34.85 -3.86 53.32
N GLU I 6 35.72 -3.03 52.75
CA GLU I 6 36.72 -3.51 51.80
C GLU I 6 37.91 -4.10 52.55
N SER I 7 38.63 -4.99 51.87
CA SER I 7 39.81 -5.60 52.45
C SER I 7 40.69 -6.12 51.32
N GLY I 8 41.97 -6.31 51.64
CA GLY I 8 42.92 -6.89 50.71
C GLY I 8 44.00 -5.95 50.22
N GLY I 9 43.90 -4.65 50.49
CA GLY I 9 44.92 -3.73 50.00
C GLY I 9 46.22 -3.88 50.77
N THR I 10 47.32 -3.85 50.03
CA THR I 10 48.66 -3.99 50.60
C THR I 10 49.68 -3.49 49.57
N LEU I 11 50.96 -3.66 49.89
CA LEU I 11 52.03 -3.30 48.98
C LEU I 11 52.26 -4.41 47.96
N VAL I 12 52.42 -4.01 46.69
CA VAL I 12 52.64 -4.96 45.60
C VAL I 12 53.73 -4.39 44.70
N GLN I 13 54.67 -5.25 44.31
CA GLN I 13 55.63 -4.87 43.29
C GLN I 13 54.95 -4.77 41.93
N PRO I 14 55.48 -3.95 41.02
CA PRO I 14 54.88 -3.85 39.68
C PRO I 14 54.84 -5.21 38.99
N GLY I 15 53.71 -5.49 38.34
CA GLY I 15 53.47 -6.76 37.70
C GLY I 15 52.82 -7.81 38.58
N GLY I 16 52.61 -7.52 39.87
CA GLY I 16 52.04 -8.49 40.78
C GLY I 16 50.52 -8.53 40.74
N SER I 17 49.96 -9.42 41.55
CA SER I 17 48.53 -9.65 41.60
C SER I 17 48.01 -9.45 43.01
N LEU I 18 46.73 -9.11 43.11
CA LEU I 18 46.09 -8.78 44.38
C LEU I 18 44.59 -8.91 44.21
N ARG I 19 43.93 -9.47 45.22
CA ARG I 19 42.48 -9.72 45.20
CA ARG I 19 42.49 -9.71 45.19
C ARG I 19 41.82 -8.96 46.34
N LEU I 20 40.92 -8.05 45.99
CA LEU I 20 40.19 -7.27 46.97
C LEU I 20 38.83 -7.91 47.25
N SER I 21 38.36 -7.74 48.48
CA SER I 21 37.06 -8.24 48.90
C SER I 21 36.24 -7.10 49.50
N CYS I 22 34.92 -7.21 49.38
CA CYS I 22 34.00 -6.26 50.00
C CYS I 22 32.86 -7.05 50.64
N ALA I 23 32.75 -6.95 51.96
CA ALA I 23 31.67 -7.62 52.69
C ALA I 23 30.49 -6.66 52.80
N ALA I 24 29.35 -7.07 52.26
CA ALA I 24 28.15 -6.24 52.25
C ALA I 24 27.13 -6.75 53.26
N SER I 25 26.41 -5.81 53.86
CA SER I 25 25.37 -6.14 54.83
C SER I 25 24.44 -4.95 54.96
N GLY I 26 23.23 -5.22 55.46
CA GLY I 26 22.25 -4.18 55.69
C GLY I 26 21.32 -3.87 54.54
N PHE I 27 21.35 -4.68 53.47
CA PHE I 27 20.43 -4.48 52.35
C PHE I 27 20.39 -5.78 51.55
N THR I 28 19.49 -5.82 50.57
CA THR I 28 19.34 -7.00 49.73
C THR I 28 20.42 -6.94 48.64
N PHE I 29 21.50 -7.69 48.85
CA PHE I 29 22.68 -7.57 48.01
C PHE I 29 22.36 -7.89 46.55
N ASN I 30 21.54 -8.91 46.30
CA ASN I 30 21.31 -9.41 44.96
C ASN I 30 20.35 -8.54 44.14
N ASN I 31 19.85 -7.43 44.70
CA ASN I 31 18.89 -6.58 44.00
C ASN I 31 19.54 -5.40 43.31
N TYR I 32 20.86 -5.22 43.43
CA TYR I 32 21.51 -4.00 42.97
C TYR I 32 22.80 -4.32 42.23
N TRP I 33 23.18 -3.41 41.33
CA TRP I 33 24.51 -3.41 40.77
C TRP I 33 25.52 -3.00 41.86
N MET I 34 26.76 -3.45 41.68
CA MET I 34 27.86 -3.05 42.56
C MET I 34 28.95 -2.43 41.72
N THR I 35 29.80 -1.63 42.36
CA THR I 35 30.79 -0.83 41.64
C THR I 35 32.07 -0.72 42.47
N TRP I 36 33.21 -0.73 41.78
CA TRP I 36 34.50 -0.39 42.37
C TRP I 36 34.92 0.98 41.86
N VAL I 37 35.29 1.85 42.80
CA VAL I 37 35.83 3.18 42.48
C VAL I 37 37.17 3.31 43.18
N ARG I 38 38.12 3.96 42.51
CA ARG I 38 39.44 4.17 43.09
C ARG I 38 39.79 5.66 43.12
N GLN I 39 40.76 6.00 43.98
CA GLN I 39 41.16 7.38 44.20
C GLN I 39 42.65 7.38 44.50
N ALA I 40 43.45 7.83 43.54
CA ALA I 40 44.88 7.96 43.76
C ALA I 40 45.16 8.99 44.85
N PRO I 41 46.23 8.80 45.64
CA PRO I 41 46.50 9.73 46.75
C PRO I 41 46.55 11.19 46.31
N GLY I 42 45.65 12.00 46.86
CA GLY I 42 45.62 13.41 46.53
C GLY I 42 44.94 13.75 45.22
N LYS I 43 44.30 12.80 44.57
CA LYS I 43 43.60 13.03 43.31
C LYS I 43 42.11 12.77 43.49
N GLY I 44 41.38 12.75 42.37
CA GLY I 44 39.94 12.61 42.38
C GLY I 44 39.51 11.16 42.28
N LEU I 45 38.20 10.98 42.08
CA LEU I 45 37.58 9.67 41.98
C LEU I 45 37.62 9.18 40.54
N GLU I 46 37.76 7.87 40.37
CA GLU I 46 37.78 7.26 39.04
C GLU I 46 37.01 5.96 39.08
N TRP I 47 35.94 5.88 38.29
CA TRP I 47 35.18 4.64 38.14
C TRP I 47 36.07 3.54 37.57
N VAL I 48 36.05 2.37 38.22
CA VAL I 48 36.88 1.23 37.83
C VAL I 48 36.06 0.16 37.12
N ALA I 49 35.03 -0.37 37.78
CA ALA I 49 34.25 -1.45 37.23
C ALA I 49 32.91 -1.53 37.96
N ASN I 50 31.92 -2.12 37.29
CA ASN I 50 30.65 -2.43 37.94
C ASN I 50 30.20 -3.80 37.48
N ILE I 51 29.13 -4.30 38.11
CA ILE I 51 28.66 -5.66 37.86
C ILE I 51 27.15 -5.69 38.08
N LYS I 52 26.46 -6.45 37.24
CA LYS I 52 25.01 -6.58 37.30
C LYS I 52 24.61 -7.37 38.56
N LYS I 53 23.30 -7.32 38.87
CA LYS I 53 22.78 -7.97 40.07
C LYS I 53 23.28 -9.40 40.21
N ASP I 54 23.07 -10.22 39.19
CA ASP I 54 23.46 -11.62 39.20
C ASP I 54 24.85 -11.85 38.60
N GLY I 55 25.56 -10.78 38.26
CA GLY I 55 26.88 -10.90 37.70
C GLY I 55 26.93 -11.30 36.24
N SER I 56 25.82 -11.21 35.52
CA SER I 56 25.78 -11.62 34.13
C SER I 56 26.25 -10.54 33.17
N GLU I 57 26.50 -9.32 33.65
CA GLU I 57 27.13 -8.28 32.85
C GLU I 57 28.18 -7.57 33.69
N LYS I 58 29.35 -7.34 33.09
CA LYS I 58 30.48 -6.71 33.78
C LYS I 58 31.11 -5.68 32.86
N TYR I 59 31.55 -4.57 33.44
CA TYR I 59 32.12 -3.49 32.65
C TYR I 59 33.34 -2.91 33.37
N TYR I 60 34.30 -2.44 32.57
CA TYR I 60 35.58 -1.99 33.07
C TYR I 60 35.99 -0.70 32.37
N VAL I 61 36.76 0.12 33.08
CA VAL I 61 37.38 1.28 32.46
C VAL I 61 38.53 0.81 31.57
N ASP I 62 38.87 1.61 30.56
CA ASP I 62 39.82 1.17 29.53
C ASP I 62 41.15 0.76 30.13
N SER I 63 41.66 1.52 31.10
CA SER I 63 43.02 1.30 31.58
C SER I 63 43.19 -0.04 32.30
N VAL I 64 42.11 -0.62 32.81
CA VAL I 64 42.20 -1.88 33.56
C VAL I 64 41.58 -3.05 32.82
N ARG I 65 40.88 -2.83 31.71
CA ARG I 65 40.24 -3.92 31.00
C ARG I 65 41.29 -4.85 30.44
N GLY I 66 41.10 -6.15 30.67
CA GLY I 66 42.10 -7.16 30.39
C GLY I 66 43.00 -7.50 31.56
N ARG I 67 43.08 -6.63 32.56
CA ARG I 67 43.88 -6.85 33.75
C ARG I 67 43.04 -7.10 35.00
N PHE I 68 41.91 -6.40 35.14
CA PHE I 68 41.05 -6.53 36.31
C PHE I 68 39.84 -7.39 35.99
N THR I 69 39.32 -8.06 37.02
CA THR I 69 38.15 -8.92 36.89
C THR I 69 37.25 -8.69 38.09
N ILE I 70 36.01 -8.29 37.83
CA ILE I 70 35.02 -8.04 38.87
C ILE I 70 34.13 -9.28 38.99
N SER I 71 33.73 -9.59 40.23
CA SER I 71 32.91 -10.76 40.48
C SER I 71 32.14 -10.56 41.78
N ARG I 72 31.09 -11.35 41.94
CA ARG I 72 30.28 -11.26 43.15
C ARG I 72 29.79 -12.65 43.53
N ASP I 73 29.64 -12.87 44.84
CA ASP I 73 29.12 -14.11 45.41
C ASP I 73 27.85 -13.75 46.17
N ASN I 74 26.70 -13.91 45.51
CA ASN I 74 25.45 -13.45 46.09
C ASN I 74 25.05 -14.27 47.32
N ALA I 75 25.52 -15.52 47.41
CA ALA I 75 25.21 -16.32 48.59
C ALA I 75 25.96 -15.82 49.81
N LYS I 76 27.16 -15.26 49.63
CA LYS I 76 27.98 -14.78 50.72
C LYS I 76 28.00 -13.26 50.83
N ASN I 77 27.22 -12.55 50.00
CA ASN I 77 27.14 -11.09 50.04
C ASN I 77 28.51 -10.45 49.89
N SER I 78 29.29 -10.95 48.94
CA SER I 78 30.68 -10.53 48.76
C SER I 78 30.90 -10.02 47.34
N LEU I 79 31.69 -8.95 47.23
CA LEU I 79 32.12 -8.40 45.96
C LEU I 79 33.64 -8.46 45.89
N PHE I 80 34.17 -8.87 44.74
CA PHE I 80 35.60 -9.07 44.59
C PHE I 80 36.14 -8.29 43.40
N LEU I 81 37.43 -7.97 43.47
CA LEU I 81 38.15 -7.36 42.36
C LEU I 81 39.51 -8.04 42.26
N GLN I 82 39.69 -8.86 41.23
CA GLN I 82 40.97 -9.51 40.97
C GLN I 82 41.80 -8.59 40.08
N MET I 83 42.98 -8.20 40.58
CA MET I 83 43.84 -7.25 39.89
C MET I 83 45.14 -7.96 39.50
N ASN I 84 45.34 -8.12 38.20
CA ASN I 84 46.55 -8.71 37.64
C ASN I 84 47.37 -7.64 36.94
N SER I 85 48.67 -7.94 36.78
CA SER I 85 49.59 -7.07 36.06
C SER I 85 49.51 -5.62 36.56
N LEU I 86 49.64 -5.46 37.87
CA LEU I 86 49.45 -4.16 38.50
C LEU I 86 50.54 -3.18 38.09
N ARG I 87 50.13 -1.98 37.69
CA ARG I 87 51.01 -0.90 37.30
C ARG I 87 51.06 0.15 38.41
N PRO I 88 52.10 1.00 38.43
CA PRO I 88 52.17 2.04 39.47
C PRO I 88 50.98 2.98 39.47
N GLU I 89 50.35 3.22 38.32
CA GLU I 89 49.20 4.12 38.27
C GLU I 89 47.94 3.48 38.86
N ASP I 90 47.98 2.20 39.20
CA ASP I 90 46.87 1.57 39.92
C ASP I 90 46.89 1.89 41.41
N THR I 91 47.99 2.48 41.92
CA THR I 91 48.06 2.85 43.32
C THR I 91 46.95 3.84 43.66
N ALA I 92 46.08 3.45 44.59
CA ALA I 92 44.90 4.23 44.94
C ALA I 92 44.19 3.55 46.10
N VAL I 93 43.30 4.31 46.74
CA VAL I 93 42.32 3.73 47.64
C VAL I 93 41.15 3.23 46.81
N TYR I 94 40.78 1.97 47.00
CA TYR I 94 39.72 1.34 46.21
C TYR I 94 38.45 1.26 47.02
N PHE I 95 37.36 1.81 46.47
CA PHE I 95 36.08 1.89 47.15
C PHE I 95 35.10 0.87 46.58
N CYS I 96 34.27 0.34 47.46
CA CYS I 96 33.18 -0.57 47.10
C CYS I 96 31.87 0.19 47.28
N ALA I 97 31.04 0.19 46.24
CA ALA I 97 29.89 1.09 46.21
C ALA I 97 28.65 0.38 45.66
N THR I 98 27.50 0.74 46.21
CA THR I 98 26.22 0.20 45.77
C THR I 98 25.56 1.12 44.75
N VAL I 99 24.68 0.53 43.95
CA VAL I 99 23.98 1.24 42.88
C VAL I 99 22.49 1.08 43.16
N ARG I 100 21.90 2.07 43.85
CA ARG I 100 20.54 1.94 44.34
C ARG I 100 19.61 3.01 43.79
N SER I 101 19.97 4.29 43.88
CA SER I 101 19.05 5.37 43.56
C SER I 101 19.09 5.69 42.07
N GLY I 102 17.90 5.83 41.48
CA GLY I 102 17.80 6.31 40.12
C GLY I 102 18.05 5.22 39.08
N ARG I 103 18.11 5.68 37.84
CA ARG I 103 18.20 4.81 36.68
C ARG I 103 19.60 4.72 36.08
N TYR I 104 20.50 5.64 36.41
CA TYR I 104 21.71 5.83 35.60
C TYR I 104 22.97 5.74 36.45
N PHE I 105 23.01 4.79 37.38
CA PHE I 105 24.23 4.26 37.98
C PHE I 105 24.85 5.22 39.01
N ALA I 106 24.03 5.98 39.72
CA ALA I 106 24.56 6.74 40.85
C ALA I 106 25.02 5.78 41.94
N LEU I 107 25.96 6.24 42.76
CA LEU I 107 26.61 5.40 43.75
C LEU I 107 26.17 5.84 45.14
N ASP I 108 25.39 5.00 45.80
CA ASP I 108 24.72 5.41 47.05
C ASP I 108 25.61 5.22 48.27
N ASP I 109 26.00 3.98 48.54
CA ASP I 109 26.75 3.64 49.74
C ASP I 109 28.18 3.28 49.37
N TRP I 110 29.13 3.89 50.06
CA TRP I 110 30.56 3.63 49.84
C TRP I 110 31.15 3.03 51.10
N GLY I 111 32.07 2.09 50.93
CA GLY I 111 32.83 1.59 52.06
C GLY I 111 33.89 2.59 52.49
N GLN I 112 34.71 2.17 53.44
CA GLN I 112 35.80 3.02 53.89
C GLN I 112 37.03 2.93 52.99
N GLY I 113 37.07 1.97 52.08
CA GLY I 113 38.15 1.85 51.13
C GLY I 113 39.30 1.00 51.63
N THR I 114 40.11 0.53 50.68
CA THR I 114 41.32 -0.23 51.00
C THR I 114 42.44 0.26 50.10
N LEU I 115 43.62 0.49 50.69
CA LEU I 115 44.71 1.15 50.00
C LEU I 115 45.59 0.12 49.30
N VAL I 116 45.72 0.25 47.98
CA VAL I 116 46.59 -0.59 47.18
C VAL I 116 47.77 0.27 46.72
N THR I 117 48.98 -0.15 47.08
CA THR I 117 50.19 0.59 46.74
C THR I 117 51.06 -0.26 45.82
N VAL I 118 51.36 0.27 44.65
CA VAL I 118 52.22 -0.40 43.66
C VAL I 118 53.47 0.47 43.49
N SER I 119 54.64 -0.14 43.71
CA SER I 119 55.90 0.60 43.67
C SER I 119 56.52 0.57 42.28
N VAL I 143 37.37 15.16 30.94
CA VAL I 143 36.33 15.52 29.99
C VAL I 143 35.30 16.41 30.69
N LEU I 144 35.14 16.22 31.99
CA LEU I 144 34.32 17.09 32.82
C LEU I 144 35.21 18.09 33.52
N THR I 145 34.80 19.36 33.49
CA THR I 145 35.59 20.45 34.04
C THR I 145 34.87 21.05 35.25
N GLN I 146 35.54 21.03 36.40
CA GLN I 146 35.08 21.65 37.62
C GLN I 146 36.05 22.73 38.07
N PRO I 147 35.56 23.81 38.68
CA PRO I 147 36.46 24.77 39.30
C PRO I 147 37.22 24.14 40.44
N PRO I 148 38.53 24.40 40.56
CA PRO I 148 39.27 23.81 41.67
C PRO I 148 38.76 24.26 43.03
N SER I 149 38.39 25.53 43.17
CA SER I 149 38.06 26.10 44.46
C SER I 149 36.83 27.01 44.33
N VAL I 150 36.06 27.04 45.41
CA VAL I 150 34.91 27.93 45.59
C VAL I 150 34.81 28.27 47.06
N SER I 151 34.72 29.58 47.37
CA SER I 151 34.58 30.03 48.74
C SER I 151 33.23 30.73 48.93
N VAL I 152 32.65 30.55 50.11
CA VAL I 152 31.32 31.07 50.40
C VAL I 152 31.24 31.41 51.88
N ALA I 153 30.57 32.51 52.18
CA ALA I 153 30.33 32.90 53.56
C ALA I 153 29.21 32.06 54.16
N PRO I 154 29.20 31.90 55.48
CA PRO I 154 28.10 31.17 56.12
C PRO I 154 26.76 31.82 55.83
N GLY I 155 25.74 30.97 55.65
CA GLY I 155 24.41 31.44 55.34
C GLY I 155 24.18 31.80 53.89
N LYS I 156 25.25 32.05 53.13
CA LYS I 156 25.12 32.40 51.72
C LYS I 156 24.92 31.15 50.88
N THR I 157 24.90 31.32 49.56
CA THR I 157 24.64 30.25 48.61
C THR I 157 25.91 29.94 47.83
N ALA I 158 26.27 28.67 47.77
CA ALA I 158 27.43 28.20 47.01
C ALA I 158 26.94 27.46 45.77
N ARG I 159 27.63 27.68 44.65
CA ARG I 159 27.27 27.07 43.38
C ARG I 159 28.49 26.42 42.76
N ILE I 160 28.44 25.10 42.60
CA ILE I 160 29.53 24.32 42.04
C ILE I 160 29.10 23.88 40.64
N THR I 161 29.89 24.25 39.63
CA THR I 161 29.56 23.94 38.24
C THR I 161 30.32 22.72 37.77
N CYS I 162 29.71 22.01 36.82
CA CYS I 162 30.30 20.84 36.18
C CYS I 162 30.18 21.05 34.67
N GLY I 163 31.29 21.32 34.02
CA GLY I 163 31.31 21.69 32.61
C GLY I 163 31.61 20.49 31.71
N GLY I 164 30.90 20.42 30.59
CA GLY I 164 31.11 19.36 29.62
C GLY I 164 30.29 19.59 28.37
N ASP I 165 30.82 19.23 27.21
CA ASP I 165 30.13 19.44 25.95
C ASP I 165 28.78 18.72 25.96
N ASN I 166 27.69 19.48 26.02
CA ASN I 166 26.33 18.96 26.01
C ASN I 166 26.08 18.01 27.19
N ILE I 167 26.55 18.42 28.37
CA ILE I 167 26.35 17.60 29.56
C ILE I 167 24.87 17.54 29.93
N GLY I 168 24.09 18.55 29.53
CA GLY I 168 22.67 18.56 29.82
C GLY I 168 21.90 17.40 29.22
N SER I 169 22.44 16.79 28.17
CA SER I 169 21.85 15.60 27.57
C SER I 169 22.18 14.32 28.33
N ARG I 170 22.94 14.42 29.42
CA ARG I 170 23.40 13.27 30.20
C ARG I 170 22.91 13.36 31.63
N PRO I 171 22.77 12.22 32.31
CA PRO I 171 22.44 12.25 33.75
C PRO I 171 23.68 12.55 34.59
N VAL I 172 23.51 13.45 35.56
CA VAL I 172 24.61 13.93 36.39
C VAL I 172 24.32 13.59 37.85
N HIS I 173 25.35 13.12 38.55
CA HIS I 173 25.28 12.88 39.99
C HIS I 173 26.34 13.72 40.70
N TRP I 174 26.09 13.99 41.99
CA TRP I 174 26.98 14.81 42.80
C TRP I 174 27.33 14.08 44.09
N TYR I 175 28.57 14.26 44.54
CA TYR I 175 29.09 13.58 45.72
C TYR I 175 29.81 14.57 46.63
N GLN I 176 29.65 14.36 47.94
CA GLN I 176 30.36 15.12 48.96
C GLN I 176 31.39 14.22 49.62
N GLN I 177 32.64 14.70 49.69
CA GLN I 177 33.71 13.96 50.34
C GLN I 177 34.48 14.91 51.25
N LYS I 178 34.38 14.67 52.55
CA LYS I 178 35.16 15.43 53.52
C LYS I 178 36.55 14.82 53.67
N PRO I 179 37.53 15.61 54.12
CA PRO I 179 38.91 15.12 54.21
C PRO I 179 39.04 13.83 55.01
N GLY I 180 39.58 12.79 54.37
CA GLY I 180 39.82 11.53 55.04
C GLY I 180 38.62 10.62 55.17
N GLN I 181 37.51 10.93 54.50
CA GLN I 181 36.29 10.15 54.60
C GLN I 181 35.86 9.64 53.22
N ALA I 182 34.86 8.78 53.22
CA ALA I 182 34.33 8.22 52.00
C ALA I 182 33.29 9.15 51.38
N PRO I 183 33.08 9.05 50.06
CA PRO I 183 32.10 9.94 49.42
C PRO I 183 30.68 9.69 49.90
N ILE I 184 29.84 10.70 49.72
CA ILE I 184 28.43 10.65 50.06
C ILE I 184 27.65 11.14 48.84
N LEU I 185 26.61 10.40 48.45
CA LEU I 185 25.77 10.80 47.33
C LEU I 185 24.75 11.83 47.81
N VAL I 186 24.77 13.03 47.20
CA VAL I 186 23.86 14.09 47.59
C VAL I 186 22.87 14.43 46.49
N VAL I 187 23.21 14.21 45.22
CA VAL I 187 22.29 14.42 44.10
C VAL I 187 22.51 13.29 43.09
N TYR I 188 21.42 12.72 42.60
CA TYR I 188 21.49 11.72 41.55
C TYR I 188 20.47 12.06 40.47
N ASP I 189 20.78 11.66 39.23
CA ASP I 189 19.95 11.91 38.06
C ASP I 189 19.54 13.39 38.01
N ASP I 190 20.56 14.25 37.90
CA ASP I 190 20.42 15.69 37.73
C ASP I 190 19.92 16.41 38.98
N SER I 191 18.74 16.04 39.49
CA SER I 191 18.07 16.89 40.48
C SER I 191 17.43 16.13 41.62
N ASN I 192 17.62 14.82 41.72
CA ASN I 192 16.95 14.03 42.75
C ASN I 192 17.78 13.98 44.02
N ARG I 193 17.10 14.06 45.16
CA ARG I 193 17.73 14.09 46.46
C ARG I 193 17.54 12.75 47.15
N PRO I 194 18.61 12.04 47.50
CA PRO I 194 18.44 10.82 48.29
C PRO I 194 17.93 11.16 49.69
N SER I 195 17.25 10.20 50.29
CA SER I 195 16.77 10.37 51.66
C SER I 195 17.95 10.53 52.61
N GLY I 196 17.82 11.46 53.56
CA GLY I 196 18.89 11.79 54.47
C GLY I 196 19.73 12.99 54.05
N ILE I 197 19.54 13.49 52.85
CA ILE I 197 20.26 14.66 52.36
C ILE I 197 19.37 15.88 52.58
N PRO I 198 19.90 16.97 53.14
CA PRO I 198 19.06 18.15 53.39
C PRO I 198 18.53 18.77 52.12
N GLU I 199 17.38 19.44 52.24
CA GLU I 199 16.79 20.14 51.11
C GLU I 199 17.69 21.27 50.61
N ARG I 200 18.65 21.72 51.42
CA ARG I 200 19.54 22.80 51.00
C ARG I 200 20.36 22.43 49.77
N PHE I 201 20.62 21.14 49.56
CA PHE I 201 21.35 20.68 48.39
C PHE I 201 20.38 20.43 47.25
N SER I 202 20.60 21.08 46.11
CA SER I 202 19.77 20.87 44.93
C SER I 202 20.67 20.87 43.69
N GLY I 203 20.36 19.97 42.77
CA GLY I 203 21.10 19.84 41.53
C GLY I 203 20.28 20.28 40.35
N SER I 204 20.96 20.86 39.35
CA SER I 204 20.34 21.25 38.10
C SER I 204 21.29 20.89 36.96
N ASN I 205 20.73 20.76 35.75
CA ASN I 205 21.56 20.38 34.61
C ASN I 205 20.87 20.80 33.33
N SER I 206 21.53 21.65 32.55
CA SER I 206 21.05 22.03 31.22
C SER I 206 22.22 22.60 30.43
N GLY I 207 22.15 22.45 29.10
CA GLY I 207 23.18 23.04 28.26
C GLY I 207 24.51 22.34 28.44
N ASN I 208 25.55 23.15 28.70
CA ASN I 208 26.90 22.65 28.89
C ASN I 208 27.35 22.69 30.35
N THR I 209 26.43 22.91 31.28
CA THR I 209 26.80 23.14 32.68
C THR I 209 25.77 22.52 33.60
N ALA I 210 26.22 21.57 34.42
CA ALA I 210 25.45 21.12 35.58
C ALA I 210 25.87 21.93 36.79
N THR I 211 24.96 22.06 37.75
CA THR I 211 25.21 22.91 38.91
C THR I 211 24.69 22.26 40.17
N LEU I 212 25.55 22.17 41.18
CA LEU I 212 25.14 21.82 42.54
C LEU I 212 25.03 23.10 43.34
N THR I 213 23.85 23.38 43.87
CA THR I 213 23.57 24.61 44.61
C THR I 213 23.35 24.27 46.08
N ILE I 214 24.23 24.77 46.93
CA ILE I 214 24.11 24.61 48.38
C ILE I 214 23.67 25.96 48.93
N SER I 215 22.42 26.04 49.38
CA SER I 215 21.92 27.25 49.99
C SER I 215 22.06 27.16 51.50
N ARG I 216 22.16 28.33 52.15
CA ARG I 216 22.31 28.43 53.60
C ARG I 216 23.48 27.57 54.08
N VAL I 217 24.66 27.84 53.50
CA VAL I 217 25.83 27.00 53.75
C VAL I 217 26.21 27.05 55.22
N GLU I 218 26.56 25.89 55.77
CA GLU I 218 27.01 25.76 57.14
C GLU I 218 28.49 25.43 57.15
N ALA I 219 29.09 25.56 58.34
CA ALA I 219 30.49 25.18 58.50
C ALA I 219 30.72 23.72 58.12
N GLY I 220 29.77 22.86 58.45
CA GLY I 220 29.89 21.44 58.16
C GLY I 220 29.83 21.09 56.69
N ASP I 221 29.53 22.05 55.82
CA ASP I 221 29.47 21.78 54.38
C ASP I 221 30.82 21.81 53.71
N GLU I 222 31.88 22.19 54.42
CA GLU I 222 33.21 22.30 53.84
C GLU I 222 33.71 20.91 53.45
N ALA I 223 33.86 20.67 52.15
CA ALA I 223 34.28 19.38 51.64
C ALA I 223 34.56 19.50 50.15
N ASP I 224 35.10 18.43 49.57
CA ASP I 224 35.22 18.32 48.13
C ASP I 224 33.91 17.80 47.54
N TYR I 225 33.52 18.36 46.40
CA TYR I 225 32.31 17.95 45.71
C TYR I 225 32.67 17.52 44.30
N TYR I 226 32.26 16.30 43.93
CA TYR I 226 32.57 15.71 42.64
C TYR I 226 31.29 15.51 41.85
N CYS I 227 31.31 15.89 40.57
CA CYS I 227 30.23 15.52 39.68
C CYS I 227 30.60 14.25 38.92
N GLN I 228 29.57 13.52 38.52
CA GLN I 228 29.76 12.31 37.71
C GLN I 228 28.64 12.26 36.68
N VAL I 229 28.97 11.86 35.46
CA VAL I 229 27.96 11.62 34.45
C VAL I 229 28.06 10.17 33.99
N TRP I 230 26.93 9.66 33.52
CA TRP I 230 26.87 8.34 32.90
C TRP I 230 26.70 8.54 31.40
N SER I 231 27.72 8.20 30.64
CA SER I 231 27.69 8.30 29.17
C SER I 231 27.41 6.95 28.51
N SER I 232 28.11 5.91 28.93
CA SER I 232 27.90 4.57 28.39
C SER I 232 28.34 3.56 29.45
N SER I 233 28.25 2.28 29.11
CA SER I 233 28.50 1.22 30.09
C SER I 233 29.92 1.30 30.65
N THR I 234 30.89 1.73 29.84
CA THR I 234 32.27 1.87 30.28
C THR I 234 32.69 3.32 30.49
N ASP I 235 31.74 4.25 30.48
CA ASP I 235 32.04 5.69 30.48
C ASP I 235 31.27 6.36 31.62
N HIS I 236 31.86 6.38 32.81
CA HIS I 236 31.28 7.02 33.99
C HIS I 236 32.24 8.10 34.51
N PRO I 237 32.51 9.14 33.72
CA PRO I 237 33.55 10.10 34.14
C PRO I 237 33.16 10.89 35.38
N PHE I 238 34.18 11.23 36.17
CA PHE I 238 34.08 12.16 37.29
C PHE I 238 34.73 13.48 36.92
N GLY I 239 34.31 14.52 37.62
CA GLY I 239 35.01 15.79 37.55
C GLY I 239 36.24 15.80 38.43
N GLY I 240 37.07 16.82 38.25
CA GLY I 240 38.25 16.96 39.08
C GLY I 240 37.96 17.28 40.53
N GLY I 241 36.73 17.68 40.84
CA GLY I 241 36.35 18.01 42.20
C GLY I 241 36.52 19.49 42.51
N THR I 242 35.61 20.03 43.33
CA THR I 242 35.67 21.41 43.77
C THR I 242 35.82 21.46 45.28
N LYS I 243 36.80 22.21 45.76
CA LYS I 243 37.01 22.43 47.19
C LYS I 243 36.14 23.60 47.62
N VAL I 244 35.15 23.32 48.46
CA VAL I 244 34.25 24.35 48.97
C VAL I 244 34.74 24.74 50.35
N THR I 245 35.22 25.97 50.49
CA THR I 245 35.72 26.50 51.76
C THR I 245 34.73 27.50 52.31
N VAL I 246 34.34 27.32 53.57
CA VAL I 246 33.45 28.25 54.25
C VAL I 246 34.29 29.32 54.93
N LEU I 247 33.99 30.58 54.64
CA LEU I 247 34.79 31.69 55.14
C LEU I 247 34.59 31.87 56.64
N HIS I 248 35.65 32.31 57.32
CA HIS I 248 35.61 32.54 58.75
C HIS I 248 35.25 34.00 59.04
N GLN J 1 -50.66 12.53 -32.85
CA GLN J 1 -50.10 13.59 -33.68
C GLN J 1 -49.37 14.63 -32.85
N VAL J 2 -49.76 14.72 -31.57
CA VAL J 2 -49.24 15.66 -30.58
C VAL J 2 -49.79 17.05 -30.84
N GLN J 3 -50.45 17.63 -29.82
CA GLN J 3 -51.03 18.96 -29.93
C GLN J 3 -50.85 19.69 -28.61
N LEU J 4 -50.44 20.95 -28.68
CA LEU J 4 -50.29 21.82 -27.52
C LEU J 4 -51.03 23.12 -27.79
N VAL J 5 -51.86 23.54 -26.83
CA VAL J 5 -52.68 24.73 -26.98
C VAL J 5 -52.47 25.61 -25.75
N GLU J 6 -51.76 26.72 -25.93
CA GLU J 6 -51.61 27.70 -24.88
C GLU J 6 -52.85 28.58 -24.78
N SER J 7 -53.09 29.12 -23.58
CA SER J 7 -54.24 29.99 -23.36
C SER J 7 -53.99 30.84 -22.13
N GLY J 8 -54.71 31.95 -22.04
CA GLY J 8 -54.66 32.83 -20.89
C GLY J 8 -54.05 34.19 -21.15
N GLY J 9 -53.33 34.36 -22.24
CA GLY J 9 -52.68 35.64 -22.50
C GLY J 9 -53.70 36.73 -22.80
N THR J 10 -53.44 37.91 -22.22
CA THR J 10 -54.32 39.06 -22.38
C THR J 10 -53.54 40.33 -22.04
N LEU J 11 -54.25 41.44 -21.86
CA LEU J 11 -53.66 42.69 -21.43
C LEU J 11 -53.56 42.72 -19.91
N VAL J 12 -52.44 43.22 -19.39
CA VAL J 12 -52.22 43.33 -17.96
C VAL J 12 -51.57 44.68 -17.68
N GLN J 13 -51.95 45.30 -16.57
CA GLN J 13 -51.23 46.47 -16.09
C GLN J 13 -49.91 46.03 -15.46
N PRO J 14 -48.90 46.89 -15.48
CA PRO J 14 -47.62 46.55 -14.84
C PRO J 14 -47.82 46.26 -13.35
N GLY J 15 -47.15 45.22 -12.87
CA GLY J 15 -47.30 44.76 -11.51
C GLY J 15 -48.43 43.78 -11.29
N GLY J 16 -49.25 43.51 -12.31
CA GLY J 16 -50.34 42.57 -12.18
C GLY J 16 -49.88 41.13 -12.32
N SER J 17 -50.84 40.23 -12.22
CA SER J 17 -50.59 38.80 -12.33
C SER J 17 -51.41 38.21 -13.48
N LEU J 18 -50.90 37.09 -14.00
CA LEU J 18 -51.59 36.35 -15.06
C LEU J 18 -51.13 34.91 -15.01
N ARG J 19 -52.04 34.00 -15.37
CA ARG J 19 -51.78 32.56 -15.29
C ARG J 19 -52.03 31.95 -16.66
N LEU J 20 -50.99 31.33 -17.21
CA LEU J 20 -51.07 30.69 -18.52
C LEU J 20 -51.27 29.19 -18.37
N SER J 21 -51.93 28.59 -19.36
CA SER J 21 -52.20 27.17 -19.37
C SER J 21 -51.79 26.59 -20.72
N CYS J 22 -51.41 25.31 -20.70
CA CYS J 22 -51.01 24.58 -21.90
C CYS J 22 -51.67 23.22 -21.85
N ALA J 23 -52.52 22.93 -22.84
CA ALA J 23 -53.23 21.66 -22.93
C ALA J 23 -52.43 20.71 -23.83
N ALA J 24 -51.98 19.60 -23.25
CA ALA J 24 -51.15 18.62 -23.95
C ALA J 24 -51.98 17.40 -24.33
N SER J 25 -51.69 16.84 -25.51
CA SER J 25 -52.42 15.68 -26.01
C SER J 25 -51.60 15.04 -27.11
N GLY J 26 -51.85 13.75 -27.33
CA GLY J 26 -51.19 13.02 -28.40
C GLY J 26 -49.88 12.35 -28.03
N PHE J 27 -49.50 12.36 -26.75
CA PHE J 27 -48.26 11.74 -26.31
C PHE J 27 -48.35 11.51 -24.82
N THR J 28 -47.38 10.75 -24.30
CA THR J 28 -47.34 10.44 -22.87
C THR J 28 -46.78 11.64 -22.12
N PHE J 29 -47.68 12.44 -21.55
CA PHE J 29 -47.31 13.74 -21.00
C PHE J 29 -46.28 13.61 -19.88
N ASN J 30 -46.42 12.59 -19.04
CA ASN J 30 -45.59 12.45 -17.85
C ASN J 30 -44.19 11.90 -18.15
N ASN J 31 -43.86 11.63 -19.41
CA ASN J 31 -42.57 11.07 -19.75
C ASN J 31 -41.55 12.11 -20.18
N TYR J 32 -41.92 13.38 -20.22
CA TYR J 32 -41.04 14.41 -20.79
C TYR J 32 -41.05 15.66 -19.95
N TRP J 33 -39.91 16.34 -19.91
CA TRP J 33 -39.86 17.70 -19.41
C TRP J 33 -40.73 18.60 -20.29
N MET J 34 -41.23 19.68 -19.70
CA MET J 34 -41.97 20.70 -20.43
C MET J 34 -41.29 22.05 -20.24
N THR J 35 -41.43 22.92 -21.23
CA THR J 35 -40.71 24.18 -21.28
C THR J 35 -41.63 25.31 -21.73
N TRP J 36 -41.40 26.50 -21.17
CA TRP J 36 -42.02 27.73 -21.66
C TRP J 36 -40.95 28.58 -22.36
N VAL J 37 -41.29 29.11 -23.53
CA VAL J 37 -40.43 30.02 -24.27
C VAL J 37 -41.27 31.22 -24.67
N ARG J 38 -40.65 32.40 -24.67
CA ARG J 38 -41.34 33.63 -25.03
C ARG J 38 -40.62 34.35 -26.16
N GLN J 39 -41.36 35.24 -26.83
CA GLN J 39 -40.84 35.94 -28.00
C GLN J 39 -41.50 37.31 -28.06
N ALA J 40 -40.73 38.36 -27.81
CA ALA J 40 -41.24 39.71 -27.90
C ALA J 40 -41.59 40.05 -29.35
N PRO J 41 -42.55 40.95 -29.58
CA PRO J 41 -42.95 41.28 -30.96
C PRO J 41 -41.79 41.74 -31.82
N GLY J 42 -41.54 41.02 -32.91
CA GLY J 42 -40.47 41.36 -33.83
C GLY J 42 -39.08 40.99 -33.38
N LYS J 43 -38.94 40.25 -32.29
CA LYS J 43 -37.64 39.87 -31.76
C LYS J 43 -37.54 38.34 -31.70
N GLY J 44 -36.49 37.86 -31.05
CA GLY J 44 -36.15 36.45 -31.07
C GLY J 44 -36.76 35.66 -29.93
N LEU J 45 -36.33 34.40 -29.83
CA LEU J 45 -36.82 33.47 -28.83
C LEU J 45 -36.01 33.57 -27.56
N GLU J 46 -36.66 33.30 -26.43
CA GLU J 46 -35.99 33.31 -25.14
C GLU J 46 -36.58 32.23 -24.24
N TRP J 47 -35.72 31.32 -23.79
CA TRP J 47 -36.11 30.30 -22.82
C TRP J 47 -36.51 30.94 -21.50
N VAL J 48 -37.64 30.53 -20.95
CA VAL J 48 -38.20 31.13 -19.74
C VAL J 48 -38.09 30.17 -18.55
N ALA J 49 -38.58 28.94 -18.70
CA ALA J 49 -38.59 27.99 -17.61
C ALA J 49 -38.85 26.60 -18.17
N ASN J 50 -38.40 25.59 -17.42
CA ASN J 50 -38.74 24.20 -17.73
C ASN J 50 -38.99 23.44 -16.43
N ILE J 51 -39.52 22.23 -16.56
CA ILE J 51 -39.97 21.46 -15.41
C ILE J 51 -39.78 19.97 -15.69
N LYS J 52 -39.36 19.23 -14.67
CA LYS J 52 -39.10 17.81 -14.77
C LYS J 52 -40.40 17.02 -14.97
N LYS J 53 -40.26 15.75 -15.37
CA LYS J 53 -41.41 14.89 -15.65
C LYS J 53 -42.44 14.95 -14.54
N ASP J 54 -42.00 14.68 -13.30
CA ASP J 54 -42.89 14.65 -12.15
C ASP J 54 -42.97 16.00 -11.44
N GLY J 55 -42.41 17.06 -12.03
CA GLY J 55 -42.44 18.37 -11.41
C GLY J 55 -41.54 18.56 -10.22
N SER J 56 -40.62 17.63 -9.95
CA SER J 56 -39.75 17.73 -8.78
C SER J 56 -38.57 18.66 -8.98
N GLU J 57 -38.30 19.09 -10.21
CA GLU J 57 -37.27 20.09 -10.50
C GLU J 57 -37.82 21.15 -11.43
N LYS J 58 -37.49 22.41 -11.14
CA LYS J 58 -37.95 23.55 -11.91
C LYS J 58 -36.82 24.55 -12.04
N TYR J 59 -36.66 25.13 -13.22
CA TYR J 59 -35.59 26.08 -13.48
C TYR J 59 -36.14 27.28 -14.23
N TYR J 60 -35.57 28.45 -13.96
CA TYR J 60 -36.08 29.71 -14.50
C TYR J 60 -34.92 30.55 -15.00
N VAL J 61 -35.21 31.41 -15.99
CA VAL J 61 -34.25 32.40 -16.42
C VAL J 61 -34.14 33.49 -15.35
N ASP J 62 -32.98 34.15 -15.30
CA ASP J 62 -32.68 35.06 -14.19
C ASP J 62 -33.73 36.16 -14.05
N SER J 63 -34.21 36.71 -15.16
CA SER J 63 -35.08 37.87 -15.12
C SER J 63 -36.48 37.56 -14.61
N VAL J 64 -36.87 36.29 -14.54
CA VAL J 64 -38.19 35.92 -14.05
C VAL J 64 -38.13 35.11 -12.76
N ARG J 65 -36.96 34.66 -12.34
CA ARG J 65 -36.86 33.86 -11.14
C ARG J 65 -37.33 34.66 -9.92
N GLY J 66 -38.23 34.06 -9.14
CA GLY J 66 -38.89 34.71 -8.04
C GLY J 66 -40.25 35.26 -8.38
N ARG J 67 -40.48 35.63 -9.64
CA ARG J 67 -41.75 36.19 -10.09
C ARG J 67 -42.64 35.17 -10.79
N PHE J 68 -42.05 34.26 -11.56
CA PHE J 68 -42.80 33.25 -12.29
C PHE J 68 -42.72 31.91 -11.57
N THR J 69 -43.76 31.09 -11.75
CA THR J 69 -43.80 29.75 -11.16
C THR J 69 -44.37 28.79 -12.19
N ILE J 70 -43.54 27.84 -12.62
CA ILE J 70 -43.95 26.79 -13.55
C ILE J 70 -44.49 25.62 -12.75
N SER J 71 -45.48 24.92 -13.31
CA SER J 71 -46.10 23.80 -12.62
C SER J 71 -46.82 22.93 -13.64
N ARG J 72 -47.10 21.69 -13.25
CA ARG J 72 -47.78 20.75 -14.13
C ARG J 72 -48.73 19.88 -13.33
N ASP J 73 -49.81 19.47 -14.01
CA ASP J 73 -50.78 18.50 -13.49
C ASP J 73 -50.79 17.33 -14.48
N ASN J 74 -50.05 16.28 -14.15
CA ASN J 74 -49.93 15.14 -15.06
C ASN J 74 -51.23 14.36 -15.21
N ALA J 75 -52.15 14.49 -14.25
CA ALA J 75 -53.43 13.81 -14.37
C ALA J 75 -54.34 14.48 -15.40
N LYS J 76 -54.17 15.79 -15.61
CA LYS J 76 -54.95 16.53 -16.58
C LYS J 76 -54.14 16.91 -17.82
N ASN J 77 -52.89 16.44 -17.92
CA ASN J 77 -52.02 16.73 -19.06
C ASN J 77 -51.94 18.23 -19.32
N SER J 78 -51.66 18.98 -18.26
CA SER J 78 -51.67 20.43 -18.31
C SER J 78 -50.37 21.00 -17.77
N LEU J 79 -49.89 22.05 -18.43
CA LEU J 79 -48.74 22.83 -17.99
C LEU J 79 -49.21 24.25 -17.67
N PHE J 80 -48.57 24.87 -16.69
CA PHE J 80 -49.01 26.18 -16.21
C PHE J 80 -47.81 27.10 -16.01
N LEU J 81 -48.08 28.40 -16.12
CA LEU J 81 -47.08 29.44 -15.84
C LEU J 81 -47.77 30.57 -15.10
N GLN J 82 -47.49 30.68 -13.80
CA GLN J 82 -48.03 31.77 -12.99
C GLN J 82 -47.06 32.94 -13.05
N MET J 83 -47.52 34.07 -13.59
CA MET J 83 -46.70 35.24 -13.82
C MET J 83 -47.14 36.35 -12.87
N ASN J 84 -46.24 36.77 -11.99
CA ASN J 84 -46.51 37.83 -11.02
C ASN J 84 -45.56 38.99 -11.25
N SER J 85 -45.94 40.15 -10.72
CA SER J 85 -45.13 41.37 -10.77
C SER J 85 -44.68 41.67 -12.20
N LEU J 86 -45.63 41.62 -13.12
CA LEU J 86 -45.31 41.71 -14.54
C LEU J 86 -44.74 43.08 -14.89
N ARG J 87 -43.62 43.07 -15.61
CA ARG J 87 -42.97 44.25 -16.15
C ARG J 87 -43.27 44.39 -17.64
N PRO J 88 -43.13 45.59 -18.20
CA PRO J 88 -43.38 45.74 -19.64
C PRO J 88 -42.49 44.87 -20.51
N GLU J 89 -41.26 44.58 -20.08
CA GLU J 89 -40.38 43.71 -20.85
C GLU J 89 -40.83 42.27 -20.85
N ASP J 90 -41.83 41.90 -20.05
CA ASP J 90 -42.42 40.58 -20.11
C ASP J 90 -43.38 40.40 -21.28
N THR J 91 -43.67 41.47 -22.01
CA THR J 91 -44.59 41.40 -23.14
C THR J 91 -44.01 40.52 -24.24
N ALA J 92 -44.69 39.43 -24.56
CA ALA J 92 -44.22 38.47 -25.54
C ALA J 92 -45.31 37.45 -25.83
N VAL J 93 -45.14 36.72 -26.93
CA VAL J 93 -45.90 35.51 -27.18
C VAL J 93 -45.25 34.37 -26.43
N TYR J 94 -46.04 33.64 -25.65
CA TYR J 94 -45.52 32.58 -24.78
C TYR J 94 -45.87 31.22 -25.35
N PHE J 95 -44.85 30.40 -25.59
CA PHE J 95 -45.00 29.05 -26.10
C PHE J 95 -44.77 28.04 -25.00
N CYS J 96 -45.48 26.92 -25.07
CA CYS J 96 -45.12 25.72 -24.31
C CYS J 96 -44.52 24.71 -25.28
N ALA J 97 -43.46 24.05 -24.84
CA ALA J 97 -42.72 23.14 -25.71
C ALA J 97 -42.38 21.86 -24.95
N THR J 98 -42.34 20.76 -25.70
CA THR J 98 -41.95 19.47 -25.14
C THR J 98 -40.45 19.24 -25.30
N VAL J 99 -39.93 18.38 -24.44
CA VAL J 99 -38.50 18.06 -24.42
C VAL J 99 -38.40 16.56 -24.68
N ARG J 100 -38.27 16.19 -25.95
CA ARG J 100 -38.29 14.78 -26.33
C ARG J 100 -36.99 14.30 -26.94
N SER J 101 -36.49 14.96 -27.98
CA SER J 101 -35.36 14.45 -28.74
C SER J 101 -34.03 14.81 -28.05
N GLY J 102 -33.18 13.79 -27.88
CA GLY J 102 -31.84 14.03 -27.40
C GLY J 102 -31.75 14.14 -25.89
N ARG J 103 -30.52 14.39 -25.43
CA ARG J 103 -30.19 14.46 -24.01
C ARG J 103 -30.19 15.86 -23.46
N TYR J 104 -30.09 16.88 -24.31
CA TYR J 104 -29.76 18.21 -23.79
C TYR J 104 -30.81 19.27 -24.12
N PHE J 105 -32.08 18.93 -23.87
CA PHE J 105 -33.17 19.90 -23.71
C PHE J 105 -33.58 20.56 -25.03
N ALA J 106 -33.50 19.84 -26.14
CA ALA J 106 -34.08 20.34 -27.38
C ALA J 106 -35.60 20.38 -27.27
N LEU J 107 -36.20 21.34 -27.96
CA LEU J 107 -37.63 21.61 -27.86
C LEU J 107 -38.31 21.13 -29.12
N ASP J 108 -39.08 20.04 -29.00
CA ASP J 108 -39.62 19.37 -30.17
C ASP J 108 -40.93 19.99 -30.64
N ASP J 109 -41.97 19.88 -29.82
CA ASP J 109 -43.32 20.29 -30.20
C ASP J 109 -43.67 21.61 -29.51
N TRP J 110 -44.13 22.58 -30.29
CA TRP J 110 -44.49 23.89 -29.80
C TRP J 110 -45.97 24.16 -30.08
N GLY J 111 -46.66 24.75 -29.10
CA GLY J 111 -48.01 25.22 -29.32
C GLY J 111 -48.03 26.47 -30.17
N GLN J 112 -49.25 26.93 -30.47
CA GLN J 112 -49.40 28.11 -31.31
C GLN J 112 -49.04 29.40 -30.57
N GLY J 113 -48.97 29.35 -29.25
CA GLY J 113 -48.56 30.50 -28.47
C GLY J 113 -49.73 31.33 -27.96
N THR J 114 -49.45 32.13 -26.94
CA THR J 114 -50.45 33.03 -26.37
C THR J 114 -49.78 34.38 -26.08
N LEU J 115 -50.45 35.46 -26.45
CA LEU J 115 -49.86 36.80 -26.42
C LEU J 115 -50.15 37.47 -25.08
N VAL J 116 -49.09 37.90 -24.40
CA VAL J 116 -49.18 38.60 -23.13
C VAL J 116 -48.68 40.03 -23.35
N THR J 117 -49.52 41.02 -23.05
CA THR J 117 -49.17 42.41 -23.23
C THR J 117 -49.17 43.10 -21.87
N VAL J 118 -48.06 43.72 -21.51
CA VAL J 118 -47.92 44.48 -20.27
C VAL J 118 -47.69 45.94 -20.64
N SER J 119 -48.54 46.82 -20.13
CA SER J 119 -48.51 48.23 -20.52
C SER J 119 -47.40 49.00 -19.81
N SER J 142 -26.58 38.40 -26.34
CA SER J 142 -27.25 37.12 -26.51
C SER J 142 -26.28 35.96 -26.39
N VAL J 143 -25.00 36.29 -26.17
CA VAL J 143 -23.87 35.37 -26.03
C VAL J 143 -23.65 34.54 -27.29
N LEU J 144 -24.72 34.22 -28.02
CA LEU J 144 -24.62 33.51 -29.29
C LEU J 144 -24.86 34.49 -30.42
N THR J 145 -23.92 34.55 -31.37
CA THR J 145 -23.95 35.54 -32.43
C THR J 145 -24.36 34.88 -33.74
N GLN J 146 -25.48 35.34 -34.30
CA GLN J 146 -25.99 34.89 -35.59
C GLN J 146 -26.00 36.03 -36.59
N PRO J 147 -25.72 35.77 -37.86
CA PRO J 147 -25.90 36.80 -38.89
C PRO J 147 -27.36 37.19 -39.01
N PRO J 148 -27.67 38.48 -39.11
CA PRO J 148 -29.08 38.88 -39.20
C PRO J 148 -29.79 38.29 -40.40
N SER J 149 -29.12 38.20 -41.55
CA SER J 149 -29.77 37.73 -42.77
C SER J 149 -28.81 36.91 -43.60
N VAL J 150 -29.38 36.02 -44.42
CA VAL J 150 -28.63 35.22 -45.39
C VAL J 150 -29.50 35.08 -46.64
N SER J 151 -28.91 35.32 -47.80
CA SER J 151 -29.60 35.13 -49.07
C SER J 151 -28.97 33.98 -49.84
N VAL J 152 -29.80 33.24 -50.58
CA VAL J 152 -29.36 32.04 -51.27
C VAL J 152 -30.20 31.84 -52.53
N ALA J 153 -29.55 31.35 -53.59
CA ALA J 153 -30.22 30.98 -54.82
C ALA J 153 -30.89 29.61 -54.68
N PRO J 154 -31.96 29.36 -55.42
CA PRO J 154 -32.67 28.07 -55.28
C PRO J 154 -31.78 26.85 -55.42
N GLY J 155 -30.95 26.77 -56.46
CA GLY J 155 -30.10 25.60 -56.60
C GLY J 155 -29.05 25.48 -55.50
N LYS J 156 -28.63 26.61 -54.94
CA LYS J 156 -27.40 26.68 -54.14
C LYS J 156 -27.62 26.12 -52.73
N THR J 157 -26.61 26.31 -51.89
CA THR J 157 -26.57 25.80 -50.52
C THR J 157 -26.45 26.97 -49.56
N ALA J 158 -27.29 26.97 -48.53
CA ALA J 158 -27.28 28.01 -47.51
C ALA J 158 -26.54 27.54 -46.27
N ARG J 159 -25.90 28.50 -45.58
CA ARG J 159 -25.15 28.21 -44.36
C ARG J 159 -25.46 29.30 -43.34
N ILE J 160 -25.97 28.89 -42.18
CA ILE J 160 -26.27 29.78 -41.08
C ILE J 160 -25.31 29.44 -39.93
N THR J 161 -24.50 30.42 -39.54
CA THR J 161 -23.52 30.22 -38.48
C THR J 161 -24.08 30.68 -37.14
N CYS J 162 -23.51 30.13 -36.07
CA CYS J 162 -23.91 30.44 -34.70
C CYS J 162 -22.62 30.54 -33.89
N GLY J 163 -22.19 31.76 -33.59
CA GLY J 163 -20.90 32.00 -32.98
C GLY J 163 -21.00 32.15 -31.46
N GLY J 164 -20.07 31.51 -30.76
CA GLY J 164 -19.97 31.60 -29.32
C GLY J 164 -18.64 31.05 -28.86
N ASP J 165 -18.07 31.60 -27.79
CA ASP J 165 -16.77 31.13 -27.32
C ASP J 165 -16.87 29.67 -26.89
N ASN J 166 -16.08 28.81 -27.54
CA ASN J 166 -16.05 27.38 -27.25
C ASN J 166 -17.44 26.77 -27.31
N ILE J 167 -18.22 27.16 -28.32
CA ILE J 167 -19.54 26.58 -28.51
C ILE J 167 -19.45 25.12 -28.92
N GLY J 168 -18.32 24.69 -29.48
CA GLY J 168 -18.16 23.30 -29.86
C GLY J 168 -18.18 22.33 -28.69
N SER J 169 -18.00 22.84 -27.47
CA SER J 169 -18.07 22.01 -26.27
C SER J 169 -19.48 21.91 -25.70
N ARG J 170 -20.46 22.53 -26.33
CA ARG J 170 -21.83 22.55 -25.87
C ARG J 170 -22.75 21.94 -26.93
N PRO J 171 -23.92 21.43 -26.53
CA PRO J 171 -24.89 20.96 -27.51
C PRO J 171 -25.62 22.14 -28.16
N VAL J 172 -25.84 22.02 -29.47
CA VAL J 172 -26.49 23.07 -30.25
C VAL J 172 -27.72 22.47 -30.91
N HIS J 173 -28.84 23.19 -30.82
CA HIS J 173 -30.07 22.85 -31.51
C HIS J 173 -30.44 23.98 -32.46
N TRP J 174 -31.13 23.64 -33.54
CA TRP J 174 -31.54 24.60 -34.55
C TRP J 174 -33.06 24.56 -34.72
N TYR J 175 -33.65 25.73 -34.92
CA TYR J 175 -35.09 25.86 -35.07
C TYR J 175 -35.41 26.72 -36.29
N GLN J 176 -36.41 26.27 -37.06
CA GLN J 176 -36.96 27.02 -38.17
C GLN J 176 -38.27 27.65 -37.75
N GLN J 177 -38.46 28.92 -38.11
CA GLN J 177 -39.69 29.64 -37.77
C GLN J 177 -40.13 30.48 -38.96
N LYS J 178 -41.28 30.17 -39.51
CA LYS J 178 -41.89 30.94 -40.59
C LYS J 178 -42.76 32.04 -40.00
N PRO J 179 -43.08 33.07 -40.79
CA PRO J 179 -43.87 34.19 -40.27
C PRO J 179 -45.22 33.73 -39.72
N GLY J 180 -45.50 34.14 -38.49
CA GLY J 180 -46.78 33.87 -37.86
C GLY J 180 -46.96 32.47 -37.32
N GLN J 181 -45.98 31.59 -37.46
CA GLN J 181 -46.09 30.20 -37.06
C GLN J 181 -45.17 29.91 -35.88
N ALA J 182 -45.38 28.73 -35.28
CA ALA J 182 -44.55 28.26 -34.17
C ALA J 182 -43.25 27.65 -34.71
N PRO J 183 -42.18 27.70 -33.92
CA PRO J 183 -40.91 27.13 -34.38
C PRO J 183 -40.99 25.61 -34.57
N ILE J 184 -40.06 25.11 -35.37
CA ILE J 184 -39.92 23.68 -35.65
C ILE J 184 -38.48 23.28 -35.37
N LEU J 185 -38.30 22.13 -34.71
CA LEU J 185 -36.96 21.62 -34.43
C LEU J 185 -36.43 20.91 -35.66
N VAL J 186 -35.27 21.36 -36.15
CA VAL J 186 -34.67 20.79 -37.35
C VAL J 186 -33.37 20.05 -37.07
N VAL J 187 -32.61 20.43 -36.04
CA VAL J 187 -31.40 19.72 -35.62
C VAL J 187 -31.31 19.79 -34.10
N TYR J 188 -31.01 18.66 -33.46
CA TYR J 188 -30.81 18.60 -32.03
C TYR J 188 -29.49 17.89 -31.72
N ASP J 189 -28.86 18.30 -30.62
CA ASP J 189 -27.58 17.74 -30.17
C ASP J 189 -26.55 17.76 -31.30
N ASP J 190 -26.27 18.97 -31.77
CA ASP J 190 -25.27 19.26 -32.81
C ASP J 190 -25.70 18.83 -34.21
N SER J 191 -25.93 17.54 -34.41
CA SER J 191 -25.98 16.99 -35.76
C SER J 191 -27.13 16.03 -36.01
N ASN J 192 -28.05 15.86 -35.06
CA ASN J 192 -29.10 14.86 -35.20
C ASN J 192 -30.34 15.45 -35.84
N ARG J 193 -30.97 14.65 -36.70
CA ARG J 193 -32.13 15.07 -37.48
C ARG J 193 -33.38 14.42 -36.91
N PRO J 194 -34.36 15.17 -36.44
CA PRO J 194 -35.62 14.55 -35.99
C PRO J 194 -36.37 13.96 -37.17
N SER J 195 -37.28 13.05 -36.85
CA SER J 195 -38.09 12.42 -37.89
C SER J 195 -38.98 13.47 -38.56
N GLY J 196 -39.06 13.40 -39.89
CA GLY J 196 -39.84 14.35 -40.67
C GLY J 196 -39.04 15.48 -41.26
N ILE J 197 -37.78 15.65 -40.86
CA ILE J 197 -36.93 16.73 -41.38
C ILE J 197 -36.14 16.18 -42.57
N PRO J 198 -36.11 16.90 -43.69
CA PRO J 198 -35.38 16.38 -44.86
C PRO J 198 -33.88 16.29 -44.61
N GLU J 199 -33.23 15.42 -45.40
CA GLU J 199 -31.79 15.24 -45.30
C GLU J 199 -31.02 16.49 -45.69
N ARG J 200 -31.65 17.42 -46.41
CA ARG J 200 -30.96 18.64 -46.84
C ARG J 200 -30.52 19.48 -45.66
N PHE J 201 -31.20 19.36 -44.52
CA PHE J 201 -30.83 20.07 -43.31
C PHE J 201 -29.78 19.27 -42.55
N SER J 202 -28.63 19.90 -42.29
CA SER J 202 -27.50 19.25 -41.66
C SER J 202 -26.88 20.19 -40.65
N GLY J 203 -26.58 19.68 -39.46
CA GLY J 203 -25.99 20.47 -38.40
C GLY J 203 -24.56 20.03 -38.15
N SER J 204 -23.71 21.00 -37.78
CA SER J 204 -22.34 20.72 -37.40
C SER J 204 -21.92 21.72 -36.33
N ASN J 205 -20.93 21.33 -35.53
CA ASN J 205 -20.45 22.17 -34.44
C ASN J 205 -19.01 21.83 -34.13
N SER J 206 -18.17 22.86 -34.07
CA SER J 206 -16.75 22.69 -33.80
C SER J 206 -16.14 24.05 -33.52
N GLY J 207 -15.23 24.10 -32.56
CA GLY J 207 -14.51 25.34 -32.30
C GLY J 207 -15.43 26.38 -31.71
N ASN J 208 -15.49 27.55 -32.35
CA ASN J 208 -16.31 28.66 -31.90
C ASN J 208 -17.51 28.91 -32.79
N THR J 209 -17.80 28.00 -33.73
CA THR J 209 -18.85 28.21 -34.72
C THR J 209 -19.62 26.93 -34.94
N ALA J 210 -20.93 27.00 -34.74
CA ALA J 210 -21.86 25.97 -35.15
C ALA J 210 -22.56 26.42 -36.43
N THR J 211 -22.90 25.45 -37.28
CA THR J 211 -23.40 25.77 -38.62
C THR J 211 -24.58 24.87 -38.97
N LEU J 212 -25.66 25.48 -39.45
CA LEU J 212 -26.75 24.78 -40.10
C LEU J 212 -26.59 24.94 -41.60
N THR J 213 -26.51 23.81 -42.31
CA THR J 213 -26.29 23.80 -43.75
C THR J 213 -27.54 23.26 -44.44
N ILE J 214 -28.12 24.08 -45.29
CA ILE J 214 -29.34 23.74 -46.03
C ILE J 214 -28.94 23.57 -47.49
N SER J 215 -28.90 22.32 -47.95
CA SER J 215 -28.58 22.02 -49.34
C SER J 215 -29.86 21.99 -50.18
N ARG J 216 -29.67 22.10 -51.50
CA ARG J 216 -30.77 22.06 -52.46
C ARG J 216 -31.93 22.95 -52.03
N VAL J 217 -31.60 24.21 -51.76
CA VAL J 217 -32.54 25.13 -51.12
C VAL J 217 -33.84 25.22 -51.90
N GLU J 218 -34.95 25.16 -51.19
CA GLU J 218 -36.27 25.33 -51.78
C GLU J 218 -36.87 26.65 -51.30
N ALA J 219 -37.89 27.12 -52.04
CA ALA J 219 -38.57 28.34 -51.65
C ALA J 219 -39.21 28.20 -50.28
N GLY J 220 -39.76 27.02 -49.98
CA GLY J 220 -40.37 26.75 -48.69
C GLY J 220 -39.41 26.82 -47.52
N ASP J 221 -38.10 26.86 -47.78
CA ASP J 221 -37.11 26.99 -46.71
C ASP J 221 -36.98 28.42 -46.21
N GLU J 222 -37.68 29.38 -46.82
CA GLU J 222 -37.57 30.78 -46.43
C GLU J 222 -38.22 31.00 -45.08
N ALA J 223 -37.41 31.32 -44.07
CA ALA J 223 -37.89 31.49 -42.70
C ALA J 223 -36.75 32.07 -41.86
N ASP J 224 -37.04 32.28 -40.57
CA ASP J 224 -36.03 32.66 -39.59
C ASP J 224 -35.50 31.39 -38.92
N TYR J 225 -34.17 31.31 -38.78
CA TYR J 225 -33.52 30.15 -38.20
C TYR J 225 -32.78 30.55 -36.93
N TYR J 226 -33.05 29.85 -35.84
CA TYR J 226 -32.46 30.12 -34.54
C TYR J 226 -31.60 28.96 -34.09
N CYS J 227 -30.44 29.26 -33.51
CA CYS J 227 -29.65 28.28 -32.79
C CYS J 227 -29.91 28.41 -31.29
N GLN J 228 -29.83 27.28 -30.59
CA GLN J 228 -29.95 27.26 -29.15
C GLN J 228 -28.88 26.36 -28.56
N VAL J 229 -28.33 26.78 -27.41
CA VAL J 229 -27.28 26.06 -26.72
C VAL J 229 -27.75 25.74 -25.31
N TRP J 230 -27.38 24.57 -24.81
CA TRP J 230 -27.60 24.21 -23.42
C TRP J 230 -26.25 24.25 -22.70
N SER J 231 -26.08 25.24 -21.82
CA SER J 231 -24.86 25.39 -21.03
C SER J 231 -25.03 24.95 -19.59
N SER J 232 -26.19 25.19 -18.99
CA SER J 232 -26.49 24.75 -17.64
C SER J 232 -28.01 24.73 -17.46
N SER J 233 -28.45 24.39 -16.25
CA SER J 233 -29.88 24.18 -16.03
C SER J 233 -30.69 25.44 -16.23
N THR J 234 -30.10 26.62 -15.99
CA THR J 234 -30.79 27.89 -16.16
C THR J 234 -30.25 28.70 -17.34
N ASP J 235 -29.41 28.10 -18.19
CA ASP J 235 -28.72 28.80 -19.26
C ASP J 235 -29.02 28.08 -20.58
N HIS J 236 -30.13 28.47 -21.22
CA HIS J 236 -30.53 27.94 -22.52
C HIS J 236 -30.60 29.08 -23.53
N PRO J 237 -29.46 29.69 -23.86
CA PRO J 237 -29.50 30.88 -24.74
C PRO J 237 -29.88 30.52 -26.17
N PHE J 238 -30.59 31.46 -26.81
CA PHE J 238 -30.87 31.42 -28.23
C PHE J 238 -30.02 32.46 -28.95
N GLY J 239 -29.73 32.20 -30.22
CA GLY J 239 -29.13 33.21 -31.06
C GLY J 239 -30.15 34.25 -31.47
N GLY J 240 -29.64 35.34 -32.04
CA GLY J 240 -30.52 36.40 -32.50
C GLY J 240 -31.43 35.98 -33.63
N GLY J 241 -31.06 34.95 -34.37
CA GLY J 241 -31.87 34.47 -35.48
C GLY J 241 -31.37 35.01 -36.81
N THR J 242 -31.50 34.19 -37.85
CA THR J 242 -31.07 34.55 -39.20
C THR J 242 -32.25 34.46 -40.14
N LYS J 243 -32.56 35.56 -40.83
CA LYS J 243 -33.65 35.61 -41.79
C LYS J 243 -33.10 35.21 -43.15
N VAL J 244 -33.55 34.07 -43.66
CA VAL J 244 -33.05 33.49 -44.91
C VAL J 244 -34.06 33.76 -46.00
N THR J 245 -33.67 34.56 -46.99
CA THR J 245 -34.51 34.85 -48.15
C THR J 245 -34.00 34.07 -49.35
N VAL J 246 -34.91 33.38 -50.03
CA VAL J 246 -34.59 32.65 -51.25
C VAL J 246 -34.89 33.54 -52.44
N LEU J 247 -33.96 33.60 -53.38
CA LEU J 247 -34.11 34.47 -54.55
C LEU J 247 -35.23 33.97 -55.46
#